data_2IQI
#
_entry.id   2IQI
#
_cell.length_a   155.933
_cell.length_b   103.114
_cell.length_c   121.650
_cell.angle_alpha   90.000
_cell.angle_beta   90.000
_cell.angle_gamma   90.000
#
_symmetry.space_group_name_H-M   'P 21 21 2'
#
loop_
_entity.id
_entity.type
_entity.pdbx_description
1 polymer 'Hypothetical protein XCC0632'
2 water water
#
_entity_poly.entity_id   1
_entity_poly.type   'polypeptide(L)'
_entity_poly.pdbx_seq_one_letter_code
;SLSLGDQKPATIYAPTVRVTPNPAWPQVSWQLLVAKPSAARIIDSPRINVRPTPGELQVYHGAGWAQPATDMLEDSVVRA
FEDSGKIAAVARIGAGIRSDYKLAIDVRRFESDYAGQSLPAATIELNAKLLHSSDQRVVASRTFTVARPSSSTDTAAVAA
AFEQALTQVTTELVGWTLITGQQDSQTLPRAL
;
_entity_poly.pdbx_strand_id   A,B,C,D,E,F,G,H
#
# COMPACT_ATOMS: atom_id res chain seq x y z
N ALA A 10 2.39 -16.37 10.69
CA ALA A 10 2.29 -17.15 11.99
C ALA A 10 0.83 -17.45 12.31
N THR A 11 0.48 -18.73 12.47
CA THR A 11 -0.83 -19.05 12.99
C THR A 11 -0.89 -18.70 14.50
N ILE A 12 -1.98 -18.07 14.90
CA ILE A 12 -2.17 -17.76 16.30
C ILE A 12 -3.24 -18.72 16.92
N TYR A 13 -2.81 -19.54 17.89
CA TYR A 13 -3.74 -20.37 18.68
C TYR A 13 -4.33 -19.68 19.89
N ALA A 14 -5.62 -19.91 20.12
CA ALA A 14 -6.30 -19.39 21.30
C ALA A 14 -7.25 -20.42 21.82
N PRO A 15 -6.80 -21.17 22.83
CA PRO A 15 -7.68 -22.11 23.49
C PRO A 15 -8.77 -21.42 24.27
N THR A 16 -9.85 -22.18 24.46
CA THR A 16 -11.04 -21.75 25.14
C THR A 16 -11.18 -22.70 26.29
N VAL A 17 -11.11 -22.14 27.49
CA VAL A 17 -11.12 -22.90 28.71
C VAL A 17 -12.33 -22.47 29.49
N ARG A 18 -13.34 -23.33 29.49
CA ARG A 18 -14.51 -23.24 30.38
C ARG A 18 -14.41 -24.33 31.46
N VAL A 19 -14.36 -23.92 32.73
CA VAL A 19 -14.24 -24.89 33.82
C VAL A 19 -15.58 -25.16 34.49
N THR A 20 -15.98 -26.43 34.46
CA THR A 20 -17.24 -26.86 35.01
C THR A 20 -17.14 -26.89 36.53
N PRO A 21 -18.04 -26.12 37.18
CA PRO A 21 -18.16 -26.08 38.65
C PRO A 21 -18.44 -27.48 39.15
N ASN A 22 -17.79 -27.83 40.26
CA ASN A 22 -17.93 -29.11 40.92
C ASN A 22 -18.85 -29.02 42.15
N PRO A 23 -19.91 -29.86 42.19
CA PRO A 23 -20.88 -29.78 43.27
C PRO A 23 -20.30 -30.02 44.62
N ALA A 24 -19.10 -30.56 44.71
CA ALA A 24 -18.54 -30.77 46.03
C ALA A 24 -17.56 -29.69 46.48
N TRP A 25 -17.42 -28.63 45.71
CA TRP A 25 -16.57 -27.55 46.14
C TRP A 25 -17.34 -26.74 47.17
N PRO A 26 -16.70 -26.41 48.31
CA PRO A 26 -17.38 -25.55 49.27
C PRO A 26 -17.70 -24.22 48.63
N GLN A 27 -18.90 -23.71 48.97
CA GLN A 27 -19.26 -22.31 48.77
C GLN A 27 -18.65 -21.52 49.89
N VAL A 28 -17.76 -20.58 49.57
CA VAL A 28 -17.01 -19.89 50.61
C VAL A 28 -17.43 -18.42 50.75
N SER A 29 -16.81 -17.70 51.68
CA SER A 29 -17.06 -16.26 51.79
C SER A 29 -15.78 -15.45 52.11
N TRP A 30 -14.61 -16.12 52.15
CA TRP A 30 -13.34 -15.40 52.15
C TRP A 30 -13.06 -14.86 50.71
N GLN A 31 -11.96 -14.13 50.57
CA GLN A 31 -11.73 -13.36 49.37
C GLN A 31 -10.38 -13.72 48.85
N LEU A 32 -10.29 -13.86 47.51
CA LEU A 32 -9.13 -14.42 46.87
C LEU A 32 -8.45 -13.47 45.93
N LEU A 33 -7.15 -13.32 46.15
CA LEU A 33 -6.33 -12.59 45.23
C LEU A 33 -5.52 -13.61 44.42
N VAL A 34 -5.67 -13.60 43.09
CA VAL A 34 -4.88 -14.46 42.24
C VAL A 34 -3.67 -13.66 41.77
N ALA A 35 -2.48 -14.02 42.22
CA ALA A 35 -1.26 -13.37 41.74
C ALA A 35 -0.93 -13.61 40.24
N LYS A 36 0.01 -12.82 39.70
CA LYS A 36 0.59 -13.13 38.41
C LYS A 36 1.42 -14.39 38.59
N PRO A 37 1.19 -15.41 37.74
CA PRO A 37 2.06 -16.59 37.73
C PRO A 37 3.47 -16.18 37.38
N SER A 38 4.44 -16.89 37.94
CA SER A 38 5.82 -16.59 37.66
C SER A 38 6.39 -17.73 36.83
N ALA A 39 7.47 -17.44 36.07
CA ALA A 39 8.02 -18.40 35.11
C ALA A 39 9.27 -17.89 34.40
N ALA A 40 10.11 -18.80 33.94
CA ALA A 40 11.21 -18.43 33.04
C ALA A 40 10.68 -17.77 31.76
N ARG A 41 11.45 -16.82 31.23
CA ARG A 41 11.10 -16.08 30.00
C ARG A 41 10.66 -16.94 28.84
N ILE A 42 11.25 -18.13 28.74
CA ILE A 42 10.94 -19.08 27.71
C ILE A 42 9.46 -19.61 27.77
N ILE A 43 8.91 -19.71 28.98
CA ILE A 43 7.53 -20.13 29.18
C ILE A 43 6.61 -18.93 29.01
N ASP A 44 7.10 -17.81 29.50
CA ASP A 44 6.34 -16.58 29.56
C ASP A 44 6.47 -15.79 28.27
N SER A 45 6.46 -16.50 27.14
CA SER A 45 6.46 -15.87 25.86
C SER A 45 5.15 -16.27 25.17
N PRO A 46 4.76 -15.56 24.08
CA PRO A 46 3.69 -16.16 23.28
C PRO A 46 4.13 -17.36 22.42
N ARG A 47 5.40 -17.76 22.53
CA ARG A 47 5.87 -18.85 21.69
C ARG A 47 5.52 -20.17 22.31
N ILE A 48 5.50 -21.20 21.49
CA ILE A 48 5.04 -22.52 21.93
C ILE A 48 6.22 -23.42 22.04
N ASN A 49 6.52 -23.83 23.26
CA ASN A 49 7.62 -24.74 23.50
C ASN A 49 7.36 -26.18 23.11
N VAL A 50 8.44 -26.80 22.65
CA VAL A 50 8.42 -28.19 22.26
C VAL A 50 9.75 -28.81 22.68
N ARG A 51 9.69 -29.99 23.28
CA ARG A 51 10.87 -30.75 23.68
C ARG A 51 10.95 -31.99 22.78
N PRO A 52 11.61 -31.88 21.60
CA PRO A 52 11.63 -33.04 20.73
C PRO A 52 12.49 -34.18 21.27
N THR A 53 13.50 -33.88 22.08
CA THR A 53 14.23 -34.92 22.83
C THR A 53 14.47 -34.42 24.24
N PRO A 54 14.70 -35.34 25.17
CA PRO A 54 14.55 -35.02 26.58
C PRO A 54 15.37 -33.86 27.16
N GLY A 55 16.62 -33.66 26.75
CA GLY A 55 17.39 -32.55 27.30
C GLY A 55 17.27 -31.18 26.62
N GLU A 56 16.25 -30.98 25.79
CA GLU A 56 16.28 -29.94 24.75
C GLU A 56 14.96 -29.20 24.46
N LEU A 57 15.01 -27.88 24.34
CA LEU A 57 13.82 -27.11 23.98
C LEU A 57 13.94 -26.39 22.63
N GLN A 58 12.89 -26.49 21.81
CA GLN A 58 12.75 -25.71 20.57
C GLN A 58 11.43 -24.93 20.63
N VAL A 59 11.06 -24.21 19.57
CA VAL A 59 9.73 -23.55 19.52
C VAL A 59 9.08 -23.96 18.22
N TYR A 60 7.77 -24.15 18.17
CA TYR A 60 7.19 -24.47 16.87
C TYR A 60 7.39 -23.24 15.98
N HIS A 61 7.84 -23.43 14.75
CA HIS A 61 7.93 -22.27 13.87
C HIS A 61 6.59 -21.96 13.19
N GLY A 62 6.26 -20.68 13.09
CA GLY A 62 5.01 -20.28 12.45
C GLY A 62 3.74 -20.61 13.22
N ALA A 63 3.91 -20.81 14.53
CA ALA A 63 2.80 -20.96 15.46
C ALA A 63 3.09 -20.15 16.72
N GLY A 64 2.06 -19.56 17.32
CA GLY A 64 2.22 -18.90 18.62
C GLY A 64 0.89 -18.85 19.36
N TRP A 65 0.96 -18.40 20.61
CA TRP A 65 -0.21 -18.21 21.48
C TRP A 65 -0.76 -16.74 21.45
N ALA A 66 -2.08 -16.56 21.45
CA ALA A 66 -2.71 -15.23 21.59
C ALA A 66 -2.21 -14.39 22.79
N GLN A 67 -1.95 -15.06 23.91
CA GLN A 67 -1.43 -14.42 25.11
C GLN A 67 -0.19 -15.21 25.47
N PRO A 68 0.73 -14.62 26.27
CA PRO A 68 1.76 -15.47 26.88
C PRO A 68 1.14 -16.50 27.79
N ALA A 69 1.88 -17.59 28.03
CA ALA A 69 1.35 -18.79 28.66
C ALA A 69 0.91 -18.57 30.11
N THR A 70 1.70 -17.82 30.85
CA THR A 70 1.31 -17.36 32.18
C THR A 70 0.03 -16.55 32.18
N ASP A 71 -0.21 -15.73 31.17
CA ASP A 71 -1.46 -14.97 31.12
C ASP A 71 -2.68 -15.84 30.77
N MET A 72 -2.48 -16.89 29.92
CA MET A 72 -3.58 -17.83 29.57
C MET A 72 -3.95 -18.51 30.88
N LEU A 73 -2.92 -18.83 31.66
CA LEU A 73 -3.07 -19.46 32.94
C LEU A 73 -3.70 -18.54 34.01
N GLU A 74 -3.19 -17.33 34.11
CA GLU A 74 -3.86 -16.31 34.91
C GLU A 74 -5.34 -16.05 34.50
N ASP A 75 -5.65 -16.01 33.23
CA ASP A 75 -7.05 -15.83 32.87
C ASP A 75 -7.91 -17.08 33.10
N SER A 76 -7.36 -18.28 32.97
CA SER A 76 -8.19 -19.45 33.12
C SER A 76 -8.63 -19.58 34.52
N VAL A 77 -7.66 -19.34 35.40
CA VAL A 77 -7.79 -19.56 36.82
C VAL A 77 -8.87 -18.61 37.38
N VAL A 78 -8.68 -17.32 37.11
CA VAL A 78 -9.58 -16.28 37.57
C VAL A 78 -10.96 -16.45 36.93
N ARG A 79 -11.02 -16.68 35.64
CA ARG A 79 -12.32 -16.96 35.03
C ARG A 79 -12.97 -18.17 35.63
N ALA A 80 -12.22 -19.25 35.91
CA ALA A 80 -12.87 -20.44 36.50
C ALA A 80 -13.38 -20.22 37.95
N PHE A 81 -12.68 -19.40 38.74
CA PHE A 81 -13.23 -18.93 40.03
C PHE A 81 -14.49 -18.12 39.82
N GLU A 82 -14.48 -17.21 38.85
CA GLU A 82 -15.64 -16.36 38.56
C GLU A 82 -16.82 -17.20 38.18
N ASP A 83 -16.63 -18.14 37.27
CA ASP A 83 -17.73 -18.93 36.74
C ASP A 83 -18.18 -20.05 37.66
N SER A 84 -17.57 -20.19 38.85
CA SER A 84 -17.85 -21.39 39.62
C SER A 84 -19.11 -21.26 40.44
N GLY A 85 -19.44 -20.03 40.84
CA GLY A 85 -20.53 -19.81 41.78
C GLY A 85 -20.11 -20.08 43.21
N LYS A 86 -18.86 -20.48 43.44
CA LYS A 86 -18.42 -20.87 44.77
C LYS A 86 -17.77 -19.76 45.59
N ILE A 87 -17.38 -18.68 44.91
CA ILE A 87 -16.62 -17.60 45.54
C ILE A 87 -16.95 -16.24 44.92
N ALA A 88 -17.47 -15.34 45.75
CA ALA A 88 -17.96 -14.08 45.26
C ALA A 88 -16.82 -13.10 45.04
N ALA A 89 -15.69 -13.31 45.68
CA ALA A 89 -14.60 -12.32 45.56
C ALA A 89 -13.26 -12.87 45.09
N VAL A 90 -12.99 -12.72 43.80
CA VAL A 90 -11.71 -13.10 43.23
C VAL A 90 -11.22 -11.92 42.48
N ALA A 91 -9.94 -11.61 42.59
CA ALA A 91 -9.42 -10.45 41.93
C ALA A 91 -7.95 -10.64 41.54
N ARG A 92 -7.46 -9.75 40.67
CA ARG A 92 -6.09 -9.77 40.21
C ARG A 92 -5.39 -8.63 40.93
N ILE A 93 -4.63 -7.82 40.24
CA ILE A 93 -3.93 -6.75 40.93
C ILE A 93 -4.27 -5.36 40.36
N SER A 99 -8.57 -8.47 50.63
CA SER A 99 -8.36 -9.92 50.41
C SER A 99 -7.82 -10.80 51.61
N ASP A 100 -8.49 -11.94 51.86
CA ASP A 100 -8.07 -12.93 52.87
C ASP A 100 -6.93 -13.88 52.44
N TYR A 101 -7.07 -14.52 51.27
CA TYR A 101 -6.02 -15.44 50.76
C TYR A 101 -5.41 -14.96 49.46
N LYS A 102 -4.18 -15.39 49.19
CA LYS A 102 -3.48 -15.10 47.94
C LYS A 102 -3.05 -16.41 47.30
N LEU A 103 -3.47 -16.62 46.04
CA LEU A 103 -3.05 -17.80 45.23
C LEU A 103 -1.88 -17.45 44.34
N ALA A 104 -0.72 -18.02 44.66
CA ALA A 104 0.49 -17.80 43.87
C ALA A 104 0.95 -19.06 43.08
N ILE A 105 1.05 -18.93 41.77
CA ILE A 105 1.42 -20.03 40.90
C ILE A 105 2.80 -19.82 40.29
N ASP A 106 3.67 -20.82 40.40
CA ASP A 106 4.94 -20.80 39.69
C ASP A 106 4.82 -21.89 38.61
N VAL A 107 5.01 -21.49 37.35
CA VAL A 107 4.88 -22.41 36.19
C VAL A 107 6.25 -23.00 35.83
N ARG A 108 6.34 -24.34 35.80
CA ARG A 108 7.63 -25.03 35.65
C ARG A 108 7.84 -25.53 34.23
N ARG A 109 6.78 -26.10 33.65
CA ARG A 109 6.79 -26.58 32.30
C ARG A 109 5.51 -26.18 31.62
N PHE A 110 5.64 -25.64 30.41
CA PHE A 110 4.52 -25.36 29.51
C PHE A 110 4.97 -25.75 28.07
N GLU A 111 4.79 -27.01 27.71
CA GLU A 111 5.50 -27.50 26.54
C GLU A 111 4.82 -28.68 25.86
N SER A 112 5.03 -28.79 24.56
CA SER A 112 4.71 -30.00 23.82
C SER A 112 5.84 -30.99 24.03
N ASP A 113 5.56 -32.09 24.72
CA ASP A 113 6.62 -33.01 25.16
C ASP A 113 6.50 -34.34 24.45
N TYR A 114 7.54 -34.68 23.68
CA TYR A 114 7.51 -35.91 22.89
C TYR A 114 7.72 -37.12 23.76
N ALA A 115 8.47 -36.92 24.84
CA ALA A 115 8.78 -37.96 25.84
C ALA A 115 9.20 -39.34 25.21
N GLY A 116 10.17 -39.30 24.30
CA GLY A 116 10.48 -40.49 23.46
C GLY A 116 9.28 -41.27 22.90
N GLN A 117 8.27 -40.55 22.42
CA GLN A 117 7.11 -41.18 21.82
C GLN A 117 7.03 -40.62 20.44
N SER A 118 6.08 -41.12 19.69
CA SER A 118 5.94 -40.74 18.30
C SER A 118 5.15 -39.45 18.24
N LEU A 119 4.13 -39.35 19.11
CA LEU A 119 3.30 -38.13 19.28
C LEU A 119 3.47 -37.47 20.66
N PRO A 120 3.55 -36.13 20.71
CA PRO A 120 3.91 -35.45 21.93
C PRO A 120 2.70 -35.21 22.83
N ALA A 121 2.97 -34.89 24.09
CA ALA A 121 1.91 -34.59 25.06
C ALA A 121 2.01 -33.11 25.46
N ALA A 122 0.88 -32.41 25.40
CA ALA A 122 0.84 -31.04 25.94
C ALA A 122 0.94 -31.14 27.45
N THR A 123 1.94 -30.50 28.01
CA THR A 123 2.36 -30.72 29.36
C THR A 123 2.44 -29.42 30.13
N ILE A 124 1.72 -29.36 31.25
CA ILE A 124 1.80 -28.25 32.13
C ILE A 124 2.20 -28.79 33.46
N GLU A 125 3.29 -28.27 34.00
CA GLU A 125 3.66 -28.53 35.38
C GLU A 125 3.82 -27.21 36.11
N LEU A 126 3.16 -27.09 37.26
CA LEU A 126 3.16 -25.86 38.06
C LEU A 126 3.00 -26.09 39.59
N ASN A 127 3.41 -25.09 40.40
CA ASN A 127 3.28 -25.17 41.84
C ASN A 127 2.46 -24.00 42.38
N ALA A 128 1.41 -24.30 43.14
CA ALA A 128 0.59 -23.27 43.76
C ALA A 128 0.87 -23.19 45.24
N LYS A 129 1.01 -21.99 45.73
CA LYS A 129 1.00 -21.77 47.15
C LYS A 129 -0.26 -21.00 47.41
N LEU A 130 -0.93 -21.34 48.50
CA LEU A 130 -1.99 -20.52 49.04
C LEU A 130 -1.46 -19.89 50.32
N LEU A 131 -1.47 -18.58 50.37
CA LEU A 131 -0.99 -17.80 51.52
C LEU A 131 -2.16 -17.10 52.20
N HIS A 132 -2.04 -16.94 53.51
CA HIS A 132 -3.01 -16.20 54.30
C HIS A 132 -2.45 -14.78 54.33
N SER A 133 -3.14 -13.82 53.71
CA SER A 133 -2.52 -12.49 53.43
C SER A 133 -1.96 -11.78 54.67
N SER A 134 -2.67 -11.90 55.79
CA SER A 134 -2.24 -11.39 57.10
C SER A 134 -0.86 -11.80 57.58
N ASP A 135 -0.63 -13.09 57.84
CA ASP A 135 0.61 -13.46 58.51
C ASP A 135 1.73 -13.68 57.50
N GLN A 136 1.38 -13.54 56.20
CA GLN A 136 2.19 -14.06 55.09
C GLN A 136 2.51 -15.50 55.44
N ARG A 137 1.43 -16.25 55.68
CA ARG A 137 1.51 -17.59 56.26
C ARG A 137 1.17 -18.59 55.19
N VAL A 138 2.11 -19.49 54.91
CA VAL A 138 1.85 -20.53 53.94
C VAL A 138 0.83 -21.51 54.46
N VAL A 139 -0.35 -21.51 53.83
CA VAL A 139 -1.39 -22.44 54.20
C VAL A 139 -1.05 -23.83 53.69
N ALA A 140 -0.68 -23.94 52.43
CA ALA A 140 -0.28 -25.20 51.79
C ALA A 140 0.28 -24.90 50.41
N SER A 141 0.81 -25.96 49.81
CA SER A 141 1.56 -25.86 48.58
C SER A 141 1.32 -27.18 47.92
N ARG A 142 1.28 -27.20 46.59
CA ARG A 142 1.05 -28.40 45.84
C ARG A 142 1.51 -28.29 44.41
N THR A 143 2.20 -29.32 43.94
CA THR A 143 2.61 -29.43 42.55
C THR A 143 1.54 -30.14 41.76
N PHE A 144 1.16 -29.57 40.62
CA PHE A 144 0.17 -30.15 39.72
C PHE A 144 0.88 -30.41 38.40
N THR A 145 0.78 -31.64 37.87
CA THR A 145 1.34 -31.96 36.56
C THR A 145 0.22 -32.55 35.70
N VAL A 146 0.01 -32.01 34.52
CA VAL A 146 -0.94 -32.60 33.63
C VAL A 146 -0.28 -32.81 32.27
N ALA A 147 -0.45 -34.00 31.68
CA ALA A 147 0.01 -34.28 30.31
C ALA A 147 -1.10 -34.90 29.47
N ARG A 148 -1.42 -34.29 28.34
CA ARG A 148 -2.50 -34.85 27.53
C ARG A 148 -2.01 -35.15 26.14
N PRO A 149 -2.12 -36.42 25.70
CA PRO A 149 -1.55 -36.79 24.39
C PRO A 149 -2.29 -36.04 23.31
N SER A 150 -1.52 -35.58 22.34
CA SER A 150 -1.99 -34.93 21.16
C SER A 150 -2.25 -36.01 20.12
N SER A 151 -3.16 -35.77 19.17
CA SER A 151 -3.50 -36.80 18.25
C SER A 151 -2.75 -36.80 16.91
N SER A 152 -2.14 -35.68 16.54
CA SER A 152 -1.08 -35.71 15.53
C SER A 152 0.09 -34.78 15.87
N THR A 153 1.08 -34.64 15.01
CA THR A 153 2.17 -33.72 15.27
C THR A 153 1.92 -32.28 14.78
N ASP A 154 0.83 -32.00 14.04
CA ASP A 154 0.57 -30.63 13.56
C ASP A 154 0.30 -29.73 14.77
N THR A 155 0.75 -28.49 14.71
CA THR A 155 0.54 -27.57 15.79
C THR A 155 -0.94 -27.42 16.19
N ALA A 156 -1.87 -27.44 15.24
CA ALA A 156 -3.32 -27.49 15.60
C ALA A 156 -3.73 -28.65 16.55
N ALA A 157 -3.18 -29.84 16.36
CA ALA A 157 -3.46 -30.94 17.27
C ALA A 157 -2.85 -30.65 18.65
N VAL A 158 -1.67 -30.05 18.64
CA VAL A 158 -0.95 -29.74 19.85
C VAL A 158 -1.69 -28.69 20.70
N ALA A 159 -2.26 -27.69 20.04
CA ALA A 159 -2.98 -26.63 20.69
C ALA A 159 -4.26 -27.19 21.28
N ALA A 160 -4.89 -28.11 20.57
CA ALA A 160 -6.09 -28.76 21.06
C ALA A 160 -5.79 -29.54 22.31
N ALA A 161 -4.63 -30.20 22.34
CA ALA A 161 -4.21 -30.91 23.57
C ALA A 161 -3.94 -29.91 24.73
N PHE A 162 -3.44 -28.73 24.40
CA PHE A 162 -3.13 -27.74 25.39
C PHE A 162 -4.41 -27.19 26.02
N GLU A 163 -5.48 -27.07 25.24
CA GLU A 163 -6.76 -26.70 25.79
C GLU A 163 -7.21 -27.75 26.84
N GLN A 164 -7.04 -29.03 26.51
CA GLN A 164 -7.38 -30.09 27.41
C GLN A 164 -6.52 -30.03 28.72
N ALA A 165 -5.21 -29.78 28.58
CA ALA A 165 -4.31 -29.69 29.75
C ALA A 165 -4.61 -28.45 30.59
N LEU A 166 -4.87 -27.34 29.92
CA LEU A 166 -5.23 -26.13 30.59
C LEU A 166 -6.48 -26.34 31.36
N THR A 167 -7.48 -26.97 30.74
CA THR A 167 -8.79 -27.11 31.37
C THR A 167 -8.63 -28.00 32.61
N GLN A 168 -7.93 -29.13 32.44
CA GLN A 168 -7.71 -30.06 33.56
C GLN A 168 -6.89 -29.47 34.74
N VAL A 169 -5.77 -28.77 34.48
CA VAL A 169 -4.97 -28.20 35.59
C VAL A 169 -5.74 -27.11 36.32
N THR A 170 -6.47 -26.26 35.57
CA THR A 170 -7.23 -25.17 36.16
C THR A 170 -8.31 -25.78 37.06
N THR A 171 -8.92 -26.89 36.62
CA THR A 171 -9.98 -27.54 37.41
C THR A 171 -9.38 -28.06 38.73
N GLU A 172 -8.15 -28.54 38.66
CA GLU A 172 -7.52 -29.07 39.85
C GLU A 172 -7.12 -27.92 40.78
N LEU A 173 -6.80 -26.77 40.19
CA LEU A 173 -6.34 -25.65 41.00
C LEU A 173 -7.47 -25.02 41.78
N VAL A 174 -8.52 -24.71 41.06
CA VAL A 174 -9.67 -24.09 41.61
C VAL A 174 -10.19 -24.89 42.80
N GLY A 175 -10.26 -26.22 42.64
CA GLY A 175 -10.91 -27.07 43.60
C GLY A 175 -10.02 -27.17 44.79
N TRP A 176 -8.72 -27.11 44.58
CA TRP A 176 -7.79 -27.29 45.68
C TRP A 176 -7.70 -26.00 46.45
N THR A 177 -7.91 -24.88 45.77
CA THR A 177 -7.86 -23.57 46.39
C THR A 177 -9.05 -23.35 47.29
N LEU A 178 -10.22 -23.69 46.79
CA LEU A 178 -11.44 -23.59 47.56
C LEU A 178 -11.41 -24.51 48.75
N ILE A 179 -11.01 -25.77 48.57
CA ILE A 179 -11.05 -26.73 49.68
C ILE A 179 -9.98 -26.38 50.71
N THR A 180 -8.74 -26.18 50.25
CA THR A 180 -7.67 -25.85 51.18
C THR A 180 -7.97 -24.52 51.90
N GLY A 181 -8.42 -23.52 51.16
CA GLY A 181 -8.77 -22.26 51.75
C GLY A 181 -9.76 -22.43 52.86
N GLN A 182 -10.83 -23.14 52.56
CA GLN A 182 -11.92 -23.38 53.46
C GLN A 182 -11.53 -24.19 54.71
N GLN A 183 -10.63 -25.15 54.58
CA GLN A 183 -10.23 -25.91 55.75
C GLN A 183 -9.40 -25.04 56.64
N ASP A 184 -8.67 -24.09 56.04
CA ASP A 184 -7.84 -23.19 56.83
C ASP A 184 -8.74 -22.18 57.51
N SER A 185 -9.75 -21.69 56.79
CA SER A 185 -10.58 -20.63 57.30
C SER A 185 -11.31 -21.07 58.55
N GLN A 186 -11.61 -22.35 58.64
CA GLN A 186 -12.39 -22.89 59.75
C GLN A 186 -11.60 -23.12 61.02
N THR A 187 -10.38 -22.59 61.10
CA THR A 187 -9.48 -22.78 62.27
C THR A 187 -8.97 -21.44 62.80
N THR B 11 -8.95 1.54 6.85
CA THR B 11 -10.39 1.75 7.14
C THR B 11 -10.74 1.74 8.63
N ILE B 12 -11.43 2.78 9.12
CA ILE B 12 -11.73 2.93 10.55
C ILE B 12 -13.24 2.84 10.89
N TYR B 13 -13.63 1.81 11.63
CA TYR B 13 -15.00 1.65 12.05
C TYR B 13 -15.23 2.32 13.39
N ALA B 14 -16.32 3.09 13.45
CA ALA B 14 -16.65 3.87 14.62
C ALA B 14 -18.11 3.62 14.90
N PRO B 15 -18.41 2.54 15.63
CA PRO B 15 -19.78 2.23 16.00
C PRO B 15 -20.41 3.34 16.81
N THR B 16 -21.72 3.38 16.84
CA THR B 16 -22.42 4.40 17.57
C THR B 16 -23.50 3.75 18.43
N VAL B 17 -23.29 3.78 19.74
CA VAL B 17 -24.15 3.04 20.65
C VAL B 17 -25.00 4.05 21.40
N ARG B 18 -26.31 3.97 21.22
CA ARG B 18 -27.22 4.80 22.01
C ARG B 18 -28.24 3.87 22.63
N VAL B 19 -28.25 3.81 23.96
CA VAL B 19 -29.19 2.98 24.72
C VAL B 19 -30.44 3.77 25.11
N THR B 20 -31.60 3.30 24.69
CA THR B 20 -32.86 3.91 25.15
C THR B 20 -33.07 3.48 26.58
N PRO B 21 -33.39 4.44 27.46
CA PRO B 21 -33.58 4.02 28.85
C PRO B 21 -34.81 3.11 28.95
N ASN B 22 -34.74 2.11 29.82
CA ASN B 22 -35.90 1.32 30.22
C ASN B 22 -36.69 2.06 31.34
N PRO B 23 -37.99 2.34 31.11
CA PRO B 23 -38.86 2.90 32.19
C PRO B 23 -38.76 2.14 33.53
N ALA B 24 -38.80 0.81 33.49
CA ALA B 24 -38.73 -0.01 34.71
C ALA B 24 -37.44 0.15 35.56
N TRP B 25 -36.38 0.75 35.00
CA TRP B 25 -35.12 0.90 35.74
C TRP B 25 -35.30 1.85 36.92
N PRO B 26 -34.75 1.51 38.07
CA PRO B 26 -34.88 2.42 39.21
C PRO B 26 -34.16 3.74 39.01
N GLN B 27 -34.85 4.84 39.33
CA GLN B 27 -34.21 6.14 39.51
C GLN B 27 -33.41 6.05 40.82
N VAL B 28 -32.10 6.30 40.75
CA VAL B 28 -31.24 6.07 41.91
C VAL B 28 -30.48 7.34 42.30
N SER B 29 -30.07 7.40 43.56
CA SER B 29 -29.45 8.64 44.05
C SER B 29 -27.99 8.47 44.44
N TRP B 30 -27.52 7.21 44.50
CA TRP B 30 -26.09 6.92 44.73
C TRP B 30 -25.18 7.34 43.56
N GLN B 31 -23.88 7.26 43.76
CA GLN B 31 -22.92 7.68 42.77
C GLN B 31 -22.13 6.51 42.25
N LEU B 32 -21.99 6.41 40.92
CA LEU B 32 -21.27 5.30 40.31
C LEU B 32 -19.97 5.67 39.62
N LEU B 33 -18.90 4.97 40.01
CA LEU B 33 -17.64 4.99 39.29
C LEU B 33 -17.62 3.86 38.26
N VAL B 34 -17.41 4.17 36.98
CA VAL B 34 -17.08 3.10 36.01
C VAL B 34 -15.57 2.95 35.80
N ALA B 35 -15.05 1.81 36.24
CA ALA B 35 -13.63 1.47 36.07
C ALA B 35 -13.17 1.19 34.62
N LYS B 36 -11.86 1.34 34.40
CA LYS B 36 -11.30 0.99 33.11
C LYS B 36 -11.39 -0.51 32.94
N PRO B 37 -12.11 -0.95 31.90
CA PRO B 37 -12.29 -2.36 31.75
C PRO B 37 -10.97 -3.00 31.37
N SER B 38 -10.79 -4.27 31.77
CA SER B 38 -9.53 -4.99 31.52
C SER B 38 -9.65 -6.06 30.42
N ALA B 39 -8.53 -6.55 29.91
CA ALA B 39 -8.56 -7.41 28.75
C ALA B 39 -7.15 -7.80 28.31
N ALA B 40 -6.98 -9.00 27.75
CA ALA B 40 -5.70 -9.30 27.07
C ALA B 40 -5.38 -8.21 26.03
N ARG B 41 -4.10 -7.95 25.80
CA ARG B 41 -3.64 -6.95 24.82
C ARG B 41 -4.28 -7.12 23.43
N ILE B 42 -4.69 -8.34 23.13
CA ILE B 42 -5.17 -8.65 21.80
C ILE B 42 -6.57 -8.08 21.55
N ILE B 43 -7.34 -7.92 22.63
CA ILE B 43 -8.67 -7.34 22.58
C ILE B 43 -8.55 -5.83 22.74
N ASP B 44 -7.68 -5.43 23.65
CA ASP B 44 -7.49 -4.05 24.04
C ASP B 44 -6.59 -3.38 23.03
N SER B 45 -7.07 -3.36 21.79
CA SER B 45 -6.32 -2.99 20.65
C SER B 45 -7.35 -2.39 19.66
N PRO B 46 -6.89 -1.53 18.72
CA PRO B 46 -7.75 -1.14 17.62
C PRO B 46 -7.92 -2.22 16.55
N ARG B 47 -7.27 -3.36 16.74
CA ARG B 47 -7.43 -4.45 15.78
C ARG B 47 -8.78 -5.16 15.95
N ILE B 48 -9.29 -5.68 14.85
CA ILE B 48 -10.57 -6.36 14.88
C ILE B 48 -10.30 -7.84 14.82
N ASN B 49 -10.54 -8.50 15.94
CA ASN B 49 -10.29 -9.93 16.09
C ASN B 49 -11.30 -10.73 15.32
N VAL B 50 -10.83 -11.76 14.62
CA VAL B 50 -11.73 -12.73 13.98
C VAL B 50 -11.35 -14.20 14.25
N ARG B 51 -12.35 -15.01 14.51
CA ARG B 51 -12.13 -16.44 14.73
C ARG B 51 -12.62 -17.25 13.52
N PRO B 52 -11.73 -17.50 12.54
CA PRO B 52 -12.12 -18.20 11.31
C PRO B 52 -12.44 -19.70 11.50
N THR B 53 -11.65 -20.40 12.31
CA THR B 53 -12.01 -21.72 12.84
C THR B 53 -11.92 -21.67 14.36
N PRO B 54 -12.60 -22.61 15.08
CA PRO B 54 -12.68 -22.53 16.56
C PRO B 54 -11.38 -22.34 17.33
N GLY B 55 -10.25 -22.92 16.92
CA GLY B 55 -9.05 -22.77 17.75
C GLY B 55 -8.12 -21.58 17.53
N GLU B 56 -8.39 -20.77 16.51
CA GLU B 56 -7.44 -19.77 15.98
C GLU B 56 -7.89 -18.32 16.02
N LEU B 57 -6.97 -17.39 16.20
CA LEU B 57 -7.30 -15.97 16.01
C LEU B 57 -6.52 -15.30 14.90
N GLN B 58 -7.23 -14.51 14.11
CA GLN B 58 -6.59 -13.58 13.18
C GLN B 58 -7.21 -12.21 13.37
N VAL B 59 -6.84 -11.28 12.50
CA VAL B 59 -7.36 -9.93 12.57
C VAL B 59 -7.73 -9.60 11.14
N TYR B 60 -8.88 -8.95 10.90
CA TYR B 60 -9.19 -8.40 9.57
C TYR B 60 -8.10 -7.47 9.18
N HIS B 61 -7.59 -7.62 7.97
CA HIS B 61 -6.54 -6.74 7.52
C HIS B 61 -7.12 -5.43 6.98
N GLY B 62 -6.30 -4.37 7.08
CA GLY B 62 -6.71 -3.08 6.54
C GLY B 62 -8.06 -2.63 7.10
N ALA B 63 -8.28 -2.90 8.38
CA ALA B 63 -9.49 -2.49 9.09
C ALA B 63 -9.18 -2.38 10.56
N GLY B 64 -9.87 -1.46 11.23
CA GLY B 64 -9.60 -1.13 12.61
C GLY B 64 -10.74 -0.33 13.25
N TRP B 65 -10.81 -0.40 14.59
CA TRP B 65 -11.73 0.38 15.42
C TRP B 65 -11.20 1.81 15.58
N ALA B 66 -12.09 2.78 15.82
CA ALA B 66 -11.67 4.16 16.12
C ALA B 66 -10.84 4.27 17.40
N GLN B 67 -11.02 3.29 18.26
CA GLN B 67 -10.77 3.38 19.67
C GLN B 67 -10.64 1.90 20.11
N PRO B 68 -9.61 1.57 20.88
CA PRO B 68 -9.49 0.18 21.36
C PRO B 68 -10.80 -0.35 21.98
N ALA B 69 -11.09 -1.65 21.82
CA ALA B 69 -12.35 -2.26 22.25
C ALA B 69 -12.69 -2.00 23.71
N THR B 70 -11.69 -2.04 24.58
CA THR B 70 -11.92 -1.75 25.99
C THR B 70 -12.39 -0.33 26.19
N ASP B 71 -11.86 0.62 25.41
CA ASP B 71 -12.30 2.03 25.49
C ASP B 71 -13.68 2.22 24.89
N MET B 72 -13.98 1.54 23.79
CA MET B 72 -15.33 1.58 23.20
C MET B 72 -16.34 1.13 24.27
N LEU B 73 -16.00 0.05 24.95
CA LEU B 73 -16.83 -0.50 25.99
C LEU B 73 -16.99 0.46 27.15
N GLU B 74 -15.88 1.08 27.58
CA GLU B 74 -15.94 2.07 28.62
C GLU B 74 -16.88 3.23 28.21
N ASP B 75 -16.65 3.82 27.04
CA ASP B 75 -17.48 4.95 26.57
C ASP B 75 -18.96 4.59 26.35
N SER B 76 -19.24 3.42 25.77
CA SER B 76 -20.61 3.03 25.59
C SER B 76 -21.31 2.94 26.91
N VAL B 77 -20.61 2.47 27.93
CA VAL B 77 -21.23 2.19 29.21
C VAL B 77 -21.50 3.48 30.01
N VAL B 78 -20.44 4.25 30.29
CA VAL B 78 -20.56 5.54 30.97
C VAL B 78 -21.64 6.40 30.32
N ARG B 79 -21.60 6.47 28.98
CA ARG B 79 -22.53 7.32 28.23
C ARG B 79 -23.96 6.88 28.36
N ALA B 80 -24.19 5.56 28.39
CA ALA B 80 -25.54 5.00 28.52
C ALA B 80 -26.14 5.31 29.88
N PHE B 81 -25.32 5.28 30.93
CA PHE B 81 -25.74 5.74 32.25
C PHE B 81 -26.13 7.20 32.15
N GLU B 82 -25.27 7.98 31.48
CA GLU B 82 -25.48 9.43 31.28
C GLU B 82 -26.76 9.73 30.50
N ASP B 83 -26.97 9.09 29.35
CA ASP B 83 -28.22 9.24 28.59
C ASP B 83 -29.50 8.63 29.26
N SER B 84 -29.37 7.88 30.36
CA SER B 84 -30.53 7.15 30.91
C SER B 84 -31.50 8.00 31.69
N GLY B 85 -30.97 8.94 32.47
CA GLY B 85 -31.79 9.78 33.32
C GLY B 85 -32.21 9.03 34.55
N LYS B 86 -31.50 7.96 34.88
CA LYS B 86 -31.71 7.19 36.11
C LYS B 86 -30.57 7.39 37.11
N ILE B 87 -29.53 8.09 36.67
CA ILE B 87 -28.38 8.35 37.53
C ILE B 87 -27.77 9.72 37.20
N ALA B 88 -27.89 10.59 38.19
CA ALA B 88 -27.41 11.94 38.19
C ALA B 88 -25.88 12.03 38.34
N ALA B 89 -25.23 11.02 38.93
CA ALA B 89 -23.76 11.04 39.06
C ALA B 89 -23.03 9.77 38.58
N VAL B 90 -22.33 9.88 37.44
CA VAL B 90 -21.54 8.81 36.84
C VAL B 90 -20.16 9.31 36.44
N ALA B 91 -19.13 8.55 36.80
CA ALA B 91 -17.76 9.04 36.69
C ALA B 91 -16.72 8.03 36.20
N ARG B 92 -15.60 8.57 35.73
CA ARG B 92 -14.37 7.82 35.58
C ARG B 92 -13.37 8.42 36.59
N SER B 99 -18.02 8.82 45.20
CA SER B 99 -18.31 7.47 44.63
C SER B 99 -18.88 6.38 45.58
N ASP B 100 -20.07 5.86 45.31
CA ASP B 100 -20.70 4.86 46.21
C ASP B 100 -20.49 3.40 45.79
N TYR B 101 -20.76 3.09 44.51
CA TYR B 101 -20.39 1.82 43.89
C TYR B 101 -19.42 1.96 42.71
N LYS B 102 -18.61 0.91 42.51
CA LYS B 102 -17.64 0.76 41.40
C LYS B 102 -18.08 -0.39 40.47
N LEU B 103 -18.25 -0.09 39.17
CA LEU B 103 -18.51 -1.15 38.18
C LEU B 103 -17.24 -1.58 37.47
N ALA B 104 -16.76 -2.79 37.74
CA ALA B 104 -15.54 -3.28 37.07
C ALA B 104 -15.78 -4.43 36.07
N ILE B 105 -15.34 -4.22 34.86
CA ILE B 105 -15.60 -5.12 33.74
C ILE B 105 -14.28 -5.71 33.25
N ASP B 106 -14.23 -7.04 33.22
CA ASP B 106 -13.22 -7.76 32.49
C ASP B 106 -13.83 -8.27 31.18
N VAL B 107 -13.17 -7.98 30.06
CA VAL B 107 -13.59 -8.45 28.72
C VAL B 107 -12.89 -9.75 28.34
N ARG B 108 -13.65 -10.82 28.14
CA ARG B 108 -13.08 -12.13 27.90
C ARG B 108 -12.88 -12.38 26.41
N ARG B 109 -13.89 -11.98 25.63
CA ARG B 109 -13.75 -12.01 24.19
C ARG B 109 -14.56 -10.93 23.48
N PHE B 110 -14.01 -10.46 22.35
CA PHE B 110 -14.53 -9.34 21.59
C PHE B 110 -14.15 -9.61 20.12
N GLU B 111 -14.95 -10.39 19.43
CA GLU B 111 -14.50 -10.93 18.14
C GLU B 111 -15.59 -11.20 17.18
N SER B 112 -15.18 -11.33 15.94
CA SER B 112 -16.06 -11.81 14.89
C SER B 112 -15.90 -13.35 14.79
N ASP B 113 -16.92 -14.06 15.23
CA ASP B 113 -16.87 -15.51 15.44
C ASP B 113 -17.66 -16.30 14.37
N TYR B 114 -16.94 -16.99 13.49
CA TYR B 114 -17.60 -17.90 12.57
C TYR B 114 -18.35 -19.01 13.33
N ALA B 115 -17.70 -19.67 14.30
CA ALA B 115 -18.40 -20.69 15.07
C ALA B 115 -19.06 -21.73 14.13
N GLY B 116 -18.30 -22.12 13.08
CA GLY B 116 -18.73 -23.15 12.14
C GLY B 116 -19.50 -22.62 10.93
N GLN B 117 -20.53 -21.79 11.18
CA GLN B 117 -21.31 -21.05 10.16
C GLN B 117 -20.50 -20.45 8.99
N SER B 118 -21.22 -20.05 7.94
CA SER B 118 -20.58 -19.42 6.80
C SER B 118 -20.57 -17.88 6.95
N LEU B 119 -21.37 -17.39 7.91
CA LEU B 119 -21.41 -15.99 8.30
C LEU B 119 -21.07 -15.84 9.80
N PRO B 120 -20.15 -14.93 10.15
CA PRO B 120 -19.73 -14.76 11.53
C PRO B 120 -20.71 -13.96 12.40
N ALA B 121 -20.67 -14.19 13.72
CA ALA B 121 -21.41 -13.34 14.66
C ALA B 121 -20.44 -12.50 15.47
N ALA B 122 -20.75 -11.22 15.59
CA ALA B 122 -19.96 -10.33 16.42
C ALA B 122 -20.21 -10.70 17.87
N THR B 123 -19.12 -11.04 18.55
CA THR B 123 -19.24 -11.64 19.86
C THR B 123 -18.51 -10.89 20.96
N ILE B 124 -19.25 -10.54 22.00
CA ILE B 124 -18.73 -9.89 23.18
C ILE B 124 -19.08 -10.79 24.37
N GLU B 125 -18.07 -11.11 25.19
CA GLU B 125 -18.27 -11.82 26.47
C GLU B 125 -17.47 -11.11 27.58
N LEU B 126 -18.16 -10.74 28.67
CA LEU B 126 -17.50 -9.99 29.72
C LEU B 126 -18.01 -10.32 31.12
N ASN B 127 -17.24 -9.94 32.12
CA ASN B 127 -17.65 -10.24 33.44
C ASN B 127 -17.69 -8.98 34.27
N ALA B 128 -18.84 -8.70 34.87
CA ALA B 128 -18.98 -7.48 35.66
C ALA B 128 -19.02 -7.71 37.17
N LYS B 129 -18.20 -6.95 37.88
CA LYS B 129 -18.33 -6.81 39.33
C LYS B 129 -18.89 -5.46 39.65
N LEU B 130 -19.82 -5.43 40.60
CA LEU B 130 -20.26 -4.18 41.21
C LEU B 130 -19.81 -4.16 42.66
N LEU B 131 -18.81 -3.36 42.97
CA LEU B 131 -18.26 -3.24 44.34
C LEU B 131 -18.94 -2.09 45.05
N HIS B 132 -18.82 -2.06 46.38
CA HIS B 132 -19.21 -0.93 47.21
C HIS B 132 -17.86 -0.26 47.56
N SER B 133 -17.71 1.02 47.24
CA SER B 133 -16.39 1.68 47.24
C SER B 133 -15.62 1.68 48.57
N SER B 134 -16.30 2.09 49.65
CA SER B 134 -15.71 2.16 51.02
C SER B 134 -15.22 0.82 51.59
N ASP B 135 -16.07 -0.20 51.47
CA ASP B 135 -15.77 -1.57 51.91
C ASP B 135 -14.76 -2.28 51.03
N GLN B 136 -14.79 -1.97 49.72
CA GLN B 136 -14.20 -2.82 48.66
C GLN B 136 -14.87 -4.20 48.77
N ARG B 137 -16.22 -4.18 48.80
CA ARG B 137 -17.04 -5.35 49.12
C ARG B 137 -17.83 -5.71 47.89
N VAL B 138 -17.64 -6.93 47.38
CA VAL B 138 -18.33 -7.37 46.16
C VAL B 138 -19.83 -7.57 46.39
N VAL B 139 -20.63 -6.71 45.79
CA VAL B 139 -22.08 -6.81 45.87
C VAL B 139 -22.59 -8.03 45.12
N ALA B 140 -22.14 -8.17 43.86
CA ALA B 140 -22.59 -9.22 42.91
C ALA B 140 -21.70 -9.26 41.69
N SER B 141 -21.95 -10.29 40.88
CA SER B 141 -21.14 -10.67 39.72
C SER B 141 -22.08 -11.27 38.70
N ARG B 142 -21.85 -10.92 37.46
CA ARG B 142 -22.52 -11.58 36.37
C ARG B 142 -21.65 -11.60 35.12
N THR B 143 -21.81 -12.69 34.36
CA THR B 143 -21.21 -12.82 33.06
C THR B 143 -22.29 -12.56 32.00
N PHE B 144 -21.96 -11.67 31.07
CA PHE B 144 -22.82 -11.33 29.96
C PHE B 144 -22.16 -11.83 28.70
N THR B 145 -22.96 -12.45 27.83
CA THR B 145 -22.49 -12.86 26.52
C THR B 145 -23.54 -12.42 25.52
N VAL B 146 -23.10 -11.89 24.39
CA VAL B 146 -24.00 -11.41 23.37
C VAL B 146 -23.34 -11.74 22.04
N ALA B 147 -24.09 -12.39 21.14
CA ALA B 147 -23.59 -12.69 19.79
C ALA B 147 -24.57 -12.22 18.76
N ARG B 148 -24.11 -11.36 17.85
CA ARG B 148 -25.00 -10.81 16.83
C ARG B 148 -24.50 -11.17 15.44
N PRO B 149 -25.29 -11.96 14.69
CA PRO B 149 -24.85 -12.42 13.36
C PRO B 149 -24.65 -11.29 12.38
N SER B 150 -23.54 -11.32 11.66
CA SER B 150 -23.29 -10.36 10.61
C SER B 150 -24.07 -10.78 9.37
N SER B 151 -24.51 -9.80 8.60
CA SER B 151 -25.49 -10.08 7.58
C SER B 151 -24.71 -10.37 6.31
N SER B 152 -23.39 -10.29 6.39
CA SER B 152 -22.53 -10.52 5.25
C SER B 152 -21.12 -10.79 5.79
N THR B 153 -20.18 -11.17 4.95
CA THR B 153 -18.82 -11.50 5.36
C THR B 153 -17.87 -10.26 5.38
N ASP B 154 -18.36 -9.13 4.84
CA ASP B 154 -17.62 -7.86 4.72
C ASP B 154 -17.34 -7.21 6.06
N THR B 155 -16.17 -6.58 6.21
CA THR B 155 -15.89 -5.93 7.49
C THR B 155 -16.92 -4.83 7.85
N ALA B 156 -17.35 -4.03 6.87
CA ALA B 156 -18.48 -3.11 7.11
C ALA B 156 -19.68 -3.79 7.77
N ALA B 157 -20.01 -5.00 7.29
CA ALA B 157 -21.20 -5.73 7.80
C ALA B 157 -21.00 -6.23 9.23
N VAL B 158 -19.76 -6.62 9.54
CA VAL B 158 -19.38 -7.12 10.83
C VAL B 158 -19.39 -5.98 11.83
N ALA B 159 -18.77 -4.86 11.42
CA ALA B 159 -18.71 -3.67 12.28
C ALA B 159 -20.12 -3.27 12.63
N ALA B 160 -21.03 -3.29 11.65
CA ALA B 160 -22.51 -3.15 11.91
C ALA B 160 -23.01 -4.07 13.01
N ALA B 161 -22.59 -5.35 12.96
CA ALA B 161 -23.06 -6.33 13.94
C ALA B 161 -22.48 -6.06 15.36
N PHE B 162 -21.23 -5.60 15.36
CA PHE B 162 -20.58 -5.20 16.60
C PHE B 162 -21.31 -4.06 17.28
N GLU B 163 -21.86 -3.14 16.51
CA GLU B 163 -22.64 -2.06 17.07
C GLU B 163 -23.90 -2.56 17.77
N GLN B 164 -24.68 -3.43 17.11
CA GLN B 164 -25.85 -4.02 17.78
C GLN B 164 -25.46 -4.74 19.07
N ALA B 165 -24.45 -5.59 18.96
CA ALA B 165 -23.95 -6.35 20.11
C ALA B 165 -23.48 -5.49 21.26
N LEU B 166 -22.73 -4.41 20.96
CA LEU B 166 -22.35 -3.43 21.97
C LEU B 166 -23.53 -2.72 22.56
N THR B 167 -24.55 -2.51 21.75
CA THR B 167 -25.75 -1.88 22.29
C THR B 167 -26.43 -2.79 23.29
N GLN B 168 -26.64 -4.05 22.93
CA GLN B 168 -27.28 -5.01 23.83
C GLN B 168 -26.45 -5.22 25.09
N VAL B 169 -25.14 -5.45 24.96
CA VAL B 169 -24.37 -5.76 26.18
C VAL B 169 -24.40 -4.58 27.12
N THR B 170 -24.38 -3.38 26.55
CA THR B 170 -24.37 -2.14 27.32
C THR B 170 -25.72 -1.93 27.96
N THR B 171 -26.78 -2.21 27.23
CA THR B 171 -28.13 -2.16 27.78
C THR B 171 -28.24 -3.10 28.98
N GLU B 172 -27.84 -4.36 28.78
CA GLU B 172 -27.91 -5.38 29.83
C GLU B 172 -27.08 -4.96 31.04
N LEU B 173 -25.95 -4.31 30.83
CA LEU B 173 -25.10 -3.88 31.94
C LEU B 173 -25.65 -2.72 32.75
N VAL B 174 -26.27 -1.76 32.06
CA VAL B 174 -26.86 -0.61 32.73
C VAL B 174 -28.06 -1.04 33.58
N GLY B 175 -29.01 -1.74 32.93
CA GLY B 175 -30.08 -2.45 33.61
C GLY B 175 -29.62 -3.16 34.89
N TRP B 176 -28.56 -3.97 34.80
CA TRP B 176 -28.16 -4.83 35.92
C TRP B 176 -27.52 -3.99 37.00
N THR B 177 -26.64 -3.07 36.62
CA THR B 177 -25.99 -2.19 37.58
C THR B 177 -27.03 -1.40 38.38
N LEU B 178 -28.01 -0.83 37.69
CA LEU B 178 -28.97 0.02 38.33
C LEU B 178 -29.75 -0.79 39.37
N ILE B 179 -30.35 -1.89 38.91
CA ILE B 179 -31.15 -2.79 39.77
C ILE B 179 -30.33 -3.35 40.94
N THR B 180 -29.18 -3.94 40.62
CA THR B 180 -28.33 -4.53 41.65
C THR B 180 -27.89 -3.52 42.70
N GLY B 181 -27.30 -2.41 42.27
CA GLY B 181 -26.84 -1.41 43.23
C GLY B 181 -27.95 -0.86 44.14
N GLN B 182 -29.12 -0.60 43.55
CA GLN B 182 -30.29 -0.16 44.30
C GLN B 182 -30.67 -1.16 45.39
N GLN B 183 -30.82 -2.43 45.00
CA GLN B 183 -31.12 -3.53 45.92
C GLN B 183 -30.15 -3.59 47.09
N ASP B 184 -28.91 -3.18 46.87
CA ASP B 184 -27.92 -3.22 47.95
C ASP B 184 -27.99 -1.98 48.88
N SER B 185 -28.26 -0.79 48.33
CA SER B 185 -28.31 0.42 49.17
C SER B 185 -29.49 0.44 50.18
N GLN B 186 -30.56 -0.26 49.84
CA GLN B 186 -31.65 -0.47 50.81
C GLN B 186 -31.23 -1.47 51.93
N THR B 187 -30.05 -1.27 52.52
CA THR B 187 -29.56 -2.02 53.68
C THR B 187 -28.37 -1.27 54.37
N THR C 11 -1.76 22.64 5.80
CA THR C 11 -2.71 23.73 6.19
C THR C 11 -3.19 23.55 7.64
N ILE C 12 -3.10 24.63 8.42
CA ILE C 12 -3.43 24.61 9.84
C ILE C 12 -4.56 25.62 10.09
N TYR C 13 -5.74 25.12 10.44
CA TYR C 13 -6.91 25.94 10.76
C TYR C 13 -6.90 26.36 12.21
N ALA C 14 -7.31 27.59 12.46
CA ALA C 14 -7.14 28.24 13.74
C ALA C 14 -8.36 29.09 13.98
N PRO C 15 -9.46 28.45 14.35
CA PRO C 15 -10.70 29.18 14.57
C PRO C 15 -10.55 30.23 15.64
N THR C 16 -11.41 31.25 15.57
CA THR C 16 -11.47 32.28 16.58
C THR C 16 -12.83 32.21 17.25
N VAL C 17 -12.83 31.74 18.49
CA VAL C 17 -14.05 31.64 19.27
C VAL C 17 -14.16 32.86 20.19
N ARG C 18 -15.02 33.82 19.82
CA ARG C 18 -15.41 34.97 20.67
C ARG C 18 -16.83 34.81 21.17
N VAL C 19 -16.98 34.65 22.48
CA VAL C 19 -18.33 34.52 23.09
C VAL C 19 -18.85 35.83 23.66
N THR C 20 -20.01 36.22 23.16
CA THR C 20 -20.78 37.37 23.65
C THR C 20 -21.57 37.04 24.92
N PRO C 21 -21.23 37.71 26.04
CA PRO C 21 -22.02 37.56 27.28
C PRO C 21 -23.52 37.83 27.08
N ASN C 22 -24.36 36.95 27.64
CA ASN C 22 -25.75 37.30 27.89
C ASN C 22 -25.77 38.07 29.22
N PRO C 23 -26.30 39.31 29.20
CA PRO C 23 -26.51 40.06 30.45
C PRO C 23 -27.36 39.31 31.50
N ALA C 24 -28.32 38.50 31.04
CA ALA C 24 -29.19 37.69 31.90
C ALA C 24 -28.44 36.69 32.82
N TRP C 25 -27.20 36.34 32.45
CA TRP C 25 -26.39 35.46 33.27
C TRP C 25 -26.06 36.19 34.57
N PRO C 26 -26.00 35.47 35.69
CA PRO C 26 -25.67 36.11 36.95
C PRO C 26 -24.18 36.39 37.05
N GLN C 27 -23.83 37.45 37.77
CA GLN C 27 -22.45 37.72 38.17
C GLN C 27 -22.24 36.93 39.46
N VAL C 28 -21.15 36.19 39.53
CA VAL C 28 -21.02 35.20 40.60
C VAL C 28 -19.81 35.51 41.42
N SER C 29 -19.86 35.01 42.65
CA SER C 29 -18.91 35.32 43.67
C SER C 29 -17.88 34.19 43.77
N TRP C 30 -18.29 33.01 43.29
CA TRP C 30 -17.49 31.81 43.42
C TRP C 30 -16.33 31.66 42.40
N GLN C 31 -15.54 30.63 42.61
CA GLN C 31 -14.32 30.40 41.87
C GLN C 31 -14.43 29.05 41.12
N LEU C 32 -14.23 29.10 39.79
CA LEU C 32 -14.43 27.95 38.89
C LEU C 32 -13.15 27.36 38.37
N LEU C 33 -12.99 26.06 38.55
CA LEU C 33 -11.95 25.33 37.87
C LEU C 33 -12.56 24.69 36.60
N VAL C 34 -11.94 24.94 35.45
CA VAL C 34 -12.29 24.23 34.21
C VAL C 34 -11.26 23.14 34.01
N ALA C 35 -11.68 21.90 34.26
CA ALA C 35 -10.82 20.71 34.10
C ALA C 35 -10.44 20.49 32.64
N LYS C 36 -9.31 19.82 32.41
CA LYS C 36 -9.01 19.27 31.07
C LYS C 36 -10.16 18.41 30.50
N PRO C 37 -10.68 18.78 29.32
CA PRO C 37 -11.66 17.91 28.72
C PRO C 37 -11.05 16.51 28.43
N SER C 38 -11.91 15.51 28.27
CA SER C 38 -11.44 14.17 27.94
C SER C 38 -12.10 13.72 26.64
N ALA C 39 -11.36 12.93 25.87
CA ALA C 39 -11.87 12.31 24.66
C ALA C 39 -10.97 11.19 24.14
N ALA C 40 -11.50 10.36 23.24
CA ALA C 40 -10.71 9.35 22.56
C ALA C 40 -9.49 9.97 21.90
N ARG C 41 -8.44 9.20 21.70
CA ARG C 41 -7.24 9.74 21.08
C ARG C 41 -7.49 10.40 19.72
N ILE C 42 -8.54 9.96 19.04
CA ILE C 42 -8.81 10.36 17.67
C ILE C 42 -9.42 11.78 17.60
N ILE C 43 -9.93 12.27 18.74
CA ILE C 43 -10.51 13.59 18.85
C ILE C 43 -9.45 14.49 19.48
N ASP C 44 -8.75 13.93 20.46
CA ASP C 44 -7.71 14.60 21.22
C ASP C 44 -6.43 14.58 20.40
N SER C 45 -6.53 15.02 19.15
CA SER C 45 -5.37 15.12 18.27
C SER C 45 -5.66 16.31 17.38
N PRO C 46 -4.64 16.79 16.66
CA PRO C 46 -4.89 17.86 15.70
C PRO C 46 -5.55 17.35 14.40
N ARG C 47 -5.87 16.07 14.33
CA ARG C 47 -6.52 15.57 13.11
C ARG C 47 -7.95 16.09 13.03
N ILE C 48 -8.41 16.44 11.82
CA ILE C 48 -9.81 16.84 11.66
C ILE C 48 -10.65 15.67 11.20
N ASN C 49 -11.48 15.21 12.11
CA ASN C 49 -12.21 14.00 11.93
C ASN C 49 -13.32 14.28 10.99
N VAL C 50 -13.54 13.38 10.03
CA VAL C 50 -14.73 13.42 9.18
C VAL C 50 -15.43 12.05 9.12
N ARG C 51 -16.76 12.05 9.12
CA ARG C 51 -17.58 10.85 9.03
C ARG C 51 -18.29 10.77 7.67
N PRO C 52 -17.65 10.17 6.65
CA PRO C 52 -18.31 10.14 5.32
C PRO C 52 -19.46 9.12 5.16
N THR C 53 -19.55 8.09 5.99
CA THR C 53 -20.77 7.26 6.11
C THR C 53 -21.01 6.93 7.57
N PRO C 54 -22.27 6.73 7.99
CA PRO C 54 -22.57 6.62 9.42
C PRO C 54 -21.64 5.74 10.23
N GLY C 55 -21.06 4.69 9.64
CA GLY C 55 -20.26 3.73 10.42
C GLY C 55 -18.76 3.93 10.46
N GLU C 56 -18.22 4.87 9.69
CA GLU C 56 -16.75 5.03 9.54
C GLU C 56 -16.21 6.41 9.90
N LEU C 57 -14.94 6.48 10.25
CA LEU C 57 -14.26 7.75 10.41
C LEU C 57 -12.99 7.82 9.57
N GLN C 58 -12.78 8.94 8.91
CA GLN C 58 -11.51 9.22 8.27
C GLN C 58 -11.09 10.58 8.78
N VAL C 59 -9.95 11.07 8.27
CA VAL C 59 -9.50 12.40 8.59
C VAL C 59 -9.32 13.13 7.27
N TYR C 60 -9.41 14.46 7.27
CA TYR C 60 -9.10 15.24 6.05
C TYR C 60 -7.59 15.23 5.86
N HIS C 61 -7.15 15.13 4.60
CA HIS C 61 -5.70 15.08 4.33
C HIS C 61 -5.11 16.47 4.14
N GLY C 62 -3.84 16.61 4.53
CA GLY C 62 -3.18 17.94 4.49
C GLY C 62 -3.96 19.08 5.17
N ALA C 63 -4.44 18.81 6.39
CA ALA C 63 -5.31 19.71 7.10
C ALA C 63 -5.33 19.30 8.59
N GLY C 64 -5.12 20.30 9.44
CA GLY C 64 -5.06 20.09 10.88
C GLY C 64 -5.57 21.28 11.66
N TRP C 65 -5.88 21.05 12.94
CA TRP C 65 -6.14 22.11 13.86
C TRP C 65 -4.82 22.71 14.35
N ALA C 66 -4.87 23.93 14.87
CA ALA C 66 -3.67 24.60 15.40
C ALA C 66 -3.21 23.99 16.71
N GLN C 67 -4.16 23.36 17.39
CA GLN C 67 -3.95 22.65 18.67
C GLN C 67 -5.02 21.55 18.73
N PRO C 68 -4.79 20.48 19.51
CA PRO C 68 -5.78 19.37 19.59
C PRO C 68 -7.21 19.84 19.93
N ALA C 69 -8.24 19.09 19.54
CA ALA C 69 -9.62 19.59 19.67
C ALA C 69 -10.07 19.82 21.09
N THR C 70 -9.71 18.88 21.97
CA THR C 70 -9.91 19.04 23.39
C THR C 70 -9.32 20.34 23.88
N ASP C 71 -8.06 20.62 23.52
CA ASP C 71 -7.40 21.88 23.84
C ASP C 71 -8.09 23.10 23.29
N MET C 72 -8.65 23.00 22.08
CA MET C 72 -9.42 24.09 21.46
C MET C 72 -10.59 24.36 22.38
N LEU C 73 -11.24 23.28 22.82
CA LEU C 73 -12.45 23.40 23.61
C LEU C 73 -12.16 24.00 24.97
N GLU C 74 -11.08 23.56 25.60
CA GLU C 74 -10.70 24.06 26.89
C GLU C 74 -10.46 25.58 26.81
N ASP C 75 -9.62 26.01 25.86
CA ASP C 75 -9.33 27.44 25.63
C ASP C 75 -10.60 28.28 25.40
N SER C 76 -11.49 27.83 24.53
CA SER C 76 -12.74 28.54 24.22
C SER C 76 -13.57 28.75 25.46
N VAL C 77 -13.65 27.72 26.28
CA VAL C 77 -14.47 27.73 27.47
C VAL C 77 -13.83 28.63 28.51
N VAL C 78 -12.53 28.53 28.69
CA VAL C 78 -11.90 29.32 29.74
C VAL C 78 -11.99 30.79 29.34
N ARG C 79 -11.71 31.05 28.08
CA ARG C 79 -11.68 32.38 27.58
C ARG C 79 -13.06 32.99 27.51
N ALA C 80 -14.11 32.20 27.29
CA ALA C 80 -15.48 32.75 27.38
C ALA C 80 -15.84 33.14 28.83
N PHE C 81 -15.37 32.37 29.81
CA PHE C 81 -15.61 32.77 31.19
C PHE C 81 -14.94 34.10 31.50
N GLU C 82 -13.63 34.13 31.28
CA GLU C 82 -12.81 35.32 31.41
C GLU C 82 -13.40 36.53 30.66
N ASP C 83 -13.94 36.35 29.45
CA ASP C 83 -14.45 37.49 28.69
C ASP C 83 -15.85 37.91 29.16
N SER C 84 -16.53 37.03 29.89
CA SER C 84 -17.97 37.24 30.13
C SER C 84 -18.25 38.42 31.04
N GLY C 85 -17.36 38.62 32.01
CA GLY C 85 -17.52 39.64 33.00
C GLY C 85 -18.42 39.18 34.11
N LYS C 86 -18.85 37.93 34.07
CA LYS C 86 -19.74 37.41 35.09
C LYS C 86 -19.03 36.64 36.22
N ILE C 87 -17.79 36.22 36.00
CA ILE C 87 -17.02 35.42 36.99
C ILE C 87 -15.60 35.91 36.93
N ALA C 88 -15.12 36.52 38.02
CA ALA C 88 -13.79 37.11 37.96
C ALA C 88 -12.69 36.17 38.46
N ALA C 89 -13.07 34.95 38.84
CA ALA C 89 -12.11 33.88 39.17
C ALA C 89 -12.30 32.56 38.36
N VAL C 90 -11.64 32.44 37.21
CA VAL C 90 -11.64 31.19 36.40
C VAL C 90 -10.25 30.63 36.26
N ALA C 91 -10.06 29.32 36.46
CA ALA C 91 -8.69 28.78 36.42
C ALA C 91 -8.52 27.44 35.72
N ARG C 92 -7.27 27.00 35.60
CA ARG C 92 -6.90 25.61 35.24
C ARG C 92 -6.14 24.89 36.41
N SER C 99 -10.68 27.16 44.49
CA SER C 99 -11.77 26.60 43.66
C SER C 99 -13.04 26.01 44.38
N ASP C 100 -14.24 26.50 44.04
CA ASP C 100 -15.51 26.01 44.63
C ASP C 100 -16.22 24.96 43.77
N TYR C 101 -16.21 25.19 42.45
CA TYR C 101 -16.77 24.24 41.47
C TYR C 101 -15.73 23.82 40.46
N LYS C 102 -15.90 22.62 39.93
CA LYS C 102 -15.05 22.10 38.85
C LYS C 102 -15.98 21.76 37.69
N LEU C 103 -15.73 22.34 36.52
CA LEU C 103 -16.48 21.97 35.34
C LEU C 103 -15.68 20.88 34.63
N ALA C 104 -16.29 19.69 34.48
CA ALA C 104 -15.63 18.53 33.84
C ALA C 104 -16.36 18.17 32.55
N ILE C 105 -15.67 18.31 31.41
CA ILE C 105 -16.28 18.05 30.11
C ILE C 105 -15.81 16.75 29.48
N ASP C 106 -16.74 15.97 28.97
CA ASP C 106 -16.39 14.79 28.16
C ASP C 106 -16.91 14.98 26.72
N VAL C 107 -16.00 14.85 25.74
CA VAL C 107 -16.30 15.14 24.35
C VAL C 107 -16.53 13.82 23.61
N ARG C 108 -17.76 13.60 23.15
CA ARG C 108 -18.14 12.34 22.49
C ARG C 108 -17.90 12.35 20.99
N ARG C 109 -18.26 13.45 20.30
CA ARG C 109 -17.68 13.67 18.98
C ARG C 109 -17.30 15.10 18.73
N PHE C 110 -16.37 15.25 17.79
CA PHE C 110 -15.87 16.51 17.34
C PHE C 110 -15.49 16.21 15.88
N GLU C 111 -16.47 16.35 15.00
CA GLU C 111 -16.30 15.85 13.63
C GLU C 111 -17.17 16.55 12.57
N SER C 112 -16.67 16.48 11.35
CA SER C 112 -17.42 16.89 10.19
C SER C 112 -18.30 15.69 9.80
N ASP C 113 -19.62 15.83 9.92
CA ASP C 113 -20.55 14.71 9.74
C ASP C 113 -21.43 14.88 8.48
N TYR C 114 -21.29 13.95 7.52
CA TYR C 114 -22.09 14.02 6.31
C TYR C 114 -23.57 13.72 6.56
N ALA C 115 -23.83 12.83 7.52
CA ALA C 115 -25.18 12.48 7.97
C ALA C 115 -26.17 12.20 6.84
N GLY C 116 -25.74 11.58 5.74
CA GLY C 116 -26.67 11.33 4.64
C GLY C 116 -26.78 12.41 3.56
N GLN C 117 -26.50 13.66 3.98
CA GLN C 117 -26.44 14.85 3.12
C GLN C 117 -25.27 14.89 2.12
N SER C 118 -25.40 15.76 1.14
CA SER C 118 -24.36 16.04 0.21
C SER C 118 -23.26 16.98 0.79
N LEU C 119 -23.59 17.76 1.83
CA LEU C 119 -22.60 18.62 2.56
C LEU C 119 -22.49 18.31 4.06
N PRO C 120 -21.29 18.39 4.64
CA PRO C 120 -21.18 18.00 6.06
C PRO C 120 -21.51 19.12 7.05
N ALA C 121 -21.94 18.70 8.24
CA ALA C 121 -22.18 19.56 9.37
C ALA C 121 -21.07 19.37 10.43
N ALA C 122 -20.41 20.47 10.81
CA ALA C 122 -19.46 20.50 11.92
C ALA C 122 -20.21 20.21 13.23
N THR C 123 -19.84 19.10 13.88
CA THR C 123 -20.69 18.49 14.88
C THR C 123 -19.85 18.23 16.12
N ILE C 124 -20.32 18.75 17.25
CA ILE C 124 -19.65 18.63 18.51
C ILE C 124 -20.65 18.10 19.52
N GLU C 125 -20.35 16.99 20.16
CA GLU C 125 -21.25 16.49 21.18
C GLU C 125 -20.46 16.24 22.43
N LEU C 126 -20.81 16.90 23.52
CA LEU C 126 -20.14 16.66 24.79
C LEU C 126 -21.11 16.54 25.97
N ASN C 127 -20.65 15.89 27.05
CA ASN C 127 -21.39 15.88 28.32
C ASN C 127 -20.59 16.64 29.33
N ALA C 128 -21.21 17.63 29.95
CA ALA C 128 -20.52 18.41 30.99
C ALA C 128 -21.06 17.98 32.32
N LYS C 129 -20.17 18.00 33.31
CA LYS C 129 -20.57 17.88 34.70
C LYS C 129 -20.10 19.05 35.53
N LEU C 130 -20.96 19.55 36.40
CA LEU C 130 -20.53 20.54 37.40
C LEU C 130 -20.35 19.87 38.76
N LEU C 131 -19.12 19.89 39.26
CA LEU C 131 -18.81 19.33 40.59
C LEU C 131 -18.83 20.40 41.67
N HIS C 132 -19.05 20.02 42.92
CA HIS C 132 -18.75 20.91 44.03
C HIS C 132 -17.43 20.38 44.56
N SER C 133 -16.40 21.23 44.67
CA SER C 133 -15.04 20.70 44.89
C SER C 133 -14.81 20.22 46.31
N SER C 134 -15.35 20.98 47.29
CA SER C 134 -15.38 20.62 48.74
C SER C 134 -15.56 19.13 48.96
N ASP C 135 -16.74 18.65 48.58
CA ASP C 135 -17.21 17.30 48.90
C ASP C 135 -17.36 16.37 47.70
N GLN C 136 -16.66 16.69 46.61
CA GLN C 136 -16.66 15.82 45.43
C GLN C 136 -18.08 15.59 44.86
N ARG C 137 -19.01 16.51 45.10
CA ARG C 137 -20.44 16.27 44.82
C ARG C 137 -20.87 16.70 43.42
N VAL C 138 -21.53 15.79 42.70
CA VAL C 138 -22.12 16.15 41.42
C VAL C 138 -23.34 17.04 41.64
N VAL C 139 -23.22 18.23 41.07
CA VAL C 139 -24.25 19.24 41.13
C VAL C 139 -25.21 18.93 39.99
N ALA C 140 -24.67 18.72 38.78
CA ALA C 140 -25.46 18.56 37.54
C ALA C 140 -24.64 18.13 36.30
N SER C 141 -25.37 17.62 35.32
CA SER C 141 -24.76 16.93 34.22
C SER C 141 -25.70 17.09 33.02
N ARG C 142 -25.27 17.81 31.99
CA ARG C 142 -26.07 17.99 30.77
C ARG C 142 -25.23 17.57 29.55
N THR C 143 -25.91 16.94 28.60
CA THR C 143 -25.33 16.59 27.33
C THR C 143 -25.60 17.71 26.33
N PHE C 144 -24.56 18.15 25.62
CA PHE C 144 -24.67 19.23 24.65
C PHE C 144 -24.31 18.72 23.29
N THR C 145 -25.16 19.01 22.30
CA THR C 145 -24.92 18.69 20.90
C THR C 145 -25.25 19.89 20.03
N VAL C 146 -24.38 20.16 19.07
CA VAL C 146 -24.48 21.29 18.20
C VAL C 146 -23.96 20.82 16.84
N ALA C 147 -24.75 21.03 15.76
CA ALA C 147 -24.30 20.70 14.37
C ALA C 147 -24.51 21.91 13.46
N ARG C 148 -23.49 22.32 12.73
CA ARG C 148 -23.69 23.46 11.81
C ARG C 148 -23.18 23.07 10.42
N PRO C 149 -24.03 23.31 9.39
CA PRO C 149 -23.71 22.73 8.10
C PRO C 149 -22.69 23.58 7.37
N SER C 150 -21.77 22.93 6.67
CA SER C 150 -20.76 23.64 5.93
C SER C 150 -21.43 24.10 4.67
N SER C 151 -21.06 25.28 4.22
CA SER C 151 -21.60 25.82 3.00
C SER C 151 -20.91 25.16 1.78
N SER C 152 -19.98 24.24 2.02
CA SER C 152 -19.13 23.71 0.96
C SER C 152 -18.35 22.50 1.47
N THR C 153 -17.67 21.85 0.54
CA THR C 153 -17.04 20.59 0.73
C THR C 153 -15.60 20.79 1.20
N ASP C 154 -15.03 21.94 0.84
CA ASP C 154 -13.66 22.31 1.18
C ASP C 154 -13.45 22.37 2.68
N THR C 155 -12.23 22.08 3.09
CA THR C 155 -11.93 22.13 4.50
C THR C 155 -12.04 23.55 5.09
N ALA C 156 -11.55 24.58 4.41
CA ALA C 156 -11.78 25.98 4.85
C ALA C 156 -13.24 26.20 5.21
N ALA C 157 -14.14 25.88 4.32
CA ALA C 157 -15.55 26.02 4.68
C ALA C 157 -15.96 25.16 5.90
N VAL C 158 -15.37 23.98 6.09
CA VAL C 158 -15.78 23.09 7.18
C VAL C 158 -15.28 23.62 8.53
N ALA C 159 -14.02 24.06 8.50
CA ALA C 159 -13.42 24.77 9.60
C ALA C 159 -14.24 26.04 10.01
N ALA C 160 -14.72 26.83 9.06
CA ALA C 160 -15.54 27.97 9.46
C ALA C 160 -16.81 27.48 10.17
N ALA C 161 -17.29 26.29 9.82
CA ALA C 161 -18.45 25.77 10.54
C ALA C 161 -18.11 25.31 11.97
N PHE C 162 -16.92 24.75 12.19
CA PHE C 162 -16.47 24.38 13.50
C PHE C 162 -16.34 25.58 14.41
N GLU C 163 -15.73 26.64 13.89
CA GLU C 163 -15.71 27.94 14.58
C GLU C 163 -17.09 28.31 15.06
N GLN C 164 -18.07 28.21 14.16
CA GLN C 164 -19.46 28.48 14.54
C GLN C 164 -20.03 27.49 15.56
N ALA C 165 -19.71 26.21 15.42
CA ALA C 165 -20.24 25.21 16.32
C ALA C 165 -19.60 25.34 17.71
N LEU C 166 -18.30 25.65 17.75
CA LEU C 166 -17.59 25.86 18.99
C LEU C 166 -18.18 26.97 19.79
N THR C 167 -18.30 28.12 19.13
CA THR C 167 -18.92 29.28 19.70
C THR C 167 -20.30 28.94 20.33
N GLN C 168 -21.19 28.30 19.57
CA GLN C 168 -22.49 27.92 20.10
C GLN C 168 -22.30 27.00 21.31
N VAL C 169 -21.50 25.94 21.21
CA VAL C 169 -21.48 25.00 22.31
C VAL C 169 -20.92 25.65 23.59
N THR C 170 -19.87 26.48 23.43
CA THR C 170 -19.27 27.23 24.54
C THR C 170 -20.25 28.22 25.20
N THR C 171 -20.96 29.01 24.36
CA THR C 171 -22.00 29.92 24.85
C THR C 171 -22.97 29.15 25.77
N GLU C 172 -23.40 27.98 25.33
CA GLU C 172 -24.30 27.16 26.11
C GLU C 172 -23.71 26.64 27.41
N LEU C 173 -22.45 26.26 27.37
CA LEU C 173 -21.75 25.78 28.56
C LEU C 173 -21.53 26.86 29.61
N VAL C 174 -21.17 28.05 29.16
CA VAL C 174 -20.82 29.10 30.10
C VAL C 174 -22.07 29.45 30.84
N GLY C 175 -23.15 29.72 30.08
CA GLY C 175 -24.46 29.99 30.66
C GLY C 175 -25.00 28.89 31.56
N TRP C 176 -24.66 27.64 31.26
CA TRP C 176 -25.16 26.55 32.04
C TRP C 176 -24.37 26.44 33.31
N THR C 177 -23.08 26.71 33.21
CA THR C 177 -22.23 26.68 34.39
C THR C 177 -22.65 27.81 35.35
N LEU C 178 -22.81 29.03 34.84
CA LEU C 178 -23.16 30.15 35.71
C LEU C 178 -24.50 29.95 36.43
N ILE C 179 -25.58 29.76 35.67
CA ILE C 179 -26.92 29.53 36.23
C ILE C 179 -26.91 28.42 37.25
N THR C 180 -26.50 27.21 36.86
CA THR C 180 -26.59 26.01 37.68
C THR C 180 -25.80 26.20 38.95
N GLY C 181 -24.53 26.58 38.80
CA GLY C 181 -23.64 26.75 39.92
C GLY C 181 -24.10 27.79 40.93
N GLN C 182 -24.75 28.84 40.45
CA GLN C 182 -25.34 29.86 41.31
C GLN C 182 -26.53 29.29 42.09
N GLN C 183 -27.52 28.76 41.37
CA GLN C 183 -28.62 28.03 42.00
C GLN C 183 -28.14 26.98 42.99
N ASP C 184 -26.84 26.76 43.05
CA ASP C 184 -26.29 25.84 44.04
C ASP C 184 -25.49 26.51 45.13
N SER C 185 -24.90 27.67 44.88
CA SER C 185 -24.16 28.30 45.96
C SER C 185 -25.17 28.69 47.04
N GLN C 186 -26.33 29.16 46.60
CA GLN C 186 -27.46 29.57 47.46
C GLN C 186 -28.26 28.45 48.16
N THR C 187 -27.56 27.45 48.71
CA THR C 187 -28.17 26.34 49.44
C THR C 187 -27.12 25.77 50.43
N THR D 11 18.00 32.34 10.47
CA THR D 11 17.82 33.77 10.88
C THR D 11 17.09 33.88 12.21
N ILE D 12 17.80 34.44 13.19
CA ILE D 12 17.29 34.50 14.54
C ILE D 12 17.05 35.95 14.92
N TYR D 13 15.77 36.28 15.12
CA TYR D 13 15.38 37.59 15.67
C TYR D 13 15.36 37.59 17.22
N ALA D 14 15.96 38.62 17.80
CA ALA D 14 16.04 38.77 19.26
C ALA D 14 15.69 40.20 19.62
N PRO D 15 14.38 40.50 19.77
CA PRO D 15 13.97 41.82 20.26
C PRO D 15 14.62 42.15 21.59
N THR D 16 14.74 43.44 21.86
CA THR D 16 15.27 44.00 23.12
C THR D 16 14.15 44.85 23.69
N VAL D 17 13.57 44.40 24.76
CA VAL D 17 12.42 45.07 25.35
C VAL D 17 12.90 45.89 26.55
N ARG D 18 12.69 47.22 26.46
CA ARG D 18 13.10 48.15 27.54
C ARG D 18 11.90 48.98 27.93
N VAL D 19 11.44 48.74 29.14
CA VAL D 19 10.31 49.44 29.71
C VAL D 19 10.79 50.66 30.47
N THR D 20 10.36 51.85 30.05
CA THR D 20 10.51 53.06 30.90
C THR D 20 9.47 53.04 32.02
N PRO D 21 9.95 53.12 33.28
CA PRO D 21 9.08 53.18 34.44
C PRO D 21 8.15 54.37 34.36
N ASN D 22 6.92 54.20 34.84
CA ASN D 22 6.07 55.35 35.00
C ASN D 22 6.22 55.88 36.44
N PRO D 23 6.64 57.16 36.58
CA PRO D 23 6.78 57.74 37.92
C PRO D 23 5.48 57.71 38.73
N ALA D 24 4.35 57.53 38.05
CA ALA D 24 3.10 57.46 38.77
C ALA D 24 2.83 56.06 39.39
N TRP D 25 3.64 55.05 39.08
CA TRP D 25 3.46 53.69 39.62
C TRP D 25 3.89 53.64 41.10
N PRO D 26 3.10 52.99 41.96
CA PRO D 26 3.40 52.97 43.37
C PRO D 26 4.66 52.18 43.58
N GLN D 27 5.60 52.73 44.34
CA GLN D 27 6.68 51.91 44.91
C GLN D 27 6.09 50.96 45.97
N VAL D 28 6.38 49.66 45.87
CA VAL D 28 5.73 48.66 46.71
C VAL D 28 6.69 47.71 47.45
N SER D 29 6.18 47.11 48.53
CA SER D 29 7.04 46.28 49.39
C SER D 29 6.57 44.82 49.49
N TRP D 30 5.40 44.50 48.94
CA TRP D 30 5.06 43.10 48.79
C TRP D 30 6.03 42.40 47.80
N GLN D 31 6.13 41.08 47.88
CA GLN D 31 7.07 40.32 47.05
C GLN D 31 6.27 39.60 45.98
N LEU D 32 6.71 39.72 44.73
CA LEU D 32 5.95 39.16 43.64
C LEU D 32 6.64 37.98 42.97
N LEU D 33 5.85 36.96 42.68
CA LEU D 33 6.25 35.85 41.84
C LEU D 33 5.62 35.96 40.41
N VAL D 34 6.47 35.82 39.38
CA VAL D 34 6.01 35.76 37.99
C VAL D 34 6.06 34.32 37.47
N ALA D 35 4.88 33.74 37.30
CA ALA D 35 4.68 32.35 36.86
C ALA D 35 5.12 32.12 35.40
N LYS D 36 5.43 30.88 35.00
CA LYS D 36 5.66 30.62 33.57
C LYS D 36 4.36 30.90 32.86
N PRO D 37 4.38 31.74 31.80
CA PRO D 37 3.14 31.98 31.06
C PRO D 37 2.69 30.69 30.37
N SER D 38 1.38 30.53 30.16
CA SER D 38 0.79 29.34 29.50
C SER D 38 0.35 29.66 28.08
N ALA D 39 0.54 28.70 27.17
CA ALA D 39 0.12 28.86 25.76
C ALA D 39 -0.02 27.51 25.05
N ALA D 40 -0.68 27.49 23.89
CA ALA D 40 -0.64 26.33 23.02
C ALA D 40 0.78 26.04 22.54
N ARG D 41 1.12 24.76 22.33
CA ARG D 41 2.46 24.41 21.81
C ARG D 41 2.89 25.34 20.66
N ILE D 42 1.93 25.83 19.90
CA ILE D 42 2.27 26.62 18.69
C ILE D 42 2.81 28.02 18.97
N ILE D 43 2.40 28.62 20.09
CA ILE D 43 2.88 29.93 20.49
C ILE D 43 4.16 29.68 21.26
N ASP D 44 4.08 28.73 22.20
CA ASP D 44 5.17 28.31 23.07
C ASP D 44 6.29 27.57 22.32
N SER D 45 6.76 28.16 21.22
CA SER D 45 7.95 27.70 20.51
C SER D 45 8.70 28.90 19.93
N PRO D 46 9.86 28.64 19.30
CA PRO D 46 10.54 29.76 18.68
C PRO D 46 10.10 29.95 17.22
N ARG D 47 8.95 29.41 16.86
CA ARG D 47 8.41 29.69 15.54
C ARG D 47 7.66 31.00 15.50
N ILE D 48 7.87 31.76 14.44
CA ILE D 48 7.15 33.02 14.29
C ILE D 48 5.83 32.75 13.60
N ASN D 49 4.74 32.83 14.36
CA ASN D 49 3.40 32.58 13.87
C ASN D 49 2.89 33.69 12.95
N VAL D 50 2.12 33.29 11.95
CA VAL D 50 1.51 34.24 11.02
C VAL D 50 0.13 33.78 10.56
N ARG D 51 -0.77 34.75 10.43
CA ARG D 51 -2.15 34.54 10.01
C ARG D 51 -2.46 35.36 8.70
N PRO D 52 -2.09 34.79 7.51
CA PRO D 52 -2.30 35.40 6.20
C PRO D 52 -3.77 35.43 5.74
N THR D 53 -4.63 34.57 6.27
CA THR D 53 -6.10 34.78 6.20
C THR D 53 -6.72 34.49 7.56
N PRO D 54 -7.87 35.12 7.86
CA PRO D 54 -8.42 35.03 9.21
C PRO D 54 -8.39 33.64 9.86
N GLY D 55 -8.71 32.58 9.11
CA GLY D 55 -9.03 31.32 9.78
C GLY D 55 -7.86 30.38 9.84
N GLU D 56 -6.67 30.90 9.56
CA GLU D 56 -5.56 30.04 9.23
C GLU D 56 -4.20 30.53 9.78
N LEU D 57 -3.40 29.60 10.34
CA LEU D 57 -2.04 29.87 10.82
C LEU D 57 -0.99 29.18 9.98
N GLN D 58 0.13 29.84 9.83
CA GLN D 58 1.35 29.37 9.19
C GLN D 58 2.52 29.81 10.04
N VAL D 59 3.75 29.63 9.58
CA VAL D 59 4.90 30.14 10.32
C VAL D 59 5.86 30.65 9.26
N TYR D 60 6.61 31.70 9.53
CA TYR D 60 7.56 32.19 8.55
C TYR D 60 8.71 31.21 8.42
N HIS D 61 9.03 30.77 7.19
CA HIS D 61 10.15 29.83 6.97
C HIS D 61 11.46 30.57 7.00
N GLY D 62 12.50 29.90 7.46
CA GLY D 62 13.81 30.55 7.48
C GLY D 62 13.86 31.79 8.38
N ALA D 63 13.14 31.70 9.49
CA ALA D 63 13.04 32.77 10.51
C ALA D 63 12.43 32.17 11.79
N GLY D 64 13.16 32.37 12.89
CA GLY D 64 12.69 32.04 14.23
C GLY D 64 13.10 33.04 15.27
N TRP D 65 12.49 32.94 16.46
CA TRP D 65 12.84 33.70 17.68
C TRP D 65 14.09 33.10 18.37
N ALA D 66 14.79 33.92 19.15
CA ALA D 66 15.93 33.42 19.95
C ALA D 66 15.56 32.46 21.10
N GLN D 67 14.32 32.59 21.59
CA GLN D 67 13.73 31.86 22.72
C GLN D 67 12.30 31.52 22.31
N PRO D 68 11.72 30.49 22.94
CA PRO D 68 10.26 30.43 22.74
C PRO D 68 9.57 31.74 23.15
N ALA D 69 8.46 32.03 22.48
CA ALA D 69 7.77 33.28 22.70
C ALA D 69 7.22 33.44 24.13
N THR D 70 6.68 32.38 24.71
CA THR D 70 6.26 32.41 26.10
C THR D 70 7.42 32.84 26.97
N ASP D 71 8.62 32.29 26.72
CA ASP D 71 9.83 32.73 27.44
C ASP D 71 10.25 34.17 27.14
N MET D 72 10.06 34.67 25.91
CA MET D 72 10.36 36.10 25.61
C MET D 72 9.50 36.96 26.52
N LEU D 73 8.22 36.60 26.65
CA LEU D 73 7.31 37.39 27.43
C LEU D 73 7.65 37.32 28.92
N GLU D 74 7.88 36.11 29.40
CA GLU D 74 8.25 35.89 30.82
C GLU D 74 9.51 36.67 31.19
N ASP D 75 10.49 36.66 30.30
CA ASP D 75 11.69 37.46 30.50
C ASP D 75 11.43 38.97 30.47
N SER D 76 10.60 39.44 29.53
CA SER D 76 10.27 40.85 29.41
C SER D 76 9.70 41.33 30.69
N VAL D 77 8.68 40.62 31.17
CA VAL D 77 7.90 41.01 32.33
C VAL D 77 8.79 41.06 33.56
N VAL D 78 9.45 39.96 33.88
CA VAL D 78 10.29 39.87 35.08
C VAL D 78 11.37 40.95 35.02
N ARG D 79 11.93 41.16 33.84
CA ARG D 79 12.99 42.14 33.72
C ARG D 79 12.50 43.54 33.87
N ALA D 80 11.33 43.83 33.33
CA ALA D 80 10.77 45.19 33.43
C ALA D 80 10.40 45.54 34.89
N PHE D 81 9.91 44.58 35.67
CA PHE D 81 9.71 44.78 37.11
C PHE D 81 11.01 45.07 37.81
N GLU D 82 12.07 44.35 37.39
CA GLU D 82 13.39 44.43 38.00
C GLU D 82 13.93 45.81 37.74
N ASP D 83 13.81 46.29 36.52
CA ASP D 83 14.42 47.55 36.14
C ASP D 83 13.49 48.73 36.41
N SER D 84 12.34 48.47 37.03
CA SER D 84 11.35 49.53 37.16
C SER D 84 11.68 50.49 38.32
N GLY D 85 12.36 49.97 39.34
CA GLY D 85 12.69 50.74 40.53
C GLY D 85 11.45 50.93 41.39
N LYS D 86 10.58 49.92 41.44
CA LYS D 86 9.31 50.07 42.11
C LYS D 86 9.01 48.88 42.97
N ILE D 87 9.73 47.78 42.77
CA ILE D 87 9.50 46.57 43.53
C ILE D 87 10.87 45.95 43.72
N ALA D 88 11.22 45.66 44.95
CA ALA D 88 12.60 45.28 45.22
C ALA D 88 12.75 43.78 45.15
N ALA D 89 11.62 43.08 45.35
CA ALA D 89 11.57 41.63 45.35
C ALA D 89 10.62 41.02 44.30
N VAL D 90 11.14 40.73 43.10
CA VAL D 90 10.37 40.01 42.06
C VAL D 90 11.13 38.80 41.55
N ALA D 91 10.44 37.68 41.41
CA ALA D 91 11.14 36.44 41.14
C ALA D 91 10.39 35.45 40.29
N ARG D 92 11.16 34.52 39.71
CA ARG D 92 10.67 33.27 39.10
C ARG D 92 10.57 32.11 40.09
N SER D 99 7.13 35.34 48.53
CA SER D 99 6.06 35.41 47.50
C SER D 99 4.66 35.82 48.00
N ASP D 100 4.31 37.12 47.87
CA ASP D 100 3.01 37.64 48.37
C ASP D 100 1.90 37.62 47.32
N TYR D 101 2.17 38.21 46.15
CA TYR D 101 1.28 38.13 45.01
C TYR D 101 1.97 37.31 43.93
N LYS D 102 1.16 36.63 43.10
CA LYS D 102 1.63 35.79 41.99
C LYS D 102 0.93 36.22 40.70
N LEU D 103 1.73 36.51 39.66
CA LEU D 103 1.21 36.98 38.35
C LEU D 103 1.22 35.88 37.28
N ALA D 104 0.04 35.38 36.92
CA ALA D 104 -0.10 34.34 35.87
C ALA D 104 -0.62 34.91 34.53
N ILE D 105 0.10 34.63 33.44
CA ILE D 105 -0.32 35.08 32.12
C ILE D 105 -0.67 33.84 31.27
N ASP D 106 -1.80 33.92 30.58
CA ASP D 106 -2.12 32.96 29.54
C ASP D 106 -2.08 33.72 28.22
N VAL D 107 -1.15 33.35 27.33
CA VAL D 107 -1.00 34.00 25.99
C VAL D 107 -1.92 33.37 24.94
N ARG D 108 -2.86 34.16 24.41
CA ARG D 108 -3.89 33.72 23.42
C ARG D 108 -3.48 33.75 21.93
N ARG D 109 -2.79 34.83 21.51
CA ARG D 109 -2.22 34.97 20.16
C ARG D 109 -0.89 35.65 20.37
N PHE D 110 0.08 35.29 19.54
CA PHE D 110 1.37 35.94 19.50
C PHE D 110 1.90 35.74 18.08
N GLU D 111 1.42 36.62 17.16
CA GLU D 111 1.41 36.33 15.72
C GLU D 111 1.45 37.56 14.86
N SER D 112 1.99 37.42 13.66
CA SER D 112 1.94 38.46 12.65
C SER D 112 0.64 38.28 11.91
N ASP D 113 -0.27 39.24 12.10
CA ASP D 113 -1.66 39.08 11.70
C ASP D 113 -1.90 39.98 10.51
N TYR D 114 -2.33 39.42 9.38
CA TYR D 114 -2.52 40.24 8.19
C TYR D 114 -3.82 40.99 8.24
N ALA D 115 -4.76 40.47 9.04
CA ALA D 115 -5.98 41.17 9.35
C ALA D 115 -6.53 41.97 8.13
N GLY D 116 -6.75 41.31 6.99
CA GLY D 116 -7.33 41.95 5.79
C GLY D 116 -6.49 43.02 5.10
N GLN D 117 -5.21 43.13 5.45
CA GLN D 117 -4.36 44.23 4.98
C GLN D 117 -3.11 43.77 4.25
N SER D 118 -2.45 44.72 3.61
CA SER D 118 -1.30 44.43 2.80
C SER D 118 -0.02 44.42 3.65
N LEU D 119 0.00 45.19 4.73
CA LEU D 119 1.04 45.11 5.77
C LEU D 119 0.47 44.51 7.07
N PRO D 120 1.16 43.51 7.66
CA PRO D 120 0.56 42.88 8.83
C PRO D 120 0.86 43.61 10.16
N ALA D 121 0.05 43.33 11.19
CA ALA D 121 0.34 43.79 12.56
C ALA D 121 0.91 42.65 13.44
N ALA D 122 2.05 42.92 14.10
CA ALA D 122 2.58 42.01 15.13
C ALA D 122 1.64 42.09 16.33
N THR D 123 1.00 40.98 16.67
CA THR D 123 -0.19 41.00 17.53
C THR D 123 0.01 40.08 18.71
N ILE D 124 -0.32 40.58 19.91
CA ILE D 124 -0.24 39.81 21.15
C ILE D 124 -1.52 40.00 21.97
N GLU D 125 -2.11 38.89 22.38
CA GLU D 125 -3.33 38.92 23.16
C GLU D 125 -3.12 37.92 24.30
N LEU D 126 -3.48 38.33 25.50
CA LEU D 126 -3.16 37.59 26.69
C LEU D 126 -4.00 38.05 27.85
N ASN D 127 -4.21 37.15 28.79
CA ASN D 127 -4.97 37.46 29.99
C ASN D 127 -4.11 37.21 31.24
N ALA D 128 -4.06 38.18 32.13
CA ALA D 128 -3.19 38.09 33.30
C ALA D 128 -4.06 38.06 34.52
N LYS D 129 -3.80 37.09 35.40
CA LYS D 129 -4.47 37.00 36.69
C LYS D 129 -3.49 37.41 37.74
N LEU D 130 -3.90 38.25 38.68
CA LEU D 130 -3.09 38.54 39.87
C LEU D 130 -3.64 37.78 41.08
N LEU D 131 -2.90 36.78 41.56
CA LEU D 131 -3.33 35.97 42.72
C LEU D 131 -2.69 36.44 44.00
N HIS D 132 -3.48 36.41 45.07
CA HIS D 132 -2.88 36.52 46.40
C HIS D 132 -2.44 35.11 46.79
N SER D 133 -1.12 34.95 47.04
CA SER D 133 -0.45 33.65 47.26
C SER D 133 -0.99 32.79 48.41
N SER D 134 -1.15 33.37 49.61
CA SER D 134 -1.76 32.64 50.76
C SER D 134 -3.16 32.08 50.52
N ASP D 135 -4.13 32.94 50.17
CA ASP D 135 -5.53 32.51 49.95
C ASP D 135 -5.75 31.67 48.70
N GLN D 136 -4.88 31.82 47.69
CA GLN D 136 -5.16 31.39 46.31
C GLN D 136 -6.37 32.22 45.85
N ARG D 137 -6.19 33.53 45.90
CA ARG D 137 -7.26 34.48 45.70
C ARG D 137 -6.97 35.30 44.45
N VAL D 138 -7.99 35.41 43.60
CA VAL D 138 -7.91 36.18 42.41
C VAL D 138 -8.17 37.62 42.81
N VAL D 139 -7.12 38.44 42.77
CA VAL D 139 -7.27 39.83 43.14
C VAL D 139 -8.05 40.53 42.05
N ALA D 140 -7.70 40.23 40.79
CA ALA D 140 -8.17 40.93 39.57
C ALA D 140 -7.60 40.26 38.35
N SER D 141 -8.19 40.57 37.22
CA SER D 141 -7.97 39.85 35.99
C SER D 141 -8.16 40.84 34.81
N ARG D 142 -7.29 40.78 33.81
CA ARG D 142 -7.43 41.64 32.64
C ARG D 142 -6.84 40.97 31.41
N THR D 143 -7.56 41.09 30.30
CA THR D 143 -7.09 40.75 28.99
C THR D 143 -6.40 42.01 28.42
N PHE D 144 -5.18 41.87 27.89
CA PHE D 144 -4.48 42.95 27.17
C PHE D 144 -4.30 42.46 25.72
N THR D 145 -4.52 43.35 24.75
CA THR D 145 -4.41 43.04 23.34
C THR D 145 -3.59 44.15 22.72
N VAL D 146 -2.52 43.79 22.01
CA VAL D 146 -1.73 44.79 21.30
C VAL D 146 -1.47 44.35 19.87
N ALA D 147 -1.68 45.26 18.92
CA ALA D 147 -1.42 44.98 17.51
C ALA D 147 -0.68 46.19 16.95
N ARG D 148 0.56 45.98 16.48
CA ARG D 148 1.41 47.04 15.92
C ARG D 148 1.77 46.78 14.44
N PRO D 149 1.19 47.59 13.52
CA PRO D 149 1.45 47.42 12.07
C PRO D 149 2.96 47.35 11.74
N SER D 150 3.35 46.47 10.83
CA SER D 150 4.72 46.48 10.34
C SER D 150 4.91 47.51 9.21
N SER D 151 6.10 48.03 9.03
CA SER D 151 6.34 48.95 7.92
C SER D 151 6.52 48.22 6.58
N SER D 152 6.54 46.89 6.64
CA SER D 152 6.88 46.09 5.51
C SER D 152 6.49 44.67 5.78
N THR D 153 6.58 43.86 4.74
CA THR D 153 6.16 42.49 4.74
C THR D 153 7.34 41.57 5.16
N ASP D 154 8.57 42.10 5.17
CA ASP D 154 9.77 41.31 5.48
C ASP D 154 9.84 40.93 6.97
N THR D 155 10.34 39.74 7.28
CA THR D 155 10.38 39.32 8.66
C THR D 155 11.22 40.25 9.55
N ALA D 156 12.26 40.88 9.03
CA ALA D 156 12.99 41.88 9.83
C ALA D 156 12.00 42.91 10.42
N ALA D 157 11.14 43.48 9.56
CA ALA D 157 10.24 44.58 9.95
C ALA D 157 9.12 44.07 10.84
N VAL D 158 8.67 42.84 10.60
CA VAL D 158 7.67 42.21 11.45
C VAL D 158 8.26 42.00 12.86
N ALA D 159 9.53 41.63 12.90
CA ALA D 159 10.16 41.36 14.17
C ALA D 159 10.31 42.66 14.98
N ALA D 160 10.73 43.74 14.30
CA ALA D 160 10.82 45.09 14.86
C ALA D 160 9.44 45.50 15.35
N ALA D 161 8.39 45.27 14.56
CA ALA D 161 7.05 45.53 15.12
C ALA D 161 6.74 44.69 16.42
N PHE D 162 7.21 43.45 16.50
CA PHE D 162 6.98 42.66 17.73
C PHE D 162 7.73 43.26 18.90
N GLU D 163 8.87 43.88 18.65
CA GLU D 163 9.62 44.47 19.73
C GLU D 163 8.73 45.54 20.34
N GLN D 164 8.08 46.34 19.49
CA GLN D 164 7.19 47.39 19.93
C GLN D 164 5.96 46.87 20.63
N ALA D 165 5.38 45.80 20.11
CA ALA D 165 4.23 45.17 20.76
C ALA D 165 4.55 44.55 22.13
N LEU D 166 5.63 43.78 22.25
CA LEU D 166 6.05 43.24 23.54
C LEU D 166 6.31 44.34 24.57
N THR D 167 6.94 45.43 24.12
CA THR D 167 7.32 46.53 24.97
C THR D 167 6.03 47.13 25.54
N GLN D 168 5.07 47.42 24.66
CA GLN D 168 3.75 47.92 25.10
C GLN D 168 3.04 46.93 26.06
N VAL D 169 2.93 45.67 25.70
CA VAL D 169 2.12 44.79 26.55
C VAL D 169 2.76 44.60 27.91
N THR D 170 4.10 44.57 27.93
CA THR D 170 4.90 44.49 29.14
C THR D 170 4.71 45.71 30.07
N THR D 171 4.91 46.92 29.52
CA THR D 171 4.68 48.19 30.21
C THR D 171 3.31 48.12 30.90
N GLU D 172 2.30 47.67 30.17
CA GLU D 172 0.96 47.58 30.74
C GLU D 172 0.78 46.54 31.86
N LEU D 173 1.48 45.41 31.83
CA LEU D 173 1.34 44.40 32.88
C LEU D 173 2.04 44.88 34.15
N VAL D 174 3.21 45.49 33.99
CA VAL D 174 3.96 45.98 35.11
C VAL D 174 3.10 46.97 35.88
N GLY D 175 2.69 48.05 35.20
CA GLY D 175 1.80 49.07 35.73
C GLY D 175 0.54 48.54 36.35
N TRP D 176 -0.16 47.66 35.66
CA TRP D 176 -1.36 47.08 36.22
C TRP D 176 -1.11 46.21 37.48
N THR D 177 -0.09 45.35 37.43
CA THR D 177 0.28 44.53 38.55
C THR D 177 0.65 45.38 39.78
N LEU D 178 1.46 46.42 39.55
CA LEU D 178 1.90 47.29 40.61
C LEU D 178 0.69 47.96 41.24
N ILE D 179 -0.09 48.69 40.45
CA ILE D 179 -1.23 49.47 40.99
C ILE D 179 -2.30 48.55 41.64
N THR D 180 -2.57 47.40 41.01
CA THR D 180 -3.63 46.49 41.46
C THR D 180 -3.19 45.61 42.65
N GLY D 181 -1.92 45.20 42.65
CA GLY D 181 -1.32 44.58 43.83
C GLY D 181 -1.44 45.48 45.05
N GLN D 182 -1.05 46.76 44.92
CA GLN D 182 -1.08 47.71 46.03
C GLN D 182 -2.47 48.08 46.55
N GLN D 183 -3.46 48.19 45.66
CA GLN D 183 -4.82 48.45 46.13
C GLN D 183 -5.27 47.20 46.85
N ASP D 184 -4.62 46.07 46.60
CA ASP D 184 -5.05 44.89 47.34
C ASP D 184 -4.42 44.84 48.73
N SER D 185 -3.15 45.23 48.86
CA SER D 185 -2.49 45.02 50.12
C SER D 185 -2.74 46.12 51.12
N GLN D 186 -3.47 47.16 50.72
CA GLN D 186 -3.87 48.19 51.67
C GLN D 186 -5.25 47.90 52.25
N THR D 187 -5.74 46.68 52.08
CA THR D 187 -7.05 46.29 52.58
C THR D 187 -6.97 45.14 53.59
N THR E 11 26.90 -31.78 -41.77
CA THR E 11 25.97 -32.70 -41.05
C THR E 11 25.82 -32.40 -39.56
N ILE E 12 24.58 -32.39 -39.07
CA ILE E 12 24.34 -32.06 -37.68
C ILE E 12 23.71 -33.26 -36.95
N TYR E 13 24.48 -33.87 -36.08
CA TYR E 13 23.95 -34.94 -35.25
C TYR E 13 23.17 -34.36 -34.09
N ALA E 14 21.99 -34.95 -33.89
CA ALA E 14 21.10 -34.52 -32.83
C ALA E 14 20.59 -35.77 -32.17
N PRO E 15 21.37 -36.28 -31.22
CA PRO E 15 21.09 -37.41 -30.35
C PRO E 15 19.81 -37.20 -29.57
N THR E 16 19.11 -38.28 -29.31
CA THR E 16 17.84 -38.25 -28.63
C THR E 16 18.05 -39.02 -27.34
N VAL E 17 18.07 -38.33 -26.19
CA VAL E 17 18.35 -39.02 -24.92
C VAL E 17 17.08 -39.19 -24.10
N ARG E 18 16.75 -40.46 -23.79
CA ARG E 18 15.60 -40.84 -22.95
C ARG E 18 15.97 -41.81 -21.82
N VAL E 19 15.90 -41.34 -20.57
CA VAL E 19 16.31 -42.15 -19.41
C VAL E 19 15.15 -42.95 -18.82
N THR E 20 15.34 -44.26 -18.78
CA THR E 20 14.32 -45.14 -18.24
C THR E 20 14.40 -45.02 -16.74
N PRO E 21 13.33 -44.52 -16.14
CA PRO E 21 13.40 -44.34 -14.69
C PRO E 21 13.63 -45.69 -13.97
N ASN E 22 14.40 -45.67 -12.89
CA ASN E 22 14.56 -46.84 -12.00
C ASN E 22 13.64 -46.80 -10.77
N PRO E 23 12.76 -47.82 -10.62
CA PRO E 23 11.79 -47.90 -9.49
C PRO E 23 12.46 -47.81 -8.10
N ALA E 24 13.71 -48.23 -7.99
CA ALA E 24 14.43 -48.07 -6.73
C ALA E 24 14.78 -46.60 -6.38
N TRP E 25 14.82 -45.72 -7.38
CA TRP E 25 15.11 -44.33 -7.08
C TRP E 25 14.08 -43.82 -6.09
N PRO E 26 14.55 -43.16 -5.03
CA PRO E 26 13.62 -42.58 -4.05
C PRO E 26 12.81 -41.48 -4.71
N GLN E 27 11.53 -41.38 -4.36
CA GLN E 27 10.74 -40.23 -4.74
C GLN E 27 11.00 -39.13 -3.70
N VAL E 28 11.51 -38.00 -4.16
CA VAL E 28 11.99 -36.94 -3.27
C VAL E 28 11.08 -35.73 -3.27
N SER E 29 11.03 -35.01 -2.16
CA SER E 29 10.17 -33.84 -2.07
C SER E 29 10.92 -32.50 -2.19
N TRP E 30 12.27 -32.54 -2.16
CA TRP E 30 13.10 -31.33 -2.35
C TRP E 30 13.18 -30.84 -3.82
N GLN E 31 13.91 -29.75 -4.01
CA GLN E 31 13.89 -29.02 -5.25
C GLN E 31 15.32 -28.80 -5.70
N LEU E 32 15.62 -29.22 -6.94
CA LEU E 32 16.99 -29.33 -7.42
C LEU E 32 17.30 -28.31 -8.51
N LEU E 33 18.42 -27.63 -8.39
CA LEU E 33 18.89 -26.80 -9.49
C LEU E 33 19.99 -27.52 -10.24
N VAL E 34 19.86 -27.67 -11.56
CA VAL E 34 20.96 -28.18 -12.37
C VAL E 34 21.76 -27.02 -12.99
N ALA E 35 22.94 -26.73 -12.45
CA ALA E 35 23.80 -25.69 -13.01
C ALA E 35 24.30 -25.89 -14.50
N LYS E 36 24.87 -24.85 -15.08
CA LYS E 36 25.50 -25.01 -16.36
C LYS E 36 26.71 -25.90 -16.14
N PRO E 37 26.81 -27.02 -16.90
CA PRO E 37 27.98 -27.85 -16.85
C PRO E 37 29.13 -27.03 -17.42
N SER E 38 30.28 -27.12 -16.78
CA SER E 38 31.46 -26.38 -17.16
C SER E 38 32.38 -27.29 -18.02
N ALA E 39 33.31 -26.68 -18.77
CA ALA E 39 34.25 -27.42 -19.62
C ALA E 39 35.26 -26.51 -20.36
N ALA E 40 36.40 -27.04 -20.75
CA ALA E 40 37.30 -26.33 -21.67
C ALA E 40 36.52 -25.94 -22.92
N ARG E 41 37.03 -25.00 -23.70
CA ARG E 41 36.34 -24.56 -24.92
C ARG E 41 36.15 -25.55 -26.07
N ILE E 42 37.10 -26.48 -26.25
CA ILE E 42 37.04 -27.46 -27.36
C ILE E 42 35.89 -28.48 -27.14
N ILE E 43 35.47 -28.58 -25.88
CA ILE E 43 34.38 -29.41 -25.45
C ILE E 43 33.09 -28.61 -25.44
N ASP E 44 33.19 -27.37 -25.00
CA ASP E 44 32.04 -26.49 -24.83
C ASP E 44 31.73 -25.86 -26.19
N SER E 45 31.68 -26.71 -27.21
CA SER E 45 31.44 -26.29 -28.58
C SER E 45 30.60 -27.34 -29.32
N PRO E 46 30.08 -26.96 -30.49
CA PRO E 46 29.35 -27.89 -31.32
C PRO E 46 30.26 -28.81 -32.11
N ARG E 47 31.58 -28.66 -31.96
CA ARG E 47 32.52 -29.48 -32.73
C ARG E 47 32.76 -30.85 -32.05
N ILE E 48 32.88 -31.89 -32.88
CA ILE E 48 32.99 -33.24 -32.35
C ILE E 48 34.44 -33.65 -32.19
N ASN E 49 34.87 -33.86 -30.94
CA ASN E 49 36.26 -34.15 -30.66
C ASN E 49 36.53 -35.59 -30.92
N VAL E 50 37.66 -35.81 -31.58
CA VAL E 50 38.19 -37.15 -31.82
C VAL E 50 39.69 -37.19 -31.51
N ARG E 51 40.09 -38.34 -31.00
CA ARG E 51 41.44 -38.56 -30.50
C ARG E 51 42.03 -39.76 -31.28
N PRO E 52 42.58 -39.51 -32.49
CA PRO E 52 42.93 -40.62 -33.39
C PRO E 52 44.09 -41.45 -32.93
N THR E 53 45.08 -40.82 -32.26
CA THR E 53 46.09 -41.54 -31.46
C THR E 53 46.16 -40.90 -30.10
N PRO E 54 46.69 -41.61 -29.10
CA PRO E 54 46.55 -41.28 -27.68
C PRO E 54 46.84 -39.84 -27.17
N GLY E 55 47.87 -39.17 -27.69
CA GLY E 55 48.23 -37.88 -27.12
C GLY E 55 47.70 -36.65 -27.82
N GLU E 56 46.75 -36.85 -28.72
CA GLU E 56 46.46 -35.88 -29.77
C GLU E 56 44.95 -35.70 -29.99
N LEU E 57 44.53 -34.48 -30.34
CA LEU E 57 43.09 -34.19 -30.46
C LEU E 57 42.78 -33.46 -31.78
N GLN E 58 41.85 -33.99 -32.55
CA GLN E 58 41.30 -33.27 -33.71
C GLN E 58 39.80 -33.15 -33.56
N VAL E 59 39.16 -32.54 -34.56
CA VAL E 59 37.71 -32.54 -34.67
C VAL E 59 37.37 -33.26 -35.99
N TYR E 60 36.18 -33.84 -36.12
CA TYR E 60 35.67 -34.35 -37.41
C TYR E 60 35.26 -33.15 -38.29
N HIS E 61 35.60 -33.17 -39.56
CA HIS E 61 35.17 -32.06 -40.46
C HIS E 61 33.82 -32.36 -41.09
N GLY E 62 33.02 -31.32 -41.30
CA GLY E 62 31.72 -31.54 -41.95
C GLY E 62 30.73 -32.43 -41.18
N ALA E 63 31.04 -32.65 -39.90
CA ALA E 63 30.11 -33.16 -38.90
C ALA E 63 30.15 -32.20 -37.69
N GLY E 64 29.00 -31.88 -37.13
CA GLY E 64 28.91 -31.06 -35.90
C GLY E 64 27.73 -31.49 -35.04
N TRP E 65 27.76 -31.17 -33.77
CA TRP E 65 26.62 -31.44 -32.89
C TRP E 65 25.51 -30.41 -33.14
N ALA E 66 24.28 -30.71 -32.73
CA ALA E 66 23.15 -29.74 -32.87
C ALA E 66 23.25 -28.57 -31.94
N GLN E 67 24.19 -28.65 -31.00
CA GLN E 67 24.14 -27.97 -29.71
C GLN E 67 25.46 -28.30 -28.99
N PRO E 68 26.10 -27.32 -28.35
CA PRO E 68 27.40 -27.58 -27.72
C PRO E 68 27.27 -28.72 -26.70
N ALA E 69 28.34 -29.46 -26.45
CA ALA E 69 28.23 -30.68 -25.66
C ALA E 69 27.77 -30.43 -24.22
N THR E 70 28.27 -29.35 -23.63
CA THR E 70 27.87 -28.94 -22.32
C THR E 70 26.38 -28.65 -22.30
N ASP E 71 25.83 -28.13 -23.41
CA ASP E 71 24.38 -27.97 -23.46
C ASP E 71 23.63 -29.30 -23.64
N MET E 72 24.16 -30.22 -24.46
CA MET E 72 23.52 -31.52 -24.68
C MET E 72 23.37 -32.15 -23.33
N LEU E 73 24.41 -31.98 -22.52
CA LEU E 73 24.47 -32.60 -21.23
C LEU E 73 23.53 -31.94 -20.22
N GLU E 74 23.55 -30.61 -20.14
CA GLU E 74 22.57 -29.90 -19.33
C GLU E 74 21.15 -30.37 -19.65
N ASP E 75 20.78 -30.36 -20.93
CA ASP E 75 19.43 -30.74 -21.36
C ASP E 75 19.05 -32.15 -20.99
N SER E 76 19.98 -33.09 -21.11
CA SER E 76 19.70 -34.50 -20.83
C SER E 76 19.44 -34.72 -19.39
N VAL E 77 20.21 -34.06 -18.54
CA VAL E 77 20.18 -34.30 -17.15
C VAL E 77 18.84 -33.75 -16.62
N VAL E 78 18.50 -32.55 -17.06
CA VAL E 78 17.28 -31.90 -16.58
C VAL E 78 16.07 -32.64 -17.10
N ARG E 79 16.13 -33.13 -18.32
CA ARG E 79 15.03 -33.86 -18.90
C ARG E 79 14.88 -35.18 -18.20
N ALA E 80 16.00 -35.81 -17.89
CA ALA E 80 15.98 -37.08 -17.19
C ALA E 80 15.30 -36.99 -15.82
N PHE E 81 15.59 -35.92 -15.09
CA PHE E 81 14.97 -35.67 -13.81
C PHE E 81 13.48 -35.43 -14.01
N GLU E 82 13.12 -34.80 -15.12
CA GLU E 82 11.72 -34.46 -15.38
C GLU E 82 10.91 -35.68 -15.81
N ASP E 83 11.49 -36.55 -16.65
CA ASP E 83 10.80 -37.76 -17.11
C ASP E 83 10.83 -38.85 -16.04
N SER E 84 11.50 -38.58 -14.91
CA SER E 84 11.83 -39.67 -14.00
C SER E 84 10.65 -40.07 -13.17
N GLY E 85 9.73 -39.12 -12.96
CA GLY E 85 8.66 -39.26 -11.99
C GLY E 85 9.17 -39.26 -10.55
N LYS E 86 10.44 -38.92 -10.30
CA LYS E 86 11.00 -39.04 -8.94
C LYS E 86 11.25 -37.73 -8.22
N ILE E 87 11.23 -36.61 -8.94
CA ILE E 87 11.43 -35.28 -8.36
C ILE E 87 10.54 -34.34 -9.11
N ALA E 88 9.68 -33.59 -8.42
CA ALA E 88 8.75 -32.78 -9.22
C ALA E 88 9.18 -31.30 -9.33
N ALA E 89 10.27 -30.97 -8.63
CA ALA E 89 10.90 -29.69 -8.80
C ALA E 89 12.38 -29.85 -9.21
N VAL E 90 12.64 -29.64 -10.50
CA VAL E 90 13.99 -29.58 -11.07
C VAL E 90 14.02 -28.49 -12.12
N ALA E 91 15.06 -27.66 -12.09
CA ALA E 91 15.08 -26.45 -12.93
C ALA E 91 16.48 -25.89 -13.17
N ARG E 92 16.53 -24.81 -13.97
CA ARG E 92 17.76 -24.09 -14.27
C ARG E 92 17.72 -22.64 -13.73
N SER E 99 14.90 -23.75 -4.57
CA SER E 99 16.09 -24.64 -4.65
C SER E 99 16.85 -25.10 -3.34
N ASP E 100 16.85 -26.41 -3.07
CA ASP E 100 17.54 -27.03 -1.91
C ASP E 100 18.96 -27.53 -2.25
N TYR E 101 19.08 -28.17 -3.41
CA TYR E 101 20.35 -28.73 -3.86
C TYR E 101 20.64 -28.22 -5.23
N LYS E 102 21.93 -28.01 -5.51
CA LYS E 102 22.42 -27.68 -6.84
C LYS E 102 23.37 -28.77 -7.34
N LEU E 103 23.15 -29.24 -8.58
CA LEU E 103 24.00 -30.27 -9.21
C LEU E 103 24.94 -29.59 -10.17
N ALA E 104 26.20 -29.52 -9.81
CA ALA E 104 27.21 -28.85 -10.62
C ALA E 104 28.11 -29.90 -11.29
N ILE E 105 28.24 -29.81 -12.62
CA ILE E 105 29.02 -30.77 -13.43
C ILE E 105 30.20 -30.10 -14.12
N ASP E 106 31.36 -30.76 -14.04
CA ASP E 106 32.53 -30.37 -14.79
C ASP E 106 32.79 -31.40 -15.88
N VAL E 107 32.78 -31.01 -17.16
CA VAL E 107 33.05 -32.02 -18.23
C VAL E 107 34.55 -32.13 -18.52
N ARG E 108 35.10 -33.32 -18.29
CA ARG E 108 36.54 -33.56 -18.56
C ARG E 108 36.84 -34.09 -19.96
N ARG E 109 35.99 -34.98 -20.46
CA ARG E 109 36.16 -35.50 -21.81
C ARG E 109 34.80 -35.74 -22.45
N PHE E 110 34.73 -35.41 -23.73
CA PHE E 110 33.55 -35.66 -24.55
C PHE E 110 34.08 -35.89 -25.97
N GLU E 111 34.50 -37.13 -26.22
CA GLU E 111 35.23 -37.41 -27.44
C GLU E 111 35.08 -38.84 -27.96
N SER E 112 35.32 -38.99 -29.25
CA SER E 112 35.48 -40.29 -29.92
C SER E 112 36.95 -40.69 -29.78
N ASP E 113 37.22 -41.73 -29.00
CA ASP E 113 38.57 -42.07 -28.59
C ASP E 113 38.93 -43.42 -29.21
N TYR E 114 39.89 -43.40 -30.14
CA TYR E 114 40.33 -44.63 -30.80
C TYR E 114 41.00 -45.53 -29.77
N ALA E 115 41.70 -44.91 -28.80
CA ALA E 115 42.35 -45.60 -27.70
C ALA E 115 43.28 -46.74 -28.20
N GLY E 116 44.12 -46.41 -29.20
CA GLY E 116 45.06 -47.36 -29.84
C GLY E 116 44.38 -48.23 -30.90
N GLN E 117 43.35 -48.95 -30.44
CA GLN E 117 42.53 -49.84 -31.25
C GLN E 117 41.88 -49.24 -32.48
N SER E 118 40.92 -49.97 -33.03
CA SER E 118 40.61 -49.82 -34.44
C SER E 118 39.31 -49.09 -34.66
N LEU E 119 38.31 -49.45 -33.88
CA LEU E 119 37.08 -48.70 -33.85
C LEU E 119 37.10 -47.76 -32.63
N PRO E 120 36.52 -46.56 -32.77
CA PRO E 120 36.60 -45.60 -31.68
C PRO E 120 35.50 -45.82 -30.65
N ALA E 121 35.72 -45.40 -29.41
CA ALA E 121 34.72 -45.41 -28.35
C ALA E 121 34.23 -43.99 -28.12
N ALA E 122 32.92 -43.78 -28.12
CA ALA E 122 32.35 -42.52 -27.62
C ALA E 122 32.55 -42.43 -26.12
N THR E 123 33.22 -41.36 -25.68
CA THR E 123 33.76 -41.30 -24.32
C THR E 123 33.41 -40.02 -23.58
N ILE E 124 32.68 -40.15 -22.48
CA ILE E 124 32.33 -39.03 -21.64
C ILE E 124 32.92 -39.20 -20.25
N GLU E 125 33.50 -38.13 -19.71
CA GLU E 125 34.07 -38.16 -18.37
C GLU E 125 33.79 -36.83 -17.67
N LEU E 126 33.10 -36.92 -16.54
CA LEU E 126 32.71 -35.71 -15.85
C LEU E 126 32.81 -35.89 -14.34
N ASN E 127 32.88 -34.75 -13.64
CA ASN E 127 32.82 -34.73 -12.19
C ASN E 127 31.58 -33.98 -11.80
N ALA E 128 30.81 -34.57 -10.89
CA ALA E 128 29.60 -33.92 -10.40
C ALA E 128 29.68 -33.60 -8.90
N LYS E 129 29.39 -32.36 -8.53
CA LYS E 129 29.17 -32.01 -7.12
C LYS E 129 27.68 -31.87 -6.82
N LEU E 130 27.27 -32.34 -5.65
CA LEU E 130 25.94 -32.01 -5.13
C LEU E 130 26.10 -31.13 -3.90
N LEU E 131 25.67 -29.89 -4.04
CA LEU E 131 25.75 -28.93 -2.97
C LEU E 131 24.37 -28.71 -2.38
N HIS E 132 24.38 -28.46 -1.08
CA HIS E 132 23.22 -27.98 -0.37
C HIS E 132 23.29 -26.45 -0.42
N SER E 133 22.32 -25.82 -1.11
CA SER E 133 22.43 -24.41 -1.51
C SER E 133 22.21 -23.34 -0.44
N SER E 134 21.60 -23.71 0.70
CA SER E 134 21.61 -22.88 1.97
C SER E 134 23.03 -22.53 2.39
N ASP E 135 23.73 -23.58 2.84
CA ASP E 135 25.11 -23.53 3.31
C ASP E 135 26.14 -23.18 2.21
N GLN E 136 25.85 -23.52 0.96
CA GLN E 136 26.90 -23.79 -0.07
C GLN E 136 27.82 -24.91 0.46
N ARG E 137 27.21 -25.96 0.98
CA ARG E 137 27.88 -27.10 1.58
C ARG E 137 27.94 -28.26 0.60
N VAL E 138 29.11 -28.91 0.52
CA VAL E 138 29.29 -30.05 -0.39
C VAL E 138 28.88 -31.38 0.24
N VAL E 139 27.83 -31.98 -0.29
CA VAL E 139 27.34 -33.25 0.22
C VAL E 139 28.19 -34.41 -0.32
N ALA E 140 28.35 -34.47 -1.64
CA ALA E 140 29.18 -35.50 -2.27
C ALA E 140 29.70 -35.09 -3.65
N SER E 141 30.52 -35.96 -4.21
CA SER E 141 31.47 -35.61 -5.23
C SER E 141 31.73 -36.95 -5.89
N ARG E 142 31.47 -37.07 -7.19
CA ARG E 142 31.74 -38.31 -7.94
C ARG E 142 32.11 -38.02 -9.40
N THR E 143 33.15 -38.74 -9.84
CA THR E 143 33.57 -38.75 -11.24
C THR E 143 32.88 -39.88 -11.95
N PHE E 144 32.31 -39.58 -13.12
CA PHE E 144 31.65 -40.58 -13.96
C PHE E 144 32.42 -40.70 -15.24
N THR E 145 32.52 -41.94 -15.72
CA THR E 145 33.16 -42.27 -16.99
C THR E 145 32.31 -43.30 -17.74
N VAL E 146 32.05 -43.01 -19.01
CA VAL E 146 31.35 -43.96 -19.85
C VAL E 146 32.06 -44.03 -21.19
N ALA E 147 32.37 -45.25 -21.64
CA ALA E 147 32.95 -45.41 -22.97
C ALA E 147 32.08 -46.36 -23.74
N ARG E 148 31.57 -45.92 -24.89
CA ARG E 148 30.73 -46.83 -25.66
C ARG E 148 31.27 -47.05 -27.06
N PRO E 149 31.68 -48.28 -27.33
CA PRO E 149 32.46 -48.54 -28.54
C PRO E 149 31.58 -48.40 -29.77
N SER E 150 32.12 -47.79 -30.80
CA SER E 150 31.37 -47.55 -32.02
C SER E 150 31.43 -48.75 -32.96
N SER E 151 30.34 -48.95 -33.68
CA SER E 151 30.17 -50.14 -34.50
C SER E 151 30.77 -49.95 -35.89
N SER E 152 31.22 -48.73 -36.19
CA SER E 152 32.08 -48.51 -37.35
C SER E 152 32.83 -47.19 -37.20
N THR E 153 33.62 -46.85 -38.20
CA THR E 153 34.43 -45.65 -38.20
C THR E 153 33.62 -44.39 -38.55
N ASP E 154 32.47 -44.55 -39.22
CA ASP E 154 31.69 -43.42 -39.74
C ASP E 154 31.12 -42.56 -38.64
N THR E 155 30.93 -41.29 -38.95
CA THR E 155 30.52 -40.36 -37.95
C THR E 155 29.09 -40.64 -37.45
N ALA E 156 28.14 -40.91 -38.34
CA ALA E 156 26.82 -41.39 -37.91
C ALA E 156 26.90 -42.52 -36.87
N ALA E 157 27.85 -43.42 -37.05
CA ALA E 157 28.00 -44.49 -36.07
C ALA E 157 28.60 -43.99 -34.74
N VAL E 158 29.53 -43.05 -34.82
CA VAL E 158 30.10 -42.46 -33.64
C VAL E 158 29.02 -41.69 -32.89
N ALA E 159 28.23 -40.94 -33.64
CA ALA E 159 27.18 -40.16 -33.04
C ALA E 159 26.20 -41.09 -32.37
N ALA E 160 25.87 -42.23 -32.99
CA ALA E 160 25.01 -43.22 -32.33
C ALA E 160 25.64 -43.71 -30.99
N ALA E 161 26.94 -43.93 -31.02
CA ALA E 161 27.63 -44.35 -29.83
C ALA E 161 27.50 -43.26 -28.76
N PHE E 162 27.57 -42.00 -29.19
CA PHE E 162 27.44 -40.92 -28.24
C PHE E 162 26.06 -40.89 -27.62
N GLU E 163 25.01 -41.13 -28.41
CA GLU E 163 23.69 -41.34 -27.81
C GLU E 163 23.70 -42.35 -26.69
N GLN E 164 24.24 -43.54 -26.94
CA GLN E 164 24.38 -44.54 -25.89
C GLN E 164 25.09 -44.00 -24.60
N ALA E 165 26.30 -43.48 -24.75
CA ALA E 165 27.07 -42.89 -23.66
C ALA E 165 26.32 -41.76 -22.89
N LEU E 166 25.70 -40.81 -23.60
CA LEU E 166 24.87 -39.82 -22.94
C LEU E 166 23.82 -40.47 -22.09
N THR E 167 23.07 -41.42 -22.67
CA THR E 167 22.06 -42.15 -21.95
C THR E 167 22.64 -42.86 -20.71
N GLN E 168 23.75 -43.61 -20.83
CA GLN E 168 24.38 -44.27 -19.67
C GLN E 168 24.76 -43.22 -18.61
N VAL E 169 25.59 -42.25 -18.97
CA VAL E 169 26.04 -41.30 -17.97
C VAL E 169 24.91 -40.50 -17.29
N THR E 170 23.84 -40.17 -18.01
CA THR E 170 22.73 -39.41 -17.42
C THR E 170 21.97 -40.24 -16.39
N THR E 171 21.65 -41.48 -16.77
CA THR E 171 21.05 -42.48 -15.87
C THR E 171 21.84 -42.56 -14.59
N GLU E 172 23.13 -42.82 -14.70
CA GLU E 172 23.94 -42.89 -13.51
C GLU E 172 23.85 -41.58 -12.70
N LEU E 173 23.93 -40.44 -13.36
CA LEU E 173 23.84 -39.15 -12.67
C LEU E 173 22.49 -38.95 -11.94
N VAL E 174 21.39 -39.35 -12.59
CA VAL E 174 20.09 -39.10 -11.99
C VAL E 174 19.88 -39.99 -10.76
N GLY E 175 20.25 -41.27 -10.88
CA GLY E 175 20.31 -42.17 -9.73
C GLY E 175 21.22 -41.68 -8.63
N TRP E 176 22.39 -41.15 -8.96
CA TRP E 176 23.27 -40.66 -7.90
C TRP E 176 22.76 -39.38 -7.21
N THR E 177 22.19 -38.42 -7.95
CA THR E 177 21.63 -37.21 -7.34
C THR E 177 20.48 -37.51 -6.34
N LEU E 178 19.44 -38.21 -6.79
CA LEU E 178 18.32 -38.54 -5.96
C LEU E 178 18.72 -39.29 -4.68
N ILE E 179 19.58 -40.30 -4.79
CA ILE E 179 19.95 -41.17 -3.65
C ILE E 179 20.82 -40.40 -2.65
N THR E 180 21.83 -39.72 -3.18
CA THR E 180 22.76 -38.94 -2.38
C THR E 180 22.01 -37.77 -1.72
N GLY E 181 21.11 -37.16 -2.48
CA GLY E 181 20.34 -36.02 -1.99
C GLY E 181 19.39 -36.37 -0.88
N GLN E 182 18.63 -37.46 -1.06
CA GLN E 182 17.73 -38.02 -0.06
C GLN E 182 18.47 -38.28 1.25
N GLN E 183 19.51 -39.12 1.22
CA GLN E 183 20.35 -39.40 2.39
C GLN E 183 20.76 -38.13 3.11
N ASP E 184 20.94 -37.04 2.38
CA ASP E 184 21.24 -35.77 3.01
C ASP E 184 20.00 -35.16 3.66
N SER E 185 18.87 -35.20 2.95
CA SER E 185 17.60 -34.67 3.46
C SER E 185 17.18 -35.30 4.82
N GLN E 186 17.68 -36.49 5.12
CA GLN E 186 17.33 -37.10 6.39
C GLN E 186 18.25 -36.82 7.60
N THR E 187 19.15 -35.84 7.53
CA THR E 187 20.08 -35.57 8.65
C THR E 187 20.16 -34.09 9.04
N ALA F 10 12.60 -16.50 -50.60
CA ALA F 10 12.50 -17.23 -49.28
C ALA F 10 11.06 -17.20 -48.72
N THR F 11 10.37 -18.31 -48.66
CA THR F 11 8.99 -18.27 -48.18
C THR F 11 8.81 -18.04 -46.65
N ILE F 12 7.89 -17.16 -46.27
CA ILE F 12 7.64 -16.98 -44.84
C ILE F 12 6.25 -17.47 -44.45
N TYR F 13 6.26 -18.45 -43.55
CA TYR F 13 5.08 -19.12 -43.02
C TYR F 13 4.70 -18.46 -41.71
N ALA F 14 3.43 -18.13 -41.63
CA ALA F 14 2.89 -17.40 -40.54
C ALA F 14 1.66 -18.18 -40.09
N PRO F 15 1.87 -19.26 -39.32
CA PRO F 15 0.70 -19.96 -38.80
C PRO F 15 -0.24 -19.07 -38.01
N THR F 16 -1.49 -19.50 -37.91
CA THR F 16 -2.55 -18.70 -37.27
C THR F 16 -3.22 -19.57 -36.22
N VAL F 17 -2.87 -19.31 -34.96
CA VAL F 17 -3.33 -20.15 -33.90
C VAL F 17 -4.55 -19.54 -33.21
N ARG F 18 -5.67 -20.24 -33.26
CA ARG F 18 -6.84 -19.82 -32.52
C ARG F 18 -7.34 -21.01 -31.69
N VAL F 19 -7.32 -20.84 -30.38
CA VAL F 19 -7.81 -21.83 -29.40
C VAL F 19 -9.28 -21.61 -29.06
N THR F 20 -10.13 -22.60 -29.32
CA THR F 20 -11.52 -22.52 -28.82
C THR F 20 -11.49 -22.97 -27.37
N PRO F 21 -11.88 -22.07 -26.42
CA PRO F 21 -11.96 -22.40 -24.99
C PRO F 21 -12.86 -23.61 -24.65
N ASN F 22 -12.44 -24.41 -23.69
CA ASN F 22 -13.26 -25.50 -23.18
C ASN F 22 -14.08 -25.06 -21.98
N PRO F 23 -15.43 -25.05 -22.11
CA PRO F 23 -16.40 -24.79 -21.01
C PRO F 23 -16.04 -25.34 -19.62
N ALA F 24 -15.49 -26.56 -19.54
CA ALA F 24 -15.01 -27.17 -18.27
C ALA F 24 -13.81 -26.45 -17.58
N TRP F 25 -13.21 -25.48 -18.27
CA TRP F 25 -12.01 -24.78 -17.78
C TRP F 25 -12.44 -23.76 -16.75
N PRO F 26 -11.79 -23.75 -15.60
CA PRO F 26 -12.21 -22.88 -14.50
C PRO F 26 -12.00 -21.41 -14.82
N GLN F 27 -13.00 -20.57 -14.55
CA GLN F 27 -12.70 -19.14 -14.48
C GLN F 27 -11.92 -18.80 -13.22
N VAL F 28 -10.81 -18.09 -13.39
CA VAL F 28 -9.91 -17.81 -12.28
C VAL F 28 -9.82 -16.30 -12.05
N SER F 29 -9.57 -15.95 -10.79
CA SER F 29 -9.36 -14.57 -10.43
C SER F 29 -7.85 -14.24 -10.24
N TRP F 30 -6.97 -15.24 -10.31
CA TRP F 30 -5.54 -14.96 -10.12
C TRP F 30 -4.86 -14.50 -11.41
N GLN F 31 -3.58 -14.15 -11.28
CA GLN F 31 -2.88 -13.39 -12.30
C GLN F 31 -1.66 -14.17 -12.72
N LEU F 32 -1.50 -14.30 -14.03
CA LEU F 32 -0.52 -15.21 -14.55
C LEU F 32 0.52 -14.54 -15.40
N LEU F 33 1.77 -14.76 -15.04
CA LEU F 33 2.90 -14.42 -15.89
C LEU F 33 3.32 -15.61 -16.78
N VAL F 34 3.28 -15.43 -18.11
CA VAL F 34 3.86 -16.39 -19.08
C VAL F 34 5.32 -16.02 -19.37
N ALA F 35 6.25 -16.88 -18.93
CA ALA F 35 7.70 -16.64 -19.12
C ALA F 35 8.17 -16.85 -20.56
N LYS F 36 9.33 -16.28 -20.93
CA LYS F 36 9.92 -16.56 -22.26
C LYS F 36 10.38 -18.02 -22.29
N PRO F 37 9.79 -18.82 -23.20
CA PRO F 37 10.10 -20.25 -23.26
C PRO F 37 11.60 -20.45 -23.50
N SER F 38 12.20 -21.45 -22.84
CA SER F 38 13.63 -21.69 -22.99
C SER F 38 13.81 -22.71 -24.10
N ALA F 39 14.99 -22.74 -24.74
CA ALA F 39 15.24 -23.69 -25.84
C ALA F 39 16.66 -23.61 -26.43
N ALA F 40 17.10 -24.70 -27.07
CA ALA F 40 18.31 -24.70 -27.91
C ALA F 40 18.25 -23.66 -29.03
N ARG F 41 19.37 -23.02 -29.30
CA ARG F 41 19.50 -22.08 -30.40
C ARG F 41 18.83 -22.54 -31.69
N ILE F 42 19.02 -23.80 -32.06
CA ILE F 42 18.49 -24.29 -33.34
C ILE F 42 16.95 -24.26 -33.34
N ILE F 43 16.35 -24.50 -32.19
CA ILE F 43 14.93 -24.33 -32.00
C ILE F 43 14.55 -22.85 -31.86
N ASP F 44 15.38 -22.06 -31.19
CA ASP F 44 15.14 -20.64 -30.89
C ASP F 44 15.57 -19.77 -32.08
N SER F 45 14.81 -19.91 -33.17
CA SER F 45 15.32 -19.54 -34.46
C SER F 45 14.14 -19.53 -35.44
N PRO F 46 14.19 -18.66 -36.48
CA PRO F 46 13.11 -18.81 -37.46
C PRO F 46 13.44 -19.86 -38.56
N ARG F 47 14.49 -20.65 -38.35
CA ARG F 47 14.84 -21.75 -39.28
C ARG F 47 13.85 -22.89 -38.99
N ILE F 48 13.21 -23.47 -39.99
CA ILE F 48 12.33 -24.63 -39.72
C ILE F 48 13.13 -25.94 -39.69
N ASN F 49 13.12 -26.59 -38.54
CA ASN F 49 13.90 -27.78 -38.35
C ASN F 49 13.21 -29.01 -38.91
N VAL F 50 14.03 -29.87 -39.52
CA VAL F 50 13.53 -31.14 -40.01
C VAL F 50 14.49 -32.29 -39.67
N ARG F 51 13.91 -33.47 -39.43
CA ARG F 51 14.69 -34.65 -39.08
C ARG F 51 14.46 -35.78 -40.10
N PRO F 52 15.30 -35.83 -41.15
CA PRO F 52 15.11 -36.80 -42.24
C PRO F 52 15.51 -38.24 -41.86
N THR F 53 16.46 -38.41 -40.94
CA THR F 53 16.74 -39.72 -40.34
C THR F 53 16.91 -39.44 -38.87
N PRO F 54 16.55 -40.42 -38.04
CA PRO F 54 16.36 -40.25 -36.60
C PRO F 54 17.44 -39.43 -35.86
N GLY F 55 18.71 -39.62 -36.20
CA GLY F 55 19.77 -39.04 -35.44
C GLY F 55 20.38 -37.80 -36.02
N GLU F 56 19.69 -37.16 -36.97
CA GLU F 56 20.23 -36.00 -37.67
C GLU F 56 19.25 -34.82 -37.92
N LEU F 57 19.72 -33.57 -37.81
CA LEU F 57 18.89 -32.38 -37.99
C LEU F 57 19.37 -31.54 -39.13
N GLN F 58 18.42 -31.05 -39.92
CA GLN F 58 18.65 -30.12 -41.04
C GLN F 58 17.62 -29.02 -40.97
N VAL F 59 17.63 -28.08 -41.91
CA VAL F 59 16.59 -27.05 -41.99
C VAL F 59 15.98 -27.09 -43.38
N TYR F 60 14.74 -26.67 -43.56
CA TYR F 60 14.25 -26.50 -44.92
C TYR F 60 14.98 -25.30 -45.52
N HIS F 61 15.50 -25.43 -46.74
CA HIS F 61 16.11 -24.25 -47.39
C HIS F 61 15.02 -23.50 -48.12
N GLY F 62 15.20 -22.21 -48.31
CA GLY F 62 14.18 -21.43 -49.02
C GLY F 62 12.84 -21.26 -48.28
N ALA F 63 12.86 -21.47 -46.96
CA ALA F 63 11.68 -21.33 -46.13
C ALA F 63 12.08 -20.99 -44.70
N GLY F 64 11.28 -20.16 -44.04
CA GLY F 64 11.38 -19.94 -42.59
C GLY F 64 10.08 -19.43 -41.97
N TRP F 65 10.04 -19.46 -40.64
CA TRP F 65 8.93 -18.95 -39.88
C TRP F 65 8.92 -17.44 -39.90
N ALA F 66 7.75 -16.85 -39.68
CA ALA F 66 7.59 -15.41 -39.47
C ALA F 66 8.32 -14.90 -38.23
N GLN F 67 8.47 -15.75 -37.21
CA GLN F 67 9.18 -15.41 -35.97
C GLN F 67 9.82 -16.64 -35.37
N PRO F 68 10.78 -16.48 -34.45
CA PRO F 68 11.40 -17.72 -33.93
C PRO F 68 10.36 -18.58 -33.25
N ALA F 69 10.55 -19.90 -33.29
CA ALA F 69 9.55 -20.85 -32.82
C ALA F 69 9.21 -20.65 -31.35
N THR F 70 10.22 -20.40 -30.51
CA THR F 70 9.98 -20.05 -29.10
C THR F 70 8.94 -18.93 -29.04
N ASP F 71 9.13 -17.90 -29.88
CA ASP F 71 8.21 -16.77 -29.85
C ASP F 71 6.85 -17.15 -30.37
N MET F 72 6.75 -18.01 -31.39
CA MET F 72 5.42 -18.38 -31.89
C MET F 72 4.66 -19.01 -30.76
N LEU F 73 5.35 -19.82 -29.96
CA LEU F 73 4.75 -20.51 -28.84
C LEU F 73 4.33 -19.58 -27.72
N GLU F 74 5.22 -18.68 -27.36
CA GLU F 74 4.90 -17.64 -26.38
C GLU F 74 3.67 -16.85 -26.80
N ASP F 75 3.62 -16.46 -28.05
CA ASP F 75 2.49 -15.64 -28.48
C ASP F 75 1.25 -16.49 -28.48
N SER F 76 1.32 -17.68 -29.06
CA SER F 76 0.19 -18.59 -29.06
C SER F 76 -0.34 -18.76 -27.68
N VAL F 77 0.55 -19.03 -26.74
CA VAL F 77 0.14 -19.24 -25.38
C VAL F 77 -0.60 -18.01 -24.80
N VAL F 78 0.06 -16.84 -24.79
CA VAL F 78 -0.53 -15.64 -24.18
C VAL F 78 -1.86 -15.33 -24.86
N ARG F 79 -1.87 -15.35 -26.17
CA ARG F 79 -3.09 -14.92 -26.84
C ARG F 79 -4.19 -15.91 -26.60
N ALA F 80 -3.82 -17.19 -26.36
CA ALA F 80 -4.86 -18.20 -26.12
C ALA F 80 -5.49 -18.03 -24.73
N PHE F 81 -4.66 -17.67 -23.74
CA PHE F 81 -5.20 -17.28 -22.47
C PHE F 81 -6.08 -16.07 -22.70
N GLU F 82 -5.62 -15.09 -23.49
CA GLU F 82 -6.35 -13.82 -23.60
C GLU F 82 -7.76 -14.03 -24.12
N ASP F 83 -7.91 -14.91 -25.09
CA ASP F 83 -9.20 -15.03 -25.78
C ASP F 83 -10.06 -16.15 -25.18
N SER F 84 -9.59 -16.73 -24.07
CA SER F 84 -10.29 -17.88 -23.51
C SER F 84 -11.50 -17.42 -22.75
N GLY F 85 -11.41 -16.20 -22.21
CA GLY F 85 -12.47 -15.64 -21.37
C GLY F 85 -12.38 -16.24 -19.97
N LYS F 86 -11.27 -16.91 -19.68
CA LYS F 86 -11.15 -17.62 -18.43
C LYS F 86 -10.19 -16.98 -17.45
N ILE F 87 -9.48 -15.94 -17.87
CA ILE F 87 -8.49 -15.31 -17.02
C ILE F 87 -8.35 -13.88 -17.46
N ALA F 88 -8.71 -12.98 -16.56
CA ALA F 88 -8.72 -11.53 -16.85
C ALA F 88 -7.30 -10.90 -16.80
N ALA F 89 -6.32 -11.60 -16.23
CA ALA F 89 -4.96 -11.08 -16.14
C ALA F 89 -3.81 -12.07 -16.52
N VAL F 90 -3.32 -11.95 -17.76
CA VAL F 90 -2.17 -12.72 -18.27
C VAL F 90 -1.18 -11.74 -18.82
N ALA F 91 0.11 -11.98 -18.64
CA ALA F 91 1.10 -10.99 -19.06
C ALA F 91 2.42 -11.59 -19.46
N ARG F 92 3.16 -10.86 -20.29
CA ARG F 92 4.56 -11.21 -20.58
C ARG F 92 5.46 -10.53 -19.54
N ILE F 93 6.74 -10.34 -19.83
CA ILE F 93 7.69 -9.82 -18.86
C ILE F 93 8.03 -8.32 -19.02
N ILE F 97 3.26 -6.00 -14.02
CA ILE F 97 2.16 -6.82 -13.53
C ILE F 97 2.60 -7.79 -12.42
N ARG F 98 1.84 -7.85 -11.34
CA ARG F 98 2.15 -8.74 -10.23
C ARG F 98 1.50 -10.10 -10.47
N SER F 99 2.33 -11.13 -10.48
CA SER F 99 1.87 -12.50 -10.82
C SER F 99 1.63 -13.39 -9.60
N ASP F 100 0.48 -14.03 -9.58
CA ASP F 100 0.24 -15.11 -8.62
C ASP F 100 0.93 -16.41 -9.03
N TYR F 101 0.80 -16.78 -10.31
CA TYR F 101 1.54 -17.90 -10.86
C TYR F 101 2.37 -17.44 -12.07
N LYS F 102 3.40 -18.21 -12.38
CA LYS F 102 4.27 -18.00 -13.53
C LYS F 102 4.36 -19.30 -14.33
N LEU F 103 4.03 -19.28 -15.61
CA LEU F 103 4.18 -20.48 -16.45
C LEU F 103 5.51 -20.51 -17.26
N ALA F 104 6.34 -21.51 -17.01
CA ALA F 104 7.64 -21.65 -17.64
C ALA F 104 7.65 -22.87 -18.57
N ILE F 105 7.88 -22.63 -19.85
CA ILE F 105 7.91 -23.69 -20.84
C ILE F 105 9.34 -23.86 -21.31
N ASP F 106 9.82 -25.11 -21.35
CA ASP F 106 11.03 -25.47 -22.08
C ASP F 106 10.71 -26.32 -23.33
N VAL F 107 11.20 -25.91 -24.51
CA VAL F 107 10.83 -26.57 -25.78
C VAL F 107 11.93 -27.57 -26.17
N ARG F 108 11.56 -28.85 -26.28
CA ARG F 108 12.48 -29.96 -26.45
C ARG F 108 12.71 -30.29 -27.92
N ARG F 109 11.59 -30.32 -28.66
CA ARG F 109 11.60 -30.49 -30.11
C ARG F 109 10.56 -29.55 -30.71
N PHE F 110 10.83 -29.11 -31.95
CA PHE F 110 9.91 -28.26 -32.73
C PHE F 110 10.35 -28.41 -34.19
N GLU F 111 9.86 -29.43 -34.85
CA GLU F 111 10.52 -29.98 -36.03
C GLU F 111 9.60 -30.86 -36.88
N SER F 112 9.84 -30.85 -38.18
CA SER F 112 9.23 -31.79 -39.06
C SER F 112 10.00 -33.11 -38.95
N ASP F 113 9.38 -34.13 -38.37
CA ASP F 113 10.04 -35.42 -38.09
C ASP F 113 9.67 -36.49 -39.11
N TYR F 114 10.61 -37.09 -39.81
CA TYR F 114 10.21 -38.15 -40.76
C TYR F 114 9.84 -39.45 -40.07
N ALA F 115 10.55 -39.79 -38.98
CA ALA F 115 10.26 -40.95 -38.14
C ALA F 115 10.10 -42.29 -38.96
N GLY F 116 11.06 -42.57 -39.83
CA GLY F 116 11.02 -43.72 -40.75
C GLY F 116 9.85 -43.71 -41.73
N GLN F 117 9.11 -42.62 -41.81
CA GLN F 117 7.96 -42.56 -42.72
C GLN F 117 8.20 -41.66 -43.93
N SER F 118 7.22 -41.66 -44.80
CA SER F 118 7.41 -41.15 -46.11
C SER F 118 6.80 -39.73 -46.15
N LEU F 119 5.79 -39.49 -45.33
CA LEU F 119 5.33 -38.13 -44.99
C LEU F 119 5.70 -37.77 -43.52
N PRO F 120 6.29 -36.57 -43.32
CA PRO F 120 6.73 -36.25 -41.97
C PRO F 120 5.58 -35.70 -41.07
N ALA F 121 5.85 -35.62 -39.76
CA ALA F 121 4.92 -35.18 -38.74
C ALA F 121 5.44 -33.88 -38.15
N ALA F 122 4.67 -32.80 -38.21
CA ALA F 122 5.08 -31.58 -37.51
C ALA F 122 4.98 -31.92 -36.04
N THR F 123 6.06 -31.68 -35.31
CA THR F 123 6.22 -32.26 -33.99
C THR F 123 6.64 -31.23 -32.95
N ILE F 124 5.87 -31.17 -31.87
CA ILE F 124 6.24 -30.33 -30.75
C ILE F 124 6.31 -31.15 -29.46
N GLU F 125 7.44 -31.13 -28.79
CA GLU F 125 7.52 -31.68 -27.45
C GLU F 125 8.05 -30.60 -26.50
N LEU F 126 7.38 -30.40 -25.37
CA LEU F 126 7.83 -29.40 -24.38
C LEU F 126 7.45 -29.75 -22.94
N ASN F 127 8.27 -29.29 -21.98
CA ASN F 127 7.94 -29.39 -20.55
C ASN F 127 7.44 -28.05 -20.04
N ALA F 128 6.40 -28.07 -19.22
CA ALA F 128 5.80 -26.84 -18.70
C ALA F 128 5.84 -26.93 -17.20
N LYS F 129 6.22 -25.84 -16.55
CA LYS F 129 6.19 -25.78 -15.08
C LYS F 129 5.30 -24.68 -14.66
N LEU F 130 4.47 -24.96 -13.67
CA LEU F 130 3.66 -23.91 -13.08
C LEU F 130 4.33 -23.59 -11.74
N LEU F 131 4.71 -22.33 -11.55
CA LEU F 131 5.35 -21.90 -10.30
C LEU F 131 4.44 -20.94 -9.60
N HIS F 132 4.38 -21.03 -8.27
CA HIS F 132 3.74 -19.97 -7.47
C HIS F 132 4.81 -18.92 -7.18
N SER F 133 4.52 -17.67 -7.57
CA SER F 133 5.53 -16.60 -7.61
C SER F 133 6.13 -16.15 -6.27
N SER F 134 5.29 -15.97 -5.23
CA SER F 134 5.75 -15.64 -3.82
C SER F 134 6.94 -16.49 -3.41
N ASP F 135 6.68 -17.78 -3.23
CA ASP F 135 7.66 -18.69 -2.65
C ASP F 135 8.49 -19.43 -3.68
N GLN F 136 8.39 -19.04 -4.95
CA GLN F 136 9.16 -19.68 -6.02
C GLN F 136 9.04 -21.23 -5.85
N ARG F 137 7.80 -21.71 -5.87
CA ARG F 137 7.53 -23.10 -5.56
C ARG F 137 6.86 -23.76 -6.78
N VAL F 138 7.42 -24.91 -7.20
CA VAL F 138 6.81 -25.68 -8.30
C VAL F 138 5.43 -26.21 -7.87
N VAL F 139 4.36 -25.65 -8.41
CA VAL F 139 3.05 -26.23 -8.21
C VAL F 139 3.01 -27.62 -8.86
N ALA F 140 3.53 -27.72 -10.10
CA ALA F 140 3.36 -28.88 -11.01
C ALA F 140 4.18 -28.71 -12.28
N SER F 141 4.35 -29.82 -13.00
CA SER F 141 5.28 -29.90 -14.09
C SER F 141 4.74 -30.99 -14.98
N ARG F 142 4.67 -30.77 -16.31
CA ARG F 142 4.11 -31.79 -17.22
C ARG F 142 4.64 -31.68 -18.63
N THR F 143 5.00 -32.82 -19.20
CA THR F 143 5.48 -32.89 -20.57
C THR F 143 4.34 -33.10 -21.52
N PHE F 144 4.33 -32.30 -22.58
CA PHE F 144 3.27 -32.33 -23.55
C PHE F 144 3.89 -32.70 -24.86
N THR F 145 3.22 -33.56 -25.61
CA THR F 145 3.78 -33.99 -26.91
C THR F 145 2.70 -34.01 -27.98
N VAL F 146 2.96 -33.37 -29.11
CA VAL F 146 2.05 -33.40 -30.27
C VAL F 146 2.80 -33.68 -31.58
N ALA F 147 2.25 -34.58 -32.39
CA ALA F 147 2.86 -34.94 -33.69
C ALA F 147 1.73 -35.08 -34.69
N ARG F 148 1.68 -34.24 -35.72
CA ARG F 148 0.62 -34.23 -36.75
C ARG F 148 1.23 -34.41 -38.12
N PRO F 149 0.97 -35.55 -38.74
CA PRO F 149 1.52 -35.90 -40.05
C PRO F 149 1.12 -34.91 -41.11
N SER F 150 2.01 -34.65 -42.04
CA SER F 150 1.65 -33.76 -43.11
C SER F 150 1.01 -34.47 -44.31
N SER F 151 0.12 -33.78 -45.01
CA SER F 151 -0.49 -34.33 -46.23
C SER F 151 0.52 -34.52 -47.35
N SER F 152 1.59 -33.77 -47.36
CA SER F 152 2.65 -34.00 -48.30
C SER F 152 3.97 -33.50 -47.76
N THR F 153 4.92 -33.42 -48.69
CA THR F 153 6.31 -33.26 -48.42
C THR F 153 6.71 -31.80 -48.61
N ASP F 154 5.85 -31.01 -49.30
CA ASP F 154 6.10 -29.58 -49.49
C ASP F 154 6.06 -28.87 -48.13
N THR F 155 6.86 -27.81 -48.00
CA THR F 155 6.87 -26.99 -46.81
C THR F 155 5.48 -26.37 -46.50
N ALA F 156 4.68 -26.02 -47.51
CA ALA F 156 3.34 -25.46 -47.21
C ALA F 156 2.49 -26.46 -46.42
N ALA F 157 2.38 -27.70 -46.92
CA ALA F 157 1.73 -28.78 -46.17
C ALA F 157 2.34 -28.99 -44.76
N VAL F 158 3.66 -28.85 -44.64
CA VAL F 158 4.33 -29.09 -43.35
C VAL F 158 4.03 -27.89 -42.45
N ALA F 159 4.02 -26.68 -43.03
CA ALA F 159 3.66 -25.47 -42.25
C ALA F 159 2.20 -25.53 -41.77
N ALA F 160 1.29 -26.00 -42.63
CA ALA F 160 -0.09 -26.24 -42.23
C ALA F 160 -0.14 -27.28 -41.09
N ALA F 161 0.68 -28.34 -41.17
CA ALA F 161 0.64 -29.33 -40.07
C ALA F 161 1.10 -28.69 -38.73
N PHE F 162 2.12 -27.82 -38.81
CA PHE F 162 2.64 -27.15 -37.65
C PHE F 162 1.58 -26.28 -37.02
N GLU F 163 0.79 -25.61 -37.83
CA GLU F 163 -0.30 -24.84 -37.30
C GLU F 163 -1.23 -25.74 -36.45
N GLN F 164 -1.54 -26.95 -36.94
CA GLN F 164 -2.36 -27.91 -36.16
C GLN F 164 -1.68 -28.29 -34.87
N ALA F 165 -0.36 -28.52 -34.94
CA ALA F 165 0.38 -28.99 -33.80
C ALA F 165 0.45 -27.93 -32.74
N LEU F 166 0.68 -26.69 -33.18
CA LEU F 166 0.80 -25.56 -32.26
C LEU F 166 -0.53 -25.31 -31.53
N THR F 167 -1.64 -25.44 -32.25
CA THR F 167 -2.95 -25.23 -31.73
C THR F 167 -3.28 -26.25 -30.61
N GLN F 168 -3.10 -27.54 -30.91
CA GLN F 168 -3.34 -28.57 -29.91
C GLN F 168 -2.46 -28.38 -28.65
N VAL F 169 -1.16 -28.19 -28.80
CA VAL F 169 -0.30 -28.09 -27.62
C VAL F 169 -0.67 -26.85 -26.81
N THR F 170 -1.00 -25.75 -27.52
CA THR F 170 -1.45 -24.51 -26.84
C THR F 170 -2.71 -24.83 -26.06
N THR F 171 -3.67 -25.49 -26.71
CA THR F 171 -4.93 -25.83 -26.05
C THR F 171 -4.63 -26.56 -24.76
N GLU F 172 -3.80 -27.57 -24.87
CA GLU F 172 -3.47 -28.41 -23.74
C GLU F 172 -2.79 -27.64 -22.64
N LEU F 173 -1.89 -26.73 -22.97
CA LEU F 173 -1.24 -25.88 -21.96
C LEU F 173 -2.20 -24.94 -21.21
N VAL F 174 -3.10 -24.31 -21.93
CA VAL F 174 -4.00 -23.36 -21.32
C VAL F 174 -4.85 -24.12 -20.29
N GLY F 175 -5.62 -25.11 -20.77
CA GLY F 175 -6.37 -26.06 -19.94
C GLY F 175 -5.64 -26.52 -18.69
N TRP F 176 -4.48 -27.13 -18.87
CA TRP F 176 -3.75 -27.62 -17.73
C TRP F 176 -3.40 -26.49 -16.78
N THR F 177 -2.95 -25.35 -17.32
CA THR F 177 -2.58 -24.19 -16.50
C THR F 177 -3.78 -23.68 -15.69
N LEU F 178 -4.94 -23.55 -16.33
CA LEU F 178 -6.12 -23.02 -15.65
C LEU F 178 -6.52 -23.94 -14.52
N ILE F 179 -6.62 -25.24 -14.81
CA ILE F 179 -7.05 -26.26 -13.88
C ILE F 179 -6.04 -26.47 -12.73
N THR F 180 -4.76 -26.51 -13.05
CA THR F 180 -3.77 -26.85 -12.04
C THR F 180 -3.44 -25.69 -11.09
N GLY F 181 -3.41 -24.46 -11.60
CA GLY F 181 -3.21 -23.26 -10.75
C GLY F 181 -4.39 -23.09 -9.79
N GLN F 182 -5.61 -23.29 -10.31
CA GLN F 182 -6.83 -23.21 -9.52
C GLN F 182 -6.90 -24.21 -8.39
N GLN F 183 -6.39 -25.43 -8.59
CA GLN F 183 -6.33 -26.38 -7.49
C GLN F 183 -5.33 -25.90 -6.44
N ASP F 184 -4.22 -25.29 -6.86
CA ASP F 184 -3.24 -24.82 -5.89
C ASP F 184 -3.80 -23.66 -5.08
N SER F 185 -4.57 -22.79 -5.74
CA SER F 185 -4.99 -21.56 -5.11
C SER F 185 -6.00 -21.84 -3.98
N GLN F 186 -6.97 -22.72 -4.24
CA GLN F 186 -7.95 -23.14 -3.22
C GLN F 186 -7.35 -23.86 -1.98
N THR F 187 -6.03 -24.07 -1.95
CA THR F 187 -5.33 -24.59 -0.76
C THR F 187 -4.54 -23.50 -0.01
N THR G 11 9.19 4.24 -52.10
CA THR G 11 7.92 4.92 -51.74
C THR G 11 7.65 4.80 -50.23
N ILE G 12 7.50 5.95 -49.57
CA ILE G 12 7.23 5.97 -48.14
C ILE G 12 5.82 6.48 -47.94
N TYR G 13 4.99 5.65 -47.30
CA TYR G 13 3.63 6.06 -47.02
C TYR G 13 3.56 6.60 -45.59
N ALA G 14 2.91 7.75 -45.45
CA ALA G 14 2.76 8.35 -44.14
C ALA G 14 1.31 8.68 -44.05
N PRO G 15 0.53 7.76 -43.50
CA PRO G 15 -0.88 8.04 -43.31
C PRO G 15 -1.05 9.13 -42.25
N THR G 16 -2.24 9.69 -42.18
CA THR G 16 -2.55 10.79 -41.24
C THR G 16 -3.82 10.44 -40.44
N VAL G 17 -3.62 10.23 -39.16
CA VAL G 17 -4.69 9.71 -38.34
C VAL G 17 -5.19 10.88 -37.50
N ARG G 18 -6.44 11.26 -37.73
CA ARG G 18 -7.11 12.29 -36.94
C ARG G 18 -8.39 11.69 -36.37
N VAL G 19 -8.43 11.51 -35.05
CA VAL G 19 -9.65 11.05 -34.42
C VAL G 19 -10.55 12.20 -33.99
N THR G 20 -11.79 12.20 -34.44
CA THR G 20 -12.72 13.21 -33.96
C THR G 20 -13.27 12.72 -32.63
N PRO G 21 -13.16 13.56 -31.57
CA PRO G 21 -13.57 13.08 -30.25
C PRO G 21 -15.05 12.82 -30.20
N ASN G 22 -15.44 11.80 -29.44
CA ASN G 22 -16.84 11.55 -29.14
C ASN G 22 -17.36 12.35 -27.93
N PRO G 23 -18.35 13.24 -28.16
CA PRO G 23 -18.93 13.98 -27.02
C PRO G 23 -19.25 13.05 -25.85
N ALA G 24 -19.74 11.86 -26.15
CA ALA G 24 -20.21 10.97 -25.10
C ALA G 24 -19.11 10.36 -24.22
N TRP G 25 -17.83 10.71 -24.46
CA TRP G 25 -16.71 10.15 -23.65
C TRP G 25 -16.52 10.90 -22.33
N PRO G 26 -16.24 10.16 -21.26
CA PRO G 26 -16.02 10.89 -20.02
C PRO G 26 -14.83 11.83 -20.12
N GLN G 27 -15.01 13.09 -19.73
CA GLN G 27 -13.84 13.89 -19.41
C GLN G 27 -13.31 13.44 -18.04
N VAL G 28 -12.01 13.36 -17.91
CA VAL G 28 -11.41 12.60 -16.82
C VAL G 28 -10.23 13.37 -16.34
N SER G 29 -9.85 13.11 -15.10
CA SER G 29 -8.81 13.91 -14.46
C SER G 29 -7.61 13.09 -13.95
N TRP G 30 -7.66 11.76 -14.14
CA TRP G 30 -6.48 10.89 -13.91
C TRP G 30 -5.39 11.03 -15.00
N GLN G 31 -4.23 10.42 -14.76
CA GLN G 31 -3.11 10.53 -15.69
C GLN G 31 -2.80 9.18 -16.32
N LEU G 32 -2.57 9.21 -17.64
CA LEU G 32 -2.39 7.98 -18.41
C LEU G 32 -1.03 7.86 -19.04
N LEU G 33 -0.28 6.82 -18.67
CA LEU G 33 0.91 6.39 -19.42
C LEU G 33 0.47 5.54 -20.62
N VAL G 34 0.90 5.86 -21.84
CA VAL G 34 0.66 4.99 -23.02
C VAL G 34 1.97 4.25 -23.31
N ALA G 35 2.04 2.95 -22.99
CA ALA G 35 3.27 2.17 -23.16
C ALA G 35 3.67 1.96 -24.64
N LYS G 36 4.92 1.56 -24.89
CA LYS G 36 5.30 1.09 -26.24
C LYS G 36 4.55 -0.16 -26.60
N PRO G 37 3.77 -0.13 -27.69
CA PRO G 37 3.16 -1.37 -28.06
C PRO G 37 4.20 -2.47 -28.37
N SER G 38 3.87 -3.70 -27.97
CA SER G 38 4.65 -4.90 -28.21
C SER G 38 4.19 -5.61 -29.53
N ALA G 39 5.15 -6.08 -30.32
CA ALA G 39 4.87 -6.88 -31.51
C ALA G 39 6.05 -7.74 -31.91
N ALA G 40 5.85 -8.63 -32.88
CA ALA G 40 6.91 -9.43 -33.47
C ALA G 40 7.68 -8.56 -34.44
N ARG G 41 8.99 -8.73 -34.50
CA ARG G 41 9.84 -7.91 -35.37
C ARG G 41 9.36 -7.72 -36.81
N ILE G 42 8.59 -8.67 -37.35
CA ILE G 42 8.08 -8.53 -38.72
C ILE G 42 7.07 -7.37 -38.76
N ILE G 43 6.33 -7.14 -37.66
CA ILE G 43 5.41 -6.02 -37.54
C ILE G 43 6.12 -4.74 -37.08
N ASP G 44 7.12 -4.87 -36.21
CA ASP G 44 7.85 -3.71 -35.67
C ASP G 44 8.92 -3.26 -36.67
N SER G 45 8.49 -2.94 -37.89
CA SER G 45 9.40 -2.54 -38.93
C SER G 45 8.66 -1.57 -39.85
N PRO G 46 9.39 -0.91 -40.75
CA PRO G 46 8.70 -0.08 -41.71
C PRO G 46 8.24 -0.89 -42.92
N ARG G 47 8.45 -2.21 -42.88
CA ARG G 47 8.06 -3.07 -43.98
C ARG G 47 6.56 -3.32 -43.92
N ILE G 48 5.88 -3.27 -45.07
CA ILE G 48 4.43 -3.39 -45.10
C ILE G 48 4.04 -4.82 -45.37
N ASN G 49 3.44 -5.45 -44.38
CA ASN G 49 3.11 -6.88 -44.46
C ASN G 49 1.92 -7.18 -45.35
N VAL G 50 2.02 -8.27 -46.09
CA VAL G 50 0.90 -8.72 -46.90
C VAL G 50 0.82 -10.26 -46.82
N ARG G 51 -0.41 -10.76 -46.91
CA ARG G 51 -0.70 -12.16 -46.74
C ARG G 51 -1.52 -12.58 -47.95
N PRO G 52 -0.85 -13.08 -49.02
CA PRO G 52 -1.55 -13.46 -50.29
C PRO G 52 -2.26 -14.83 -50.25
N THR G 53 -1.81 -15.75 -49.40
CA THR G 53 -2.64 -16.90 -48.99
C THR G 53 -2.64 -16.99 -47.48
N PRO G 54 -3.64 -17.67 -46.91
CA PRO G 54 -3.75 -17.71 -45.46
C PRO G 54 -2.47 -18.09 -44.70
N GLY G 55 -1.67 -19.04 -45.17
CA GLY G 55 -0.56 -19.50 -44.35
C GLY G 55 0.75 -18.76 -44.48
N GLU G 56 0.80 -17.76 -45.36
CA GLU G 56 2.10 -17.17 -45.73
C GLU G 56 2.18 -15.61 -45.60
N LEU G 57 3.32 -15.07 -45.15
CA LEU G 57 3.51 -13.61 -45.11
C LEU G 57 4.58 -13.15 -46.07
N GLN G 58 4.25 -12.10 -46.83
CA GLN G 58 5.19 -11.38 -47.73
C GLN G 58 5.26 -9.90 -47.33
N VAL G 59 6.16 -9.16 -47.97
CA VAL G 59 6.23 -7.70 -47.88
C VAL G 59 6.10 -7.07 -49.28
N TYR G 60 5.39 -5.96 -49.38
CA TYR G 60 5.33 -5.22 -50.63
C TYR G 60 6.75 -4.73 -50.93
N HIS G 61 7.21 -4.93 -52.15
CA HIS G 61 8.51 -4.44 -52.55
C HIS G 61 8.40 -3.03 -53.10
N GLY G 62 9.43 -2.24 -52.86
CA GLY G 62 9.43 -0.86 -53.33
C GLY G 62 8.43 0.04 -52.61
N ALA G 63 7.92 -0.41 -51.45
CA ALA G 63 7.16 0.43 -50.50
C ALA G 63 7.53 0.19 -49.01
N GLY G 64 7.53 1.24 -48.20
CA GLY G 64 7.57 1.08 -46.76
C GLY G 64 6.75 2.14 -46.02
N TRP G 65 6.74 2.03 -44.69
CA TRP G 65 6.06 2.99 -43.82
C TRP G 65 7.01 4.14 -43.45
N ALA G 66 6.51 5.27 -42.96
CA ALA G 66 7.42 6.32 -42.50
C ALA G 66 8.12 5.91 -41.22
N GLN G 67 7.44 5.05 -40.47
CA GLN G 67 8.00 4.55 -39.21
C GLN G 67 7.50 3.11 -38.96
N PRO G 68 8.16 2.37 -38.05
CA PRO G 68 7.62 1.06 -37.68
C PRO G 68 6.13 1.13 -37.35
N ALA G 69 5.39 0.09 -37.76
CA ALA G 69 3.98 -0.04 -37.49
C ALA G 69 3.65 0.20 -36.01
N THR G 70 4.45 -0.36 -35.10
CA THR G 70 4.25 -0.15 -33.67
C THR G 70 4.23 1.34 -33.32
N ASP G 71 5.23 2.09 -33.80
CA ASP G 71 5.29 3.53 -33.61
C ASP G 71 4.10 4.26 -34.23
N MET G 72 3.68 3.85 -35.43
CA MET G 72 2.54 4.51 -36.05
C MET G 72 1.38 4.43 -35.06
N LEU G 73 1.26 3.29 -34.40
CA LEU G 73 0.14 3.05 -33.53
C LEU G 73 0.34 3.78 -32.20
N GLU G 74 1.56 3.75 -31.71
CA GLU G 74 1.86 4.49 -30.52
C GLU G 74 1.50 5.94 -30.72
N ASP G 75 1.92 6.54 -31.83
CA ASP G 75 1.65 7.95 -32.09
C ASP G 75 0.15 8.29 -32.30
N SER G 76 -0.58 7.39 -32.92
CA SER G 76 -1.97 7.72 -33.19
C SER G 76 -2.76 7.75 -31.93
N VAL G 77 -2.39 6.88 -30.99
CA VAL G 77 -3.14 6.69 -29.79
C VAL G 77 -2.82 7.87 -28.89
N VAL G 78 -1.52 8.10 -28.64
CA VAL G 78 -1.10 9.23 -27.82
C VAL G 78 -1.70 10.54 -28.33
N ARG G 79 -1.60 10.80 -29.63
CA ARG G 79 -2.11 12.03 -30.18
C ARG G 79 -3.61 12.07 -30.27
N ALA G 80 -4.30 10.95 -30.08
CA ALA G 80 -5.77 10.99 -30.14
C ALA G 80 -6.37 11.25 -28.76
N PHE G 81 -5.63 10.82 -27.74
CA PHE G 81 -5.94 11.24 -26.40
C PHE G 81 -5.79 12.76 -26.30
N GLU G 82 -4.62 13.25 -26.72
CA GLU G 82 -4.26 14.67 -26.58
C GLU G 82 -5.22 15.58 -27.32
N ASP G 83 -5.56 15.22 -28.54
CA ASP G 83 -6.36 16.10 -29.33
C ASP G 83 -7.86 15.90 -29.13
N SER G 84 -8.22 15.22 -28.06
CA SER G 84 -9.62 14.88 -27.84
C SER G 84 -10.28 15.80 -26.81
N GLY G 85 -9.47 16.37 -25.92
CA GLY G 85 -9.96 17.27 -24.90
C GLY G 85 -10.71 16.55 -23.80
N LYS G 86 -10.41 15.27 -23.61
CA LYS G 86 -11.05 14.52 -22.53
C LYS G 86 -10.06 14.16 -21.47
N ILE G 87 -8.78 14.37 -21.77
CA ILE G 87 -7.74 14.02 -20.81
C ILE G 87 -6.57 14.98 -20.96
N ALA G 88 -6.20 15.61 -19.88
CA ALA G 88 -5.20 16.64 -19.97
C ALA G 88 -3.86 16.15 -19.51
N ALA G 89 -3.77 14.91 -19.02
CA ALA G 89 -2.45 14.32 -18.75
C ALA G 89 -2.24 12.94 -19.41
N VAL G 90 -1.60 12.95 -20.58
CA VAL G 90 -1.24 11.72 -21.28
C VAL G 90 0.25 11.71 -21.52
N ALA G 91 0.92 10.62 -21.17
CA ALA G 91 2.38 10.58 -21.34
C ALA G 91 2.88 9.34 -22.09
N ARG G 92 4.08 9.42 -22.65
CA ARG G 92 4.80 8.28 -23.13
C ARG G 92 5.79 7.88 -22.05
N ILE G 93 6.56 6.82 -22.28
CA ILE G 93 7.68 6.52 -21.41
C ILE G 93 8.76 7.60 -21.53
N SER G 99 1.37 9.36 -13.28
CA SER G 99 0.85 8.14 -13.96
C SER G 99 -0.15 7.21 -13.21
N ASP G 100 -1.47 7.34 -13.46
CA ASP G 100 -2.50 6.56 -12.71
C ASP G 100 -2.85 5.20 -13.34
N TYR G 101 -3.10 5.19 -14.66
CA TYR G 101 -3.25 3.97 -15.47
C TYR G 101 -2.19 3.89 -16.55
N LYS G 102 -1.88 2.66 -16.95
CA LYS G 102 -0.95 2.37 -18.04
C LYS G 102 -1.71 1.55 -19.08
N LEU G 103 -1.54 1.88 -20.35
CA LEU G 103 -2.30 1.23 -21.45
C LEU G 103 -1.28 0.48 -22.25
N ALA G 104 -1.34 -0.85 -22.18
CA ALA G 104 -0.36 -1.74 -22.84
C ALA G 104 -1.02 -2.46 -23.99
N ILE G 105 -0.45 -2.28 -25.17
CA ILE G 105 -1.03 -2.80 -26.39
C ILE G 105 -0.07 -3.83 -26.93
N ASP G 106 -0.61 -5.01 -27.27
CA ASP G 106 0.15 -6.04 -27.98
C ASP G 106 -0.44 -6.21 -29.38
N VAL G 107 0.39 -6.01 -30.40
CA VAL G 107 -0.11 -6.03 -31.78
C VAL G 107 0.04 -7.43 -32.39
N ARG G 108 -1.07 -8.01 -32.85
CA ARG G 108 -1.04 -9.39 -33.42
C ARG G 108 -0.98 -9.36 -34.94
N ARG G 109 -1.84 -8.61 -35.59
CA ARG G 109 -1.69 -8.47 -37.03
C ARG G 109 -1.57 -7.00 -37.41
N PHE G 110 -0.77 -6.73 -38.44
CA PHE G 110 -0.71 -5.41 -39.06
C PHE G 110 -0.38 -5.62 -40.53
N GLU G 111 -1.39 -5.97 -41.30
CA GLU G 111 -1.07 -6.57 -42.58
C GLU G 111 -2.16 -6.28 -43.60
N SER G 112 -1.76 -6.38 -44.85
CA SER G 112 -2.67 -6.34 -45.97
C SER G 112 -3.11 -7.77 -46.24
N ASP G 113 -4.38 -8.07 -46.07
CA ASP G 113 -4.85 -9.45 -46.00
C ASP G 113 -5.83 -9.76 -47.11
N TYR G 114 -5.48 -10.74 -47.94
CA TYR G 114 -6.32 -11.09 -49.05
C TYR G 114 -7.52 -11.87 -48.58
N ALA G 115 -7.34 -12.66 -47.54
CA ALA G 115 -8.46 -13.45 -46.97
C ALA G 115 -9.34 -13.99 -48.08
N GLY G 116 -8.70 -14.64 -49.06
CA GLY G 116 -9.38 -15.33 -50.18
C GLY G 116 -10.22 -14.45 -51.08
N GLN G 117 -9.86 -13.18 -51.18
CA GLN G 117 -10.58 -12.24 -52.01
C GLN G 117 -9.66 -11.72 -53.10
N SER G 118 -10.26 -11.12 -54.11
CA SER G 118 -9.53 -10.51 -55.19
C SER G 118 -8.90 -9.15 -54.77
N LEU G 119 -9.42 -8.48 -53.74
CA LEU G 119 -8.78 -7.24 -53.17
C LEU G 119 -8.52 -7.41 -51.67
N PRO G 120 -7.35 -6.98 -51.19
CA PRO G 120 -6.97 -7.21 -49.80
C PRO G 120 -7.55 -6.17 -48.87
N ALA G 121 -7.72 -6.55 -47.60
CA ALA G 121 -8.19 -5.65 -46.55
C ALA G 121 -7.03 -5.25 -45.60
N ALA G 122 -6.83 -3.96 -45.40
CA ALA G 122 -5.91 -3.53 -44.36
C ALA G 122 -6.51 -3.97 -43.03
N THR G 123 -5.77 -4.80 -42.32
CA THR G 123 -6.26 -5.51 -41.15
C THR G 123 -5.32 -5.20 -39.99
N ILE G 124 -5.92 -4.79 -38.86
CA ILE G 124 -5.17 -4.63 -37.65
C ILE G 124 -5.81 -5.38 -36.49
N GLU G 125 -5.04 -6.23 -35.84
CA GLU G 125 -5.53 -6.95 -34.68
C GLU G 125 -4.59 -6.73 -33.50
N LEU G 126 -5.14 -6.28 -32.38
CA LEU G 126 -4.32 -6.01 -31.18
C LEU G 126 -5.08 -6.31 -29.89
N ASN G 127 -4.36 -6.53 -28.81
CA ASN G 127 -4.98 -6.67 -27.49
C ASN G 127 -4.47 -5.59 -26.52
N ALA G 128 -5.39 -4.84 -25.97
CA ALA G 128 -5.07 -3.73 -25.08
C ALA G 128 -5.30 -4.13 -23.63
N LYS G 129 -4.30 -3.98 -22.79
CA LYS G 129 -4.52 -4.08 -21.35
C LYS G 129 -4.37 -2.73 -20.69
N LEU G 130 -5.41 -2.32 -19.96
CA LEU G 130 -5.33 -1.22 -19.02
C LEU G 130 -4.99 -1.70 -17.59
N LEU G 131 -3.79 -1.35 -17.12
CA LEU G 131 -3.36 -1.58 -15.75
C LEU G 131 -3.61 -0.37 -14.88
N HIS G 132 -3.65 -0.60 -13.56
CA HIS G 132 -3.68 0.45 -12.54
C HIS G 132 -2.28 0.51 -11.97
N SER G 133 -1.57 1.60 -12.20
CA SER G 133 -0.11 1.67 -11.99
C SER G 133 0.38 1.31 -10.59
N SER G 134 -0.34 1.78 -9.54
CA SER G 134 0.06 1.54 -8.14
C SER G 134 0.01 0.07 -7.66
N ASP G 135 -1.14 -0.60 -7.79
CA ASP G 135 -1.25 -2.03 -7.49
C ASP G 135 -0.57 -2.91 -8.55
N GLN G 136 -0.51 -2.42 -9.81
CA GLN G 136 -0.18 -3.26 -10.98
C GLN G 136 -1.30 -4.31 -11.18
N ARG G 137 -2.49 -3.78 -11.41
CA ARG G 137 -3.68 -4.57 -11.31
C ARG G 137 -4.27 -4.41 -12.68
N VAL G 138 -4.64 -5.53 -13.33
CA VAL G 138 -5.38 -5.40 -14.58
C VAL G 138 -6.79 -4.83 -14.34
N VAL G 139 -7.07 -3.69 -14.92
CA VAL G 139 -8.42 -3.21 -14.87
C VAL G 139 -9.24 -4.06 -15.82
N ALA G 140 -8.82 -4.12 -17.09
CA ALA G 140 -9.51 -4.91 -18.13
C ALA G 140 -8.64 -5.24 -19.31
N SER G 141 -9.18 -6.09 -20.17
CA SER G 141 -8.48 -6.62 -21.31
C SER G 141 -9.51 -6.61 -22.44
N ARG G 142 -9.13 -6.18 -23.65
CA ARG G 142 -9.98 -6.38 -24.83
C ARG G 142 -9.10 -6.57 -26.04
N THR G 143 -9.57 -7.43 -26.95
CA THR G 143 -8.94 -7.63 -28.27
C THR G 143 -9.72 -6.84 -29.29
N PHE G 144 -9.03 -6.08 -30.13
CA PHE G 144 -9.65 -5.21 -31.17
C PHE G 144 -9.19 -5.68 -32.53
N THR G 145 -10.13 -5.75 -33.47
CA THR G 145 -9.86 -6.19 -34.84
C THR G 145 -10.57 -5.26 -35.80
N VAL G 146 -9.85 -4.78 -36.81
CA VAL G 146 -10.41 -3.84 -37.75
C VAL G 146 -9.91 -4.23 -39.13
N ALA G 147 -10.82 -4.39 -40.07
CA ALA G 147 -10.42 -4.77 -41.43
C ALA G 147 -11.03 -3.85 -42.48
N ARG G 148 -10.20 -3.11 -43.20
CA ARG G 148 -10.73 -2.14 -44.18
C ARG G 148 -10.36 -2.49 -45.61
N PRO G 149 -11.34 -2.92 -46.39
CA PRO G 149 -11.08 -3.35 -47.78
C PRO G 149 -10.46 -2.22 -48.58
N SER G 150 -9.41 -2.53 -49.33
CA SER G 150 -8.80 -1.55 -50.20
C SER G 150 -9.58 -1.44 -51.50
N SER G 151 -9.50 -0.27 -52.14
CA SER G 151 -10.26 -0.05 -53.37
C SER G 151 -9.53 -0.63 -54.56
N SER G 152 -8.25 -0.88 -54.38
CA SER G 152 -7.44 -1.35 -55.47
C SER G 152 -6.31 -2.23 -54.93
N THR G 153 -5.62 -2.88 -55.84
CA THR G 153 -4.52 -3.74 -55.48
C THR G 153 -3.22 -2.93 -55.30
N ASP G 154 -3.21 -1.69 -55.80
CA ASP G 154 -2.04 -0.78 -55.68
C ASP G 154 -1.71 -0.52 -54.23
N THR G 155 -0.42 -0.35 -53.94
CA THR G 155 0.01 -0.15 -52.58
C THR G 155 -0.46 1.21 -52.03
N ALA G 156 -0.49 2.27 -52.84
CA ALA G 156 -1.13 3.53 -52.40
C ALA G 156 -2.60 3.35 -51.89
N ALA G 157 -3.35 2.43 -52.50
CA ALA G 157 -4.73 2.20 -52.07
C ALA G 157 -4.79 1.36 -50.83
N VAL G 158 -3.83 0.45 -50.68
CA VAL G 158 -3.72 -0.38 -49.49
C VAL G 158 -3.35 0.55 -48.30
N ALA G 159 -2.42 1.47 -48.55
CA ALA G 159 -1.98 2.40 -47.52
C ALA G 159 -3.12 3.35 -47.09
N ALA G 160 -4.01 3.66 -48.01
CA ALA G 160 -5.12 4.54 -47.70
C ALA G 160 -6.11 3.75 -46.85
N ALA G 161 -6.25 2.45 -47.13
CA ALA G 161 -7.05 1.58 -46.27
C ALA G 161 -6.49 1.49 -44.83
N PHE G 162 -5.17 1.46 -44.67
CA PHE G 162 -4.57 1.37 -43.35
C PHE G 162 -4.87 2.63 -42.54
N GLU G 163 -4.83 3.78 -43.21
CA GLU G 163 -5.19 5.05 -42.62
C GLU G 163 -6.59 4.95 -42.03
N GLN G 164 -7.52 4.41 -42.82
CA GLN G 164 -8.87 4.17 -42.30
C GLN G 164 -8.88 3.22 -41.10
N ALA G 165 -8.22 2.07 -41.23
CA ALA G 165 -8.16 1.06 -40.19
C ALA G 165 -7.51 1.58 -38.91
N LEU G 166 -6.39 2.27 -39.06
CA LEU G 166 -5.75 2.91 -37.90
C LEU G 166 -6.68 3.91 -37.18
N THR G 167 -7.46 4.66 -37.97
CA THR G 167 -8.37 5.64 -37.43
C THR G 167 -9.47 4.91 -36.66
N GLN G 168 -10.04 3.86 -37.24
CA GLN G 168 -11.02 3.08 -36.50
C GLN G 168 -10.44 2.43 -35.19
N VAL G 169 -9.34 1.69 -35.27
CA VAL G 169 -8.85 1.06 -34.06
C VAL G 169 -8.45 2.11 -33.00
N THR G 170 -8.00 3.28 -33.44
CA THR G 170 -7.56 4.28 -32.47
C THR G 170 -8.78 4.86 -31.77
N THR G 171 -9.81 5.20 -32.53
CA THR G 171 -11.07 5.69 -32.01
C THR G 171 -11.64 4.72 -30.99
N GLU G 172 -11.62 3.42 -31.26
CA GLU G 172 -12.19 2.44 -30.34
C GLU G 172 -11.34 2.31 -29.08
N LEU G 173 -10.03 2.37 -29.23
CA LEU G 173 -9.11 2.24 -28.12
C LEU G 173 -9.23 3.43 -27.14
N VAL G 174 -9.48 4.61 -27.67
CA VAL G 174 -9.45 5.81 -26.84
C VAL G 174 -10.73 5.79 -26.00
N GLY G 175 -11.86 5.67 -26.70
CA GLY G 175 -13.16 5.45 -26.09
C GLY G 175 -13.09 4.34 -25.06
N TRP G 176 -12.53 3.21 -25.41
CA TRP G 176 -12.51 2.12 -24.44
C TRP G 176 -11.72 2.54 -23.21
N THR G 177 -10.60 3.22 -23.40
CA THR G 177 -9.69 3.50 -22.28
C THR G 177 -10.29 4.55 -21.34
N LEU G 178 -10.92 5.56 -21.93
CA LEU G 178 -11.57 6.60 -21.17
C LEU G 178 -12.68 5.95 -20.33
N ILE G 179 -13.72 5.44 -20.98
CA ILE G 179 -14.78 4.74 -20.26
C ILE G 179 -14.22 3.76 -19.22
N THR G 180 -13.22 2.98 -19.57
CA THR G 180 -12.85 1.87 -18.72
C THR G 180 -12.03 2.32 -17.53
N GLY G 181 -11.09 3.23 -17.75
CA GLY G 181 -10.39 3.85 -16.63
C GLY G 181 -11.32 4.68 -15.74
N GLN G 182 -12.26 5.40 -16.34
CA GLN G 182 -13.15 6.22 -15.53
C GLN G 182 -13.93 5.35 -14.54
N GLN G 183 -14.60 4.33 -15.08
CA GLN G 183 -15.39 3.40 -14.29
C GLN G 183 -14.61 2.65 -13.25
N ASP G 184 -13.30 2.46 -13.44
CA ASP G 184 -12.49 1.83 -12.41
C ASP G 184 -12.22 2.79 -11.25
N SER G 185 -11.96 4.06 -11.57
CA SER G 185 -11.58 5.07 -10.57
C SER G 185 -12.78 5.74 -9.89
N GLN G 186 -13.95 5.15 -10.01
CA GLN G 186 -15.07 5.50 -9.14
C GLN G 186 -15.32 4.37 -8.13
N THR G 187 -14.25 3.77 -7.63
CA THR G 187 -14.33 2.61 -6.73
C THR G 187 -13.14 2.54 -5.74
N THR H 11 23.93 20.87 -50.57
CA THR H 11 23.41 22.22 -50.10
C THR H 11 22.85 22.24 -48.65
N ILE H 12 23.52 22.96 -47.74
CA ILE H 12 23.10 22.94 -46.35
C ILE H 12 22.31 24.19 -45.91
N TYR H 13 21.03 24.04 -45.61
CA TYR H 13 20.24 25.20 -45.11
C TYR H 13 20.32 25.41 -43.59
N ALA H 14 20.48 26.66 -43.18
CA ALA H 14 20.62 27.00 -41.76
C ALA H 14 19.78 28.27 -41.39
N PRO H 15 18.48 28.09 -41.10
CA PRO H 15 17.59 29.19 -40.70
C PRO H 15 18.12 29.96 -39.49
N THR H 16 17.74 31.21 -39.32
CA THR H 16 18.15 31.98 -38.15
C THR H 16 16.85 32.36 -37.49
N VAL H 17 16.62 31.88 -36.27
CA VAL H 17 15.38 32.17 -35.58
C VAL H 17 15.66 33.17 -34.47
N ARG H 18 15.01 34.33 -34.57
CA ARG H 18 15.09 35.40 -33.58
C ARG H 18 13.68 35.75 -33.20
N VAL H 19 13.37 35.65 -31.90
CA VAL H 19 12.02 35.88 -31.41
C VAL H 19 11.98 37.23 -30.71
N THR H 20 11.08 38.12 -31.16
CA THR H 20 11.00 39.46 -30.56
C THR H 20 10.29 39.34 -29.23
N PRO H 21 10.93 39.79 -28.13
CA PRO H 21 10.25 39.73 -26.84
C PRO H 21 8.86 40.38 -26.88
N ASN H 22 7.90 39.72 -26.22
CA ASN H 22 6.59 40.31 -26.07
C ASN H 22 6.48 41.09 -24.75
N PRO H 23 6.17 42.39 -24.84
CA PRO H 23 5.96 43.29 -23.68
C PRO H 23 4.98 42.75 -22.65
N ALA H 24 4.05 41.89 -23.07
CA ALA H 24 2.97 41.41 -22.22
C ALA H 24 3.20 40.03 -21.61
N TRP H 25 4.36 39.44 -21.91
CA TRP H 25 4.72 38.18 -21.32
C TRP H 25 5.09 38.45 -19.89
N PRO H 26 4.61 37.62 -18.93
CA PRO H 26 4.95 37.95 -17.54
C PRO H 26 6.43 37.77 -17.36
N GLN H 27 7.03 38.63 -16.58
CA GLN H 27 8.40 38.44 -16.05
C GLN H 27 8.34 37.44 -14.86
N VAL H 28 8.91 36.24 -15.00
CA VAL H 28 8.72 35.19 -13.97
C VAL H 28 9.99 34.87 -13.22
N SER H 29 9.87 34.25 -12.07
CA SER H 29 11.08 33.84 -11.32
C SER H 29 11.17 32.32 -11.03
N TRP H 30 10.20 31.54 -11.49
CA TRP H 30 10.45 30.10 -11.53
C TRP H 30 11.54 29.72 -12.55
N GLN H 31 11.99 28.47 -12.52
CA GLN H 31 13.09 28.01 -13.38
C GLN H 31 12.63 26.91 -14.31
N LEU H 32 13.09 26.98 -15.55
CA LEU H 32 12.51 26.13 -16.58
C LEU H 32 13.53 25.24 -17.20
N LEU H 33 13.19 23.98 -17.39
CA LEU H 33 14.04 23.07 -18.15
C LEU H 33 13.37 22.83 -19.50
N VAL H 34 14.18 22.78 -20.57
CA VAL H 34 13.67 22.37 -21.89
C VAL H 34 14.13 20.96 -22.30
N ALA H 35 13.23 19.99 -22.22
CA ALA H 35 13.51 18.62 -22.65
C ALA H 35 13.89 18.51 -24.14
N LYS H 36 14.58 17.43 -24.53
CA LYS H 36 14.83 17.21 -25.96
C LYS H 36 13.50 16.97 -26.61
N PRO H 37 13.21 17.70 -27.67
CA PRO H 37 12.01 17.36 -28.38
C PRO H 37 12.07 15.93 -28.92
N SER H 38 10.91 15.32 -29.11
CA SER H 38 10.84 13.95 -29.58
C SER H 38 10.09 13.83 -30.91
N ALA H 39 10.57 12.95 -31.76
CA ALA H 39 10.03 12.76 -33.11
C ALA H 39 10.35 11.37 -33.66
N ALA H 40 9.58 10.93 -34.64
CA ALA H 40 10.02 9.81 -35.46
C ALA H 40 11.38 10.09 -36.13
N ARG H 41 12.22 9.06 -36.35
CA ARG H 41 13.54 9.21 -37.00
C ARG H 41 13.54 10.06 -38.28
N ILE H 42 12.54 9.88 -39.12
CA ILE H 42 12.43 10.63 -40.38
C ILE H 42 12.38 12.17 -40.20
N ILE H 43 11.75 12.67 -39.14
CA ILE H 43 11.75 14.11 -38.82
C ILE H 43 13.06 14.51 -38.13
N ASP H 44 13.63 13.58 -37.36
CA ASP H 44 14.80 13.81 -36.48
C ASP H 44 16.05 13.47 -37.30
N SER H 45 16.11 14.04 -38.49
CA SER H 45 17.21 13.89 -39.40
C SER H 45 17.55 15.28 -39.95
N PRO H 46 18.72 15.40 -40.60
CA PRO H 46 18.89 16.63 -41.36
C PRO H 46 18.24 16.55 -42.74
N ARG H 47 17.51 15.47 -43.01
CA ARG H 47 16.83 15.33 -44.28
C ARG H 47 15.58 16.17 -44.26
N ILE H 48 15.21 16.73 -45.40
CA ILE H 48 14.11 17.68 -45.42
C ILE H 48 12.94 16.98 -46.06
N ASN H 49 11.87 16.82 -45.29
CA ASN H 49 10.76 16.01 -45.69
C ASN H 49 9.81 16.84 -46.52
N VAL H 50 9.13 16.17 -47.46
CA VAL H 50 8.23 16.82 -48.40
C VAL H 50 7.10 15.86 -48.80
N ARG H 51 5.90 16.41 -48.83
CA ARG H 51 4.70 15.64 -49.03
C ARG H 51 4.06 16.06 -50.34
N PRO H 52 4.45 15.38 -51.44
CA PRO H 52 3.91 15.78 -52.76
C PRO H 52 2.46 15.32 -53.02
N THR H 53 2.02 14.30 -52.27
CA THR H 53 0.63 13.82 -52.30
C THR H 53 0.30 13.50 -50.87
N PRO H 54 -0.98 13.70 -50.46
CA PRO H 54 -1.30 13.53 -49.03
C PRO H 54 -0.83 12.22 -48.37
N GLY H 55 -0.84 11.09 -49.07
CA GLY H 55 -0.50 9.84 -48.37
C GLY H 55 0.97 9.48 -48.29
N GLU H 56 1.84 10.34 -48.78
CA GLU H 56 3.22 9.94 -49.13
C GLU H 56 4.36 10.91 -48.69
N LEU H 57 5.53 10.40 -48.33
CA LEU H 57 6.69 11.26 -47.97
C LEU H 57 7.94 10.98 -48.79
N GLN H 58 8.63 12.05 -49.17
CA GLN H 58 9.93 12.00 -49.84
C GLN H 58 10.87 12.94 -49.12
N VAL H 59 12.14 12.95 -49.53
CA VAL H 59 13.14 13.90 -49.01
C VAL H 59 13.61 14.67 -50.20
N TYR H 60 13.94 15.94 -50.00
CA TYR H 60 14.48 16.71 -51.14
C TYR H 60 15.86 16.20 -51.31
N HIS H 61 16.25 15.87 -52.54
CA HIS H 61 17.56 15.30 -52.74
C HIS H 61 18.58 16.44 -52.82
N GLY H 62 19.82 16.16 -52.38
CA GLY H 62 20.83 17.24 -52.29
C GLY H 62 20.30 18.53 -51.64
N ALA H 63 19.78 18.37 -50.43
CA ALA H 63 19.41 19.48 -49.55
C ALA H 63 19.19 18.87 -48.17
N GLY H 64 19.79 19.50 -47.16
CA GLY H 64 19.53 19.15 -45.79
C GLY H 64 19.66 20.37 -44.89
N TRP H 65 19.42 20.11 -43.61
CA TRP H 65 19.50 21.09 -42.56
C TRP H 65 20.90 20.99 -41.90
N ALA H 66 21.36 22.07 -41.25
CA ALA H 66 22.69 22.12 -40.66
C ALA H 66 22.64 21.26 -39.44
N GLN H 67 21.46 20.76 -39.16
CA GLN H 67 21.18 20.32 -37.83
C GLN H 67 19.78 19.72 -37.89
N PRO H 68 19.59 18.57 -37.24
CA PRO H 68 18.30 17.89 -37.23
C PRO H 68 17.17 18.82 -36.77
N ALA H 69 15.97 18.58 -37.28
CA ALA H 69 14.82 19.42 -36.98
C ALA H 69 14.57 19.54 -35.49
N THR H 70 14.69 18.42 -34.80
CA THR H 70 14.51 18.39 -33.34
C THR H 70 15.52 19.29 -32.65
N ASP H 71 16.72 19.37 -33.19
CA ASP H 71 17.72 20.26 -32.63
C ASP H 71 17.48 21.71 -33.04
N MET H 72 16.94 21.94 -34.25
CA MET H 72 16.69 23.32 -34.69
C MET H 72 15.67 23.90 -33.74
N LEU H 73 14.69 23.10 -33.35
CA LEU H 73 13.64 23.52 -32.48
C LEU H 73 14.09 23.66 -31.01
N GLU H 74 14.75 22.63 -30.47
CA GLU H 74 15.35 22.76 -29.18
C GLU H 74 16.07 24.10 -29.04
N ASP H 75 17.01 24.41 -29.96
CA ASP H 75 17.81 25.66 -29.91
C ASP H 75 17.02 26.94 -30.00
N SER H 76 16.06 27.01 -30.92
CA SER H 76 15.18 28.16 -31.04
C SER H 76 14.43 28.51 -29.75
N VAL H 77 13.85 27.48 -29.14
CA VAL H 77 13.00 27.64 -27.99
C VAL H 77 13.87 28.16 -26.84
N VAL H 78 14.96 27.44 -26.57
CA VAL H 78 15.86 27.78 -25.49
C VAL H 78 16.39 29.21 -25.65
N ARG H 79 16.92 29.53 -26.84
CA ARG H 79 17.41 30.85 -27.19
C ARG H 79 16.36 31.91 -27.13
N ALA H 80 15.14 31.60 -27.54
CA ALA H 80 14.04 32.57 -27.44
C ALA H 80 13.71 32.94 -25.96
N PHE H 81 13.70 31.93 -25.07
CA PHE H 81 13.63 32.16 -23.61
C PHE H 81 14.80 32.99 -23.09
N GLU H 82 16.03 32.57 -23.43
CA GLU H 82 17.22 33.36 -23.16
C GLU H 82 17.11 34.82 -23.64
N ASP H 83 16.62 35.06 -24.85
CA ASP H 83 16.59 36.40 -25.45
C ASP H 83 15.42 37.24 -24.95
N SER H 84 14.44 36.62 -24.30
CA SER H 84 13.15 37.28 -24.01
C SER H 84 13.21 38.29 -22.92
N GLY H 85 14.10 38.08 -21.95
CA GLY H 85 14.22 39.00 -20.81
C GLY H 85 13.34 38.54 -19.67
N LYS H 86 12.37 37.69 -20.01
CA LYS H 86 11.34 37.26 -19.10
C LYS H 86 11.72 36.12 -18.14
N ILE H 87 12.86 35.48 -18.33
CA ILE H 87 13.23 34.36 -17.45
C ILE H 87 14.74 34.26 -17.14
N ALA H 88 15.08 34.40 -15.88
CA ALA H 88 16.44 34.27 -15.41
C ALA H 88 17.06 32.90 -15.67
N ALA H 89 16.27 31.83 -15.65
CA ALA H 89 16.83 30.50 -15.51
C ALA H 89 16.21 29.45 -16.44
N VAL H 90 16.83 29.23 -17.59
CA VAL H 90 16.35 28.21 -18.53
C VAL H 90 17.49 27.30 -18.83
N ALA H 91 17.25 26.00 -18.97
CA ALA H 91 18.33 25.08 -19.26
C ALA H 91 17.91 23.79 -19.92
N ARG H 92 18.89 22.89 -20.10
CA ARG H 92 18.72 21.55 -20.67
C ARG H 92 19.30 20.45 -19.78
N SER H 99 15.21 23.51 -11.28
CA SER H 99 14.18 23.25 -12.31
C SER H 99 12.75 23.06 -11.80
N ASP H 100 11.95 24.14 -11.82
CA ASP H 100 10.56 24.12 -11.34
C ASP H 100 9.57 23.59 -12.35
N TYR H 101 9.71 23.97 -13.62
CA TYR H 101 8.84 23.41 -14.68
C TYR H 101 9.66 22.80 -15.81
N LYS H 102 9.08 21.82 -16.50
CA LYS H 102 9.72 21.11 -17.64
C LYS H 102 8.88 21.30 -18.92
N LEU H 103 9.48 21.80 -19.98
CA LEU H 103 8.78 21.93 -21.25
C LEU H 103 9.12 20.78 -22.13
N ALA H 104 8.09 20.01 -22.50
CA ALA H 104 8.27 18.80 -23.32
C ALA H 104 7.51 18.87 -24.65
N ILE H 105 8.25 18.77 -25.75
CA ILE H 105 7.69 18.96 -27.05
C ILE H 105 7.82 17.66 -27.81
N ASP H 106 6.72 17.23 -28.42
CA ASP H 106 6.71 16.11 -29.32
C ASP H 106 6.42 16.67 -30.73
N VAL H 107 7.31 16.45 -31.70
CA VAL H 107 7.15 16.92 -33.09
C VAL H 107 6.37 15.92 -33.98
N ARG H 108 5.26 16.37 -34.58
CA ARG H 108 4.35 15.49 -35.29
C ARG H 108 4.56 15.52 -36.77
N ARG H 109 4.56 16.74 -37.33
CA ARG H 109 4.99 17.00 -38.69
C ARG H 109 6.08 18.06 -38.69
N PHE H 110 7.02 17.90 -39.62
CA PHE H 110 8.03 18.89 -39.87
C PHE H 110 8.44 18.80 -41.35
N GLU H 111 7.64 19.41 -42.22
CA GLU H 111 7.68 19.03 -43.60
C GLU H 111 7.19 20.15 -44.52
N SER H 112 7.60 20.07 -45.77
CA SER H 112 7.13 20.96 -46.77
C SER H 112 5.93 20.24 -47.41
N ASP H 113 4.73 20.77 -47.14
CA ASP H 113 3.45 20.13 -47.46
C ASP H 113 2.82 20.79 -48.70
N TYR H 114 2.59 20.02 -49.76
CA TYR H 114 2.03 20.57 -50.98
C TYR H 114 0.54 20.79 -50.77
N ALA H 115 -0.04 20.00 -49.84
CA ALA H 115 -1.44 20.12 -49.42
C ALA H 115 -2.40 20.42 -50.57
N GLY H 116 -2.25 19.71 -51.68
CA GLY H 116 -3.14 19.87 -52.83
C GLY H 116 -2.90 21.11 -53.64
N GLN H 117 -1.90 21.88 -53.25
CA GLN H 117 -1.61 23.18 -53.85
C GLN H 117 -0.44 23.10 -54.80
N SER H 118 -0.14 24.21 -55.43
CA SER H 118 0.84 24.19 -56.50
C SER H 118 2.20 24.52 -55.92
N LEU H 119 2.21 25.32 -54.84
CA LEU H 119 3.40 25.71 -54.08
C LEU H 119 3.19 25.23 -52.63
N PRO H 120 4.23 24.65 -52.00
CA PRO H 120 4.04 24.01 -50.72
C PRO H 120 4.20 24.94 -49.51
N ALA H 121 3.88 24.41 -48.35
CA ALA H 121 3.85 25.18 -47.16
C ALA H 121 4.80 24.51 -46.17
N ALA H 122 5.82 25.23 -45.70
CA ALA H 122 6.63 24.69 -44.66
C ALA H 122 5.69 24.52 -43.47
N THR H 123 5.64 23.32 -42.89
CA THR H 123 4.64 23.01 -41.90
C THR H 123 5.26 22.40 -40.64
N ILE H 124 4.97 23.01 -39.50
CA ILE H 124 5.39 22.47 -38.21
C ILE H 124 4.15 22.21 -37.36
N GLU H 125 3.94 20.96 -37.00
CA GLU H 125 2.91 20.63 -36.03
C GLU H 125 3.54 19.97 -34.83
N LEU H 126 3.29 20.51 -33.64
CA LEU H 126 3.82 19.91 -32.42
C LEU H 126 2.83 20.00 -31.25
N ASN H 127 3.11 19.28 -30.16
CA ASN H 127 2.30 19.34 -28.94
C ASN H 127 3.21 19.57 -27.76
N ALA H 128 2.93 20.60 -26.96
CA ALA H 128 3.82 20.91 -25.83
C ALA H 128 3.17 20.54 -24.53
N LYS H 129 3.98 20.06 -23.60
CA LYS H 129 3.46 19.83 -22.26
C LYS H 129 4.26 20.64 -21.32
N LEU H 130 3.58 21.30 -20.39
CA LEU H 130 4.27 21.83 -19.24
C LEU H 130 4.06 20.93 -18.01
N LEU H 131 5.15 20.35 -17.54
CA LEU H 131 5.14 19.54 -16.32
C LEU H 131 5.61 20.35 -15.15
N HIS H 132 5.01 20.12 -13.98
CA HIS H 132 5.58 20.58 -12.70
C HIS H 132 6.46 19.44 -12.20
N SER H 133 7.72 19.76 -11.89
CA SER H 133 8.79 18.75 -11.65
C SER H 133 8.67 17.85 -10.41
N SER H 134 8.30 18.43 -9.25
CA SER H 134 8.20 17.66 -8.00
C SER H 134 7.11 16.60 -8.02
N ASP H 135 5.95 16.90 -8.62
CA ASP H 135 4.83 15.95 -8.60
C ASP H 135 4.57 15.27 -9.92
N GLN H 136 5.49 15.46 -10.87
CA GLN H 136 5.33 15.01 -12.26
C GLN H 136 3.85 15.19 -12.69
N ARG H 137 3.40 16.45 -12.67
CA ARG H 137 2.00 16.74 -13.00
C ARG H 137 1.94 17.72 -14.17
N VAL H 138 1.25 17.27 -15.22
CA VAL H 138 1.03 18.09 -16.37
C VAL H 138 0.25 19.29 -15.90
N VAL H 139 0.76 20.47 -16.21
CA VAL H 139 0.07 21.72 -15.93
C VAL H 139 -1.00 21.89 -17.00
N ALA H 140 -0.56 22.16 -18.22
CA ALA H 140 -1.42 22.10 -19.38
C ALA H 140 -0.59 21.52 -20.50
N SER H 141 -1.20 21.52 -21.68
CA SER H 141 -0.71 20.76 -22.81
C SER H 141 -1.43 21.31 -24.02
N ARG H 142 -0.68 21.51 -25.11
CA ARG H 142 -1.23 22.06 -26.34
C ARG H 142 -0.53 21.73 -27.66
N THR H 143 -1.36 21.45 -28.66
CA THR H 143 -0.98 21.32 -30.03
C THR H 143 -0.92 22.67 -30.73
N PHE H 144 0.26 22.97 -31.28
CA PHE H 144 0.50 24.09 -32.19
C PHE H 144 0.69 23.63 -33.62
N THR H 145 -0.01 24.27 -34.53
CA THR H 145 0.16 23.99 -35.96
C THR H 145 0.49 25.32 -36.64
N VAL H 146 1.62 25.37 -37.32
CA VAL H 146 1.95 26.51 -38.14
C VAL H 146 2.32 26.11 -39.57
N ALA H 147 1.53 26.56 -40.55
CA ALA H 147 1.88 26.40 -41.99
C ALA H 147 2.18 27.77 -42.64
N ARG H 148 3.32 27.87 -43.32
CA ARG H 148 3.69 29.12 -44.03
C ARG H 148 4.03 28.80 -45.48
N PRO H 149 3.38 29.46 -46.44
CA PRO H 149 3.58 29.07 -47.85
C PRO H 149 4.90 29.57 -48.41
N SER H 150 5.56 28.71 -49.17
CA SER H 150 6.78 29.02 -49.90
C SER H 150 6.49 29.91 -51.11
N SER H 151 7.46 30.72 -51.53
CA SER H 151 7.18 31.54 -52.70
C SER H 151 7.51 30.80 -53.98
N SER H 152 8.39 29.82 -53.90
CA SER H 152 8.61 29.03 -55.09
C SER H 152 8.82 27.60 -54.72
N THR H 153 9.08 26.83 -55.73
CA THR H 153 9.26 25.41 -55.61
C THR H 153 10.69 25.06 -55.12
N ASP H 154 11.62 26.01 -55.28
CA ASP H 154 13.03 25.85 -54.95
C ASP H 154 13.28 25.56 -53.47
N THR H 155 14.17 24.61 -53.19
CA THR H 155 14.51 24.35 -51.80
C THR H 155 14.89 25.64 -51.02
N ALA H 156 15.62 26.55 -51.66
CA ALA H 156 15.99 27.78 -50.96
C ALA H 156 14.73 28.54 -50.57
N ALA H 157 13.69 28.42 -51.37
CA ALA H 157 12.43 29.08 -51.03
C ALA H 157 11.75 28.38 -49.83
N VAL H 158 11.71 27.06 -49.88
CA VAL H 158 11.17 26.18 -48.83
C VAL H 158 11.91 26.39 -47.50
N ALA H 159 13.22 26.49 -47.54
CA ALA H 159 14.01 26.79 -46.34
C ALA H 159 13.64 28.14 -45.73
N ALA H 160 13.45 29.16 -46.57
CA ALA H 160 12.97 30.46 -46.14
C ALA H 160 11.65 30.32 -45.43
N ALA H 161 10.74 29.52 -45.98
CA ALA H 161 9.45 29.37 -45.32
C ALA H 161 9.57 28.64 -43.98
N PHE H 162 10.47 27.64 -43.89
CA PHE H 162 10.66 26.94 -42.64
C PHE H 162 11.12 27.91 -41.58
N GLU H 163 12.05 28.80 -41.91
CA GLU H 163 12.57 29.77 -40.99
C GLU H 163 11.41 30.56 -40.40
N GLN H 164 10.52 31.02 -41.29
CA GLN H 164 9.33 31.73 -40.88
C GLN H 164 8.38 30.88 -39.95
N ALA H 165 8.06 29.66 -40.35
CA ALA H 165 7.28 28.76 -39.52
C ALA H 165 7.94 28.53 -38.16
N LEU H 166 9.26 28.31 -38.21
CA LEU H 166 10.02 28.01 -37.02
C LEU H 166 9.93 29.17 -36.12
N THR H 167 10.02 30.38 -36.68
CA THR H 167 10.05 31.56 -35.83
C THR H 167 8.68 31.77 -35.20
N GLN H 168 7.63 31.65 -35.99
CA GLN H 168 6.27 31.73 -35.47
C GLN H 168 5.93 30.69 -34.36
N VAL H 169 6.13 29.39 -34.63
CA VAL H 169 5.77 28.38 -33.62
C VAL H 169 6.55 28.58 -32.33
N THR H 170 7.80 29.06 -32.45
CA THR H 170 8.65 29.25 -31.28
C THR H 170 8.14 30.40 -30.45
N THR H 171 7.82 31.49 -31.13
CA THR H 171 7.18 32.64 -30.49
C THR H 171 5.93 32.18 -29.73
N GLU H 172 5.07 31.41 -30.40
CA GLU H 172 3.85 30.95 -29.76
C GLU H 172 4.16 30.13 -28.49
N LEU H 173 5.12 29.21 -28.59
CA LEU H 173 5.54 28.38 -27.46
C LEU H 173 6.06 29.12 -26.26
N VAL H 174 7.02 30.01 -26.49
CA VAL H 174 7.58 30.74 -25.39
C VAL H 174 6.47 31.47 -24.64
N GLY H 175 5.55 32.10 -25.36
CA GLY H 175 4.49 32.82 -24.70
C GLY H 175 3.57 31.97 -23.83
N TRP H 176 3.29 30.76 -24.30
CA TRP H 176 2.28 29.90 -23.71
C TRP H 176 2.97 29.28 -22.51
N THR H 177 4.27 29.00 -22.68
CA THR H 177 5.07 28.51 -21.58
C THR H 177 5.13 29.54 -20.47
N LEU H 178 5.54 30.77 -20.78
CA LEU H 178 5.61 31.79 -19.72
C LEU H 178 4.23 31.92 -19.05
N ILE H 179 3.18 32.14 -19.84
CA ILE H 179 1.87 32.48 -19.31
C ILE H 179 1.26 31.33 -18.51
N THR H 180 1.28 30.14 -19.11
CA THR H 180 0.70 28.97 -18.44
C THR H 180 1.45 28.66 -17.15
N GLY H 181 2.76 28.69 -17.22
CA GLY H 181 3.63 28.46 -16.08
C GLY H 181 3.32 29.36 -14.90
N GLN H 182 3.24 30.68 -15.19
CA GLN H 182 2.93 31.70 -14.17
C GLN H 182 1.51 31.61 -13.59
N GLN H 183 0.52 31.21 -14.38
CA GLN H 183 -0.83 30.91 -13.87
C GLN H 183 -0.86 29.71 -12.91
N ASP H 184 0.01 28.75 -13.13
CA ASP H 184 0.16 27.65 -12.22
C ASP H 184 0.96 28.12 -11.02
N SER H 185 2.02 28.88 -11.27
CA SER H 185 2.90 29.33 -10.19
C SER H 185 2.19 30.03 -9.04
N GLN H 186 0.94 30.43 -9.25
CA GLN H 186 0.26 31.29 -8.32
C GLN H 186 -0.87 30.61 -7.60
N THR H 187 -0.92 29.29 -7.66
CA THR H 187 -1.93 28.55 -6.92
C THR H 187 -1.27 27.47 -6.04
#